data_5U4X
#
_entry.id   5U4X
#
_cell.length_a   75.091
_cell.length_b   98.919
_cell.length_c   207.553
_cell.angle_alpha   90.000
_cell.angle_beta   90.000
_cell.angle_gamma   90.000
#
_symmetry.space_group_name_H-M   'P 21 21 2'
#
loop_
_entity.id
_entity.type
_entity.pdbx_description
1 polymer 'Histone-arginine methyltransferase CARM1'
2 non-polymer S-ADENOSYL-L-HOMOCYSTEINE
3 non-polymer N-methyl-N-[(2-{1-[2-(methylamino)ethyl]piperidin-4-yl}pyridin-4-yl)methyl]-3-phenoxybenzamide
4 non-polymer 'UNKNOWN ATOM OR ION'
5 water water
#
_entity_poly.entity_id   1
_entity_poly.type   'polypeptide(L)'
_entity_poly.pdbx_seq_one_letter_code
;RTEESSAVQYFQFYGYLSQQQNMMQDYVRTGTYQRAILQNHTDFKDKIVLDVGCGSGILSFFAAQAGARKIYAVEASTMA
QHAEVLVKSNNLTDRIVVIPGKVEEVSLPEQVDIIISEPMGYMLFNERMLESYLHAKKYLKPSGNMFPTIGDVHLAPFTD
EQLYMEQFTKANFWYQPSFHGVDLSALRGAAVDEYFRQPVVDTFDIRILMAKSVKYTVNFLEAKEGDLHRIEIPFKFHML
HSGLVHGLAFWFDVAFIGSIMTVWLSTAPTEPLTHWYQVRCLFQSPLFAKAGDTLSGTCLLIANKRQSYDISIVAQVDQT
GSKSSNLLDLKNPFFRYTGTT
;
_entity_poly.pdbx_strand_id   A,B,C,D
#
# COMPACT_ATOMS: atom_id res chain seq x y z
C SER A 6 6.76 35.40 -8.22
N ALA A 7 6.91 36.62 -8.74
CA ALA A 7 8.19 37.09 -9.33
C ALA A 7 9.08 37.84 -8.32
N VAL A 8 8.46 38.50 -7.33
CA VAL A 8 9.21 39.16 -6.27
C VAL A 8 9.90 38.10 -5.40
N GLN A 9 9.20 37.02 -5.06
CA GLN A 9 9.78 35.91 -4.31
C GLN A 9 10.88 35.21 -5.12
N TYR A 10 10.65 35.09 -6.43
CA TYR A 10 11.59 34.43 -7.34
C TYR A 10 12.94 35.10 -7.31
N PHE A 11 12.98 36.42 -7.51
CA PHE A 11 14.27 37.13 -7.50
C PHE A 11 14.88 37.25 -6.08
N GLN A 12 14.04 37.29 -5.06
CA GLN A 12 14.52 37.26 -3.67
C GLN A 12 15.32 36.00 -3.35
N PHE A 13 14.81 34.85 -3.78
CA PHE A 13 15.51 33.57 -3.64
C PHE A 13 16.92 33.60 -4.22
N TYR A 14 17.03 34.10 -5.45
CA TYR A 14 18.33 34.16 -6.13
C TYR A 14 19.21 35.29 -5.61
N GLY A 15 18.64 36.19 -4.81
CA GLY A 15 19.41 37.19 -4.09
C GLY A 15 20.20 36.66 -2.89
N TYR A 16 19.96 35.42 -2.46
CA TYR A 16 20.72 34.85 -1.36
C TYR A 16 22.01 34.25 -1.86
N LEU A 17 23.11 34.66 -1.22
CA LEU A 17 24.43 34.09 -1.50
C LEU A 17 24.45 32.58 -1.30
N SER A 18 23.77 32.10 -0.26
CA SER A 18 23.63 30.65 -0.06
C SER A 18 23.08 29.89 -1.28
N GLN A 19 22.12 30.49 -2.00
CA GLN A 19 21.54 29.83 -3.17
C GLN A 19 22.45 29.90 -4.39
N GLN A 20 23.16 31.01 -4.53
CA GLN A 20 24.17 31.12 -5.57
C GLN A 20 25.29 30.09 -5.29
N GLN A 21 25.72 29.99 -4.04
CA GLN A 21 26.70 28.96 -3.64
C GLN A 21 26.26 27.55 -3.99
N ASN A 22 24.97 27.23 -3.75
CA ASN A 22 24.45 25.91 -4.07
C ASN A 22 24.69 25.53 -5.52
N MET A 23 24.40 26.48 -6.42
CA MET A 23 24.64 26.27 -7.85
C MET A 23 26.14 26.23 -8.17
N MET A 24 26.89 27.15 -7.61
CA MET A 24 28.35 27.21 -7.87
C MET A 24 29.07 25.92 -7.44
N GLN A 25 28.70 25.41 -6.28
N GLN A 25 28.70 25.41 -6.27
CA GLN A 25 29.27 24.17 -5.74
CA GLN A 25 29.27 24.17 -5.72
C GLN A 25 28.89 22.89 -6.48
C GLN A 25 28.89 22.89 -6.48
N ASP A 26 27.95 22.97 -7.42
CA ASP A 26 27.69 21.87 -8.37
C ASP A 26 28.87 21.87 -9.37
N TYR A 27 29.87 21.03 -9.09
CA TYR A 27 31.10 21.01 -9.86
C TYR A 27 30.89 20.57 -11.30
N VAL A 28 30.01 19.59 -11.50
CA VAL A 28 29.70 19.15 -12.86
C VAL A 28 29.14 20.33 -13.65
N ARG A 29 28.17 21.02 -13.07
CA ARG A 29 27.57 22.16 -13.74
C ARG A 29 28.61 23.26 -14.03
N THR A 30 29.26 23.75 -12.98
CA THR A 30 30.13 24.91 -13.08
C THR A 30 31.37 24.58 -13.90
N GLY A 31 31.96 23.41 -13.63
CA GLY A 31 33.12 22.93 -14.39
C GLY A 31 32.88 22.71 -15.86
N THR A 32 31.70 22.17 -16.20
CA THR A 32 31.35 21.92 -17.59
C THR A 32 31.12 23.26 -18.32
N TYR A 33 30.42 24.20 -17.70
CA TYR A 33 30.31 25.56 -18.28
C TYR A 33 31.70 26.15 -18.58
N GLN A 34 32.63 26.01 -17.64
CA GLN A 34 33.96 26.55 -17.83
C GLN A 34 34.70 25.86 -18.98
N ARG A 35 34.64 24.52 -19.02
N ARG A 35 34.63 24.52 -19.01
CA ARG A 35 35.24 23.76 -20.14
CA ARG A 35 35.21 23.73 -20.10
C ARG A 35 34.65 24.18 -21.48
C ARG A 35 34.64 24.16 -21.46
N ALA A 36 33.32 24.28 -21.55
CA ALA A 36 32.63 24.67 -22.78
C ALA A 36 33.10 26.02 -23.34
N ILE A 37 33.29 26.96 -22.41
CA ILE A 37 33.66 28.32 -22.75
C ILE A 37 35.17 28.41 -23.08
N LEU A 38 36.03 27.89 -22.19
CA LEU A 38 37.47 27.94 -22.43
C LEU A 38 37.93 27.14 -23.63
N GLN A 39 37.36 25.96 -23.87
CA GLN A 39 37.74 25.14 -25.01
C GLN A 39 37.19 25.68 -26.32
N ASN A 40 36.16 26.53 -26.26
CA ASN A 40 35.71 27.30 -27.40
C ASN A 40 36.09 28.78 -27.32
N HIS A 41 37.33 29.05 -26.91
CA HIS A 41 37.73 30.44 -26.65
C HIS A 41 37.66 31.34 -27.89
N THR A 42 37.83 30.77 -29.08
CA THR A 42 37.68 31.53 -30.34
C THR A 42 36.27 32.12 -30.51
N ASP A 43 35.25 31.49 -29.92
CA ASP A 43 33.90 32.10 -29.86
C ASP A 43 33.76 33.27 -28.89
N PHE A 44 34.77 33.48 -28.04
CA PHE A 44 34.81 34.59 -27.07
C PHE A 44 35.88 35.64 -27.31
N LYS A 45 37.03 35.23 -27.83
CA LYS A 45 38.17 36.14 -28.07
C LYS A 45 37.79 37.43 -28.82
N ASP A 46 37.89 38.55 -28.13
CA ASP A 46 37.60 39.89 -28.65
C ASP A 46 36.14 40.08 -29.03
N LYS A 47 35.24 39.30 -28.42
CA LYS A 47 33.81 39.36 -28.74
C LYS A 47 33.03 40.10 -27.67
N ILE A 48 31.80 40.45 -28.04
CA ILE A 48 30.83 41.00 -27.14
C ILE A 48 29.91 39.87 -26.68
N VAL A 49 29.71 39.80 -25.37
CA VAL A 49 28.95 38.70 -24.74
C VAL A 49 27.84 39.24 -23.87
N LEU A 50 26.72 38.52 -23.84
CA LEU A 50 25.64 38.75 -22.89
C LEU A 50 25.47 37.53 -21.99
N ASP A 51 25.53 37.74 -20.67
CA ASP A 51 25.23 36.72 -19.67
C ASP A 51 23.86 37.02 -19.10
N VAL A 52 22.89 36.15 -19.42
CA VAL A 52 21.51 36.32 -18.97
C VAL A 52 21.33 35.74 -17.58
N GLY A 53 21.17 36.59 -16.57
CA GLY A 53 21.02 36.13 -15.20
C GLY A 53 22.37 35.73 -14.60
N CYS A 54 23.27 36.70 -14.48
CA CYS A 54 24.67 36.40 -14.13
C CYS A 54 24.88 35.86 -12.72
N GLY A 55 23.90 36.02 -11.82
CA GLY A 55 24.06 35.61 -10.42
C GLY A 55 25.32 36.23 -9.83
N SER A 56 26.23 35.37 -9.33
CA SER A 56 27.53 35.82 -8.79
C SER A 56 28.46 36.47 -9.80
N GLY A 57 28.18 36.26 -11.09
CA GLY A 57 29.05 36.68 -12.20
C GLY A 57 29.88 35.54 -12.79
N ILE A 58 29.84 34.37 -12.17
CA ILE A 58 30.74 33.24 -12.50
C ILE A 58 30.91 32.96 -14.02
N LEU A 59 29.82 32.86 -14.78
CA LEU A 59 29.92 32.58 -16.22
C LEU A 59 30.55 33.75 -16.96
N SER A 60 30.29 34.97 -16.49
CA SER A 60 30.90 36.15 -17.10
C SER A 60 32.41 36.15 -16.85
N PHE A 61 32.85 35.70 -15.67
CA PHE A 61 34.30 35.52 -15.43
C PHE A 61 34.92 34.51 -16.40
N PHE A 62 34.18 33.45 -16.71
CA PHE A 62 34.66 32.44 -17.67
C PHE A 62 34.82 33.05 -19.05
N ALA A 63 33.82 33.81 -19.48
CA ALA A 63 33.90 34.56 -20.74
C ALA A 63 35.10 35.52 -20.80
N ALA A 64 35.40 36.17 -19.67
CA ALA A 64 36.57 37.03 -19.57
C ALA A 64 37.88 36.23 -19.68
N GLN A 65 37.91 35.07 -19.01
CA GLN A 65 39.06 34.14 -19.12
C GLN A 65 39.35 33.71 -20.56
N ALA A 66 38.29 33.45 -21.32
CA ALA A 66 38.36 33.13 -22.75
C ALA A 66 38.68 34.32 -23.68
N GLY A 67 38.85 35.53 -23.14
CA GLY A 67 39.35 36.67 -23.88
C GLY A 67 38.29 37.61 -24.44
N ALA A 68 37.06 37.57 -23.91
CA ALA A 68 36.00 38.48 -24.40
C ALA A 68 36.36 39.94 -24.20
N ARG A 69 36.01 40.77 -25.19
CA ARG A 69 36.29 42.20 -25.15
C ARG A 69 35.42 42.89 -24.12
N LYS A 70 34.13 42.55 -24.13
CA LYS A 70 33.18 43.15 -23.21
C LYS A 70 32.04 42.18 -22.93
N ILE A 71 31.59 42.14 -21.67
CA ILE A 71 30.57 41.20 -21.20
C ILE A 71 29.50 41.96 -20.42
N TYR A 72 28.27 41.93 -20.93
CA TYR A 72 27.12 42.51 -20.26
C TYR A 72 26.53 41.42 -19.39
N ALA A 73 26.57 41.64 -18.08
CA ALA A 73 26.19 40.64 -17.10
C ALA A 73 24.91 41.12 -16.47
N VAL A 74 23.80 40.62 -16.99
CA VAL A 74 22.47 41.07 -16.60
C VAL A 74 21.89 40.25 -15.47
N GLU A 75 21.37 40.92 -14.45
CA GLU A 75 20.86 40.23 -13.26
C GLU A 75 19.80 41.07 -12.57
N ALA A 76 18.64 40.47 -12.34
CA ALA A 76 17.46 41.16 -11.84
C ALA A 76 17.35 41.15 -10.32
N SER A 77 18.03 40.22 -9.65
CA SER A 77 18.00 40.17 -8.19
C SER A 77 19.06 41.10 -7.63
N THR A 78 18.99 41.27 -6.31
CA THR A 78 20.01 42.02 -5.55
C THR A 78 21.40 41.38 -5.59
N MET A 79 21.48 40.13 -6.03
CA MET A 79 22.77 39.53 -6.38
C MET A 79 23.63 40.39 -7.35
N ALA A 80 22.99 41.24 -8.18
CA ALA A 80 23.74 42.14 -9.05
C ALA A 80 24.79 42.98 -8.30
N GLN A 81 24.44 43.41 -7.10
CA GLN A 81 25.32 44.22 -6.28
CA GLN A 81 25.30 44.20 -6.19
C GLN A 81 26.55 43.41 -5.81
N HIS A 82 26.36 42.12 -5.54
CA HIS A 82 27.46 41.26 -5.10
C HIS A 82 28.35 40.92 -6.31
N ALA A 83 27.74 40.72 -7.48
CA ALA A 83 28.51 40.50 -8.72
C ALA A 83 29.46 41.66 -8.98
N GLU A 84 28.97 42.88 -8.79
CA GLU A 84 29.81 44.06 -9.01
C GLU A 84 30.96 44.15 -8.01
N VAL A 85 30.72 43.74 -6.76
CA VAL A 85 31.80 43.65 -5.76
C VAL A 85 32.93 42.74 -6.26
N LEU A 86 32.54 41.60 -6.85
CA LEU A 86 33.50 40.64 -7.39
C LEU A 86 34.21 41.14 -8.63
N VAL A 87 33.47 41.81 -9.52
CA VAL A 87 34.08 42.37 -10.73
C VAL A 87 35.19 43.35 -10.33
N LYS A 88 34.91 44.20 -9.34
CA LYS A 88 35.91 45.16 -8.83
C LYS A 88 37.08 44.46 -8.11
N SER A 89 36.79 43.51 -7.24
CA SER A 89 37.84 42.84 -6.47
C SER A 89 38.70 41.97 -7.36
N ASN A 90 38.17 41.54 -8.51
CA ASN A 90 38.94 40.77 -9.50
C ASN A 90 39.53 41.66 -10.61
N ASN A 91 39.47 42.98 -10.44
CA ASN A 91 40.05 43.94 -11.39
C ASN A 91 39.64 43.71 -12.84
N LEU A 92 38.35 43.47 -13.01
CA LEU A 92 37.79 43.22 -14.33
C LEU A 92 36.71 44.24 -14.73
N THR A 93 36.79 45.44 -14.14
CA THR A 93 35.86 46.54 -14.48
C THR A 93 36.02 46.98 -15.93
N ASP A 94 37.19 46.75 -16.51
CA ASP A 94 37.42 47.05 -17.93
C ASP A 94 36.71 46.11 -18.93
N ARG A 95 36.19 44.97 -18.47
N ARG A 95 36.18 44.96 -18.51
CA ARG A 95 35.59 43.96 -19.37
CA ARG A 95 35.47 44.06 -19.44
C ARG A 95 34.22 43.40 -18.99
C ARG A 95 34.16 43.44 -19.00
N ILE A 96 33.85 43.40 -17.70
CA ILE A 96 32.56 42.92 -17.25
C ILE A 96 31.73 44.11 -16.77
N VAL A 97 30.54 44.22 -17.33
CA VAL A 97 29.63 45.33 -17.06
C VAL A 97 28.37 44.74 -16.49
N VAL A 98 28.21 44.84 -15.18
CA VAL A 98 26.99 44.40 -14.52
C VAL A 98 25.85 45.36 -14.87
N ILE A 99 24.72 44.81 -15.27
CA ILE A 99 23.54 45.58 -15.63
C ILE A 99 22.40 45.07 -14.77
N PRO A 100 22.07 45.83 -13.70
CA PRO A 100 20.97 45.40 -12.86
C PRO A 100 19.62 45.48 -13.58
N GLY A 101 18.78 44.48 -13.39
CA GLY A 101 17.43 44.44 -13.97
C GLY A 101 17.14 43.18 -14.80
N LYS A 102 15.89 43.12 -15.28
CA LYS A 102 15.43 42.03 -16.12
C LYS A 102 15.98 42.19 -17.51
N VAL A 103 16.42 41.08 -18.12
CA VAL A 103 16.93 41.15 -19.48
C VAL A 103 15.88 41.68 -20.48
N GLU A 104 14.61 41.52 -20.12
CA GLU A 104 13.49 42.05 -20.90
C GLU A 104 13.37 43.58 -20.88
N GLU A 105 13.88 44.22 -19.83
CA GLU A 105 13.62 45.63 -19.55
C GLU A 105 14.83 46.58 -19.56
N VAL A 106 16.04 46.04 -19.59
CA VAL A 106 17.27 46.85 -19.64
C VAL A 106 17.52 47.31 -21.06
N SER A 107 18.46 48.24 -21.25
CA SER A 107 18.87 48.70 -22.57
C SER A 107 20.37 48.55 -22.75
N LEU A 108 20.79 47.49 -23.44
CA LEU A 108 22.19 47.26 -23.74
C LEU A 108 22.63 48.17 -24.87
N PRO A 109 23.88 48.68 -24.82
CA PRO A 109 24.29 49.65 -25.83
C PRO A 109 24.70 49.07 -27.19
N GLU A 110 24.63 47.75 -27.34
CA GLU A 110 25.41 47.08 -28.35
C GLU A 110 24.78 45.70 -28.62
N GLN A 111 24.82 45.24 -29.87
CA GLN A 111 24.45 43.86 -30.16
C GLN A 111 25.63 42.97 -29.81
N VAL A 112 25.35 41.70 -29.57
CA VAL A 112 26.34 40.77 -29.04
C VAL A 112 26.62 39.62 -30.00
N ASP A 113 27.82 39.05 -29.89
CA ASP A 113 28.25 37.90 -30.67
C ASP A 113 27.75 36.59 -30.06
N ILE A 114 27.57 36.55 -28.75
CA ILE A 114 27.21 35.30 -28.09
C ILE A 114 26.49 35.58 -26.79
N ILE A 115 25.47 34.78 -26.52
CA ILE A 115 24.72 34.83 -25.28
C ILE A 115 25.04 33.56 -24.50
N ILE A 116 25.38 33.73 -23.22
CA ILE A 116 25.60 32.62 -22.32
C ILE A 116 24.58 32.69 -21.21
N SER A 117 24.13 31.55 -20.72
CA SER A 117 23.23 31.53 -19.58
C SER A 117 23.17 30.16 -18.97
N GLU A 118 22.76 30.12 -17.70
CA GLU A 118 22.32 28.86 -17.09
C GLU A 118 20.90 29.09 -16.63
N PRO A 119 19.94 28.83 -17.51
CA PRO A 119 18.53 29.04 -17.20
C PRO A 119 17.72 27.77 -17.03
N MET A 120 18.38 26.62 -16.86
CA MET A 120 17.65 25.34 -16.84
C MET A 120 17.06 25.07 -15.48
N GLY A 121 15.76 24.75 -15.46
CA GLY A 121 15.10 24.33 -14.24
C GLY A 121 14.97 22.83 -14.22
N TYR A 122 14.33 22.32 -13.17
CA TYR A 122 13.92 20.90 -13.12
C TYR A 122 13.14 20.56 -14.38
N MET A 123 13.35 19.35 -14.91
CA MET A 123 12.73 18.95 -16.19
C MET A 123 13.05 19.96 -17.32
N LEU A 124 14.21 20.61 -17.23
CA LEU A 124 14.64 21.65 -18.14
C LEU A 124 13.84 22.96 -18.04
N PHE A 125 12.51 22.87 -18.15
CA PHE A 125 11.64 24.04 -18.36
C PHE A 125 11.15 24.76 -17.11
N ASN A 126 11.24 24.14 -15.94
CA ASN A 126 10.70 24.80 -14.75
C ASN A 126 11.35 26.15 -14.50
N GLU A 127 10.54 27.09 -14.01
CA GLU A 127 10.92 28.49 -13.71
C GLU A 127 10.74 29.41 -14.90
N ARG A 128 10.62 28.84 -16.11
CA ARG A 128 10.39 29.59 -17.34
C ARG A 128 11.52 30.56 -17.71
N MET A 129 12.72 30.35 -17.18
CA MET A 129 13.82 31.24 -17.51
C MET A 129 14.32 31.07 -18.95
N LEU A 130 14.06 29.92 -19.57
CA LEU A 130 14.43 29.76 -21.00
C LEU A 130 13.76 30.79 -21.90
N GLU A 131 12.56 31.23 -21.52
CA GLU A 131 11.90 32.33 -22.24
C GLU A 131 12.69 33.64 -22.18
N SER A 132 13.30 33.93 -21.02
CA SER A 132 14.16 35.10 -20.88
C SER A 132 15.42 34.95 -21.71
N TYR A 133 16.00 33.75 -21.69
CA TYR A 133 17.14 33.40 -22.54
C TYR A 133 16.82 33.59 -24.03
N LEU A 134 15.66 33.08 -24.47
CA LEU A 134 15.23 33.22 -25.86
C LEU A 134 14.87 34.69 -26.22
N HIS A 135 14.21 35.38 -25.30
CA HIS A 135 13.93 36.81 -25.44
C HIS A 135 15.18 37.63 -25.75
N ALA A 136 16.29 37.28 -25.09
CA ALA A 136 17.55 37.98 -25.21
C ALA A 136 18.16 37.93 -26.60
N LYS A 137 17.68 37.03 -27.47
CA LYS A 137 18.09 37.02 -28.87
C LYS A 137 17.82 38.30 -29.65
N LYS A 138 16.94 39.17 -29.16
CA LYS A 138 16.84 40.53 -29.74
C LYS A 138 18.18 41.29 -29.78
N TYR A 139 19.09 40.96 -28.85
CA TYR A 139 20.45 41.48 -28.82
C TYR A 139 21.50 40.71 -29.62
N LEU A 140 21.14 39.56 -30.20
CA LEU A 140 22.12 38.71 -30.85
C LEU A 140 22.33 39.12 -32.29
N LYS A 141 23.58 39.34 -32.65
CA LYS A 141 23.95 39.58 -34.06
C LYS A 141 23.52 38.38 -34.92
N PRO A 142 23.27 38.61 -36.23
N PRO A 142 23.15 38.62 -36.20
CA PRO A 142 22.84 37.54 -37.16
CA PRO A 142 23.04 37.51 -37.15
C PRO A 142 23.77 36.32 -37.15
C PRO A 142 24.33 36.69 -37.19
N SER A 143 25.06 36.55 -37.04
N SER A 143 24.21 35.36 -37.24
CA SER A 143 26.04 35.46 -37.05
CA SER A 143 25.38 34.48 -37.08
C SER A 143 26.18 34.74 -35.70
C SER A 143 26.09 34.61 -35.72
N GLY A 144 25.39 35.13 -34.69
CA GLY A 144 25.76 34.92 -33.30
C GLY A 144 25.47 33.51 -32.81
N ASN A 145 26.00 33.18 -31.62
CA ASN A 145 25.84 31.86 -31.06
C ASN A 145 25.18 31.97 -29.67
N MET A 146 24.69 30.85 -29.16
N MET A 146 24.65 30.85 -29.18
CA MET A 146 24.12 30.77 -27.84
CA MET A 146 24.01 30.70 -27.88
C MET A 146 24.69 29.56 -27.11
C MET A 146 24.69 29.54 -27.11
N PHE A 147 25.09 29.78 -25.86
CA PHE A 147 25.74 28.76 -25.00
C PHE A 147 24.95 28.66 -23.70
N PRO A 148 24.11 27.63 -23.51
CA PRO A 148 23.95 26.47 -24.39
C PRO A 148 23.18 26.70 -25.68
N THR A 149 23.44 25.83 -26.66
CA THR A 149 22.88 25.94 -28.00
C THR A 149 21.57 25.16 -28.18
N ILE A 150 21.52 23.94 -27.65
CA ILE A 150 20.32 23.12 -27.68
C ILE A 150 20.08 22.50 -26.33
N GLY A 151 18.85 22.08 -26.11
CA GLY A 151 18.46 21.36 -24.89
C GLY A 151 17.66 20.14 -25.28
N ASP A 152 18.02 18.98 -24.72
CA ASP A 152 17.31 17.72 -24.93
C ASP A 152 16.64 17.29 -23.62
N VAL A 153 15.33 17.07 -23.66
CA VAL A 153 14.62 16.44 -22.56
C VAL A 153 14.43 14.97 -22.90
N HIS A 154 14.74 14.10 -21.94
CA HIS A 154 14.57 12.65 -22.07
C HIS A 154 13.47 12.17 -21.12
N LEU A 155 12.64 11.26 -21.61
CA LEU A 155 11.55 10.62 -20.86
C LEU A 155 11.74 9.11 -21.01
N ALA A 156 11.57 8.36 -19.93
CA ALA A 156 11.55 6.89 -20.02
C ALA A 156 10.63 6.32 -18.95
N PRO A 157 9.93 5.19 -19.23
CA PRO A 157 9.12 4.54 -18.21
C PRO A 157 9.97 3.86 -17.15
N PHE A 158 9.51 3.89 -15.89
CA PHE A 158 10.23 3.26 -14.80
C PHE A 158 9.31 2.37 -13.97
N THR A 159 9.95 1.48 -13.22
CA THR A 159 9.31 0.64 -12.22
C THR A 159 9.99 0.92 -10.88
N ASP A 160 9.22 1.40 -9.91
CA ASP A 160 9.72 1.58 -8.56
C ASP A 160 8.59 1.43 -7.53
N GLU A 161 8.39 0.20 -7.07
CA GLU A 161 7.30 -0.10 -6.17
C GLU A 161 7.47 0.58 -4.81
N GLN A 162 8.70 0.65 -4.30
CA GLN A 162 8.99 1.35 -3.05
C GLN A 162 8.54 2.83 -3.12
N LEU A 163 8.89 3.53 -4.20
CA LEU A 163 8.49 4.94 -4.38
C LEU A 163 6.96 5.05 -4.44
N TYR A 164 6.35 4.23 -5.27
CA TYR A 164 4.91 4.23 -5.42
C TYR A 164 4.23 4.02 -4.08
N MET A 165 4.68 3.02 -3.32
CA MET A 165 4.05 2.73 -2.03
C MET A 165 4.29 3.84 -0.99
N GLU A 166 5.45 4.47 -1.01
CA GLU A 166 5.71 5.62 -0.14
C GLU A 166 4.65 6.70 -0.34
N GLN A 167 4.42 7.08 -1.60
CA GLN A 167 3.44 8.14 -1.92
C GLN A 167 2.03 7.69 -1.69
N PHE A 168 1.74 6.43 -2.01
CA PHE A 168 0.42 5.88 -1.80
C PHE A 168 0.06 5.85 -0.32
N THR A 169 1.02 5.45 0.51
CA THR A 169 0.80 5.37 1.95
C THR A 169 0.53 6.74 2.58
N LYS A 170 1.24 7.76 2.12
CA LYS A 170 0.96 9.13 2.56
C LYS A 170 -0.46 9.51 2.23
N ALA A 171 -0.84 9.37 0.97
CA ALA A 171 -2.21 9.64 0.52
C ALA A 171 -3.28 8.88 1.32
N ASN A 172 -2.98 7.64 1.73
CA ASN A 172 -3.95 6.78 2.41
C ASN A 172 -4.12 7.11 3.89
N PHE A 173 -3.36 8.07 4.40
CA PHE A 173 -3.76 8.75 5.64
C PHE A 173 -5.22 9.22 5.54
N TRP A 174 -5.63 9.66 4.37
CA TRP A 174 -7.00 10.11 4.12
C TRP A 174 -8.01 8.98 3.77
N TYR A 175 -7.60 7.73 3.93
CA TYR A 175 -8.46 6.52 3.90
C TYR A 175 -9.04 6.20 5.29
N GLN A 176 -8.36 6.69 6.34
CA GLN A 176 -8.72 6.44 7.73
CA GLN A 176 -8.69 6.51 7.77
C GLN A 176 -10.20 6.71 8.05
N PRO A 177 -10.92 5.68 8.60
CA PRO A 177 -12.33 5.92 8.95
C PRO A 177 -12.56 6.49 10.34
N SER A 178 -11.52 6.56 11.17
CA SER A 178 -11.68 7.01 12.55
C SER A 178 -10.40 7.66 13.12
N PHE A 179 -9.88 8.65 12.40
CA PHE A 179 -8.75 9.46 12.87
C PHE A 179 -9.22 10.30 14.04
N HIS A 180 -8.77 9.97 15.26
CA HIS A 180 -9.31 10.58 16.50
C HIS A 180 -10.85 10.60 16.53
N GLY A 181 -11.46 9.54 16.01
CA GLY A 181 -12.91 9.44 15.90
C GLY A 181 -13.55 10.02 14.65
N VAL A 182 -12.75 10.54 13.72
CA VAL A 182 -13.27 11.24 12.54
C VAL A 182 -13.03 10.45 11.27
N ASP A 183 -14.06 10.35 10.45
CA ASP A 183 -13.95 9.64 9.19
C ASP A 183 -13.40 10.57 8.12
N LEU A 184 -12.15 10.31 7.71
CA LEU A 184 -11.48 11.07 6.66
C LEU A 184 -11.68 10.50 5.27
N SER A 185 -12.27 9.29 5.17
CA SER A 185 -12.25 8.48 3.95
C SER A 185 -12.89 9.14 2.73
N ALA A 186 -13.84 10.06 2.92
CA ALA A 186 -14.39 10.78 1.76
C ALA A 186 -13.35 11.63 0.99
N LEU A 187 -12.21 11.94 1.61
CA LEU A 187 -11.14 12.66 0.94
C LEU A 187 -10.04 11.78 0.30
N ARG A 188 -10.16 10.45 0.41
CA ARG A 188 -9.13 9.52 -0.10
C ARG A 188 -8.69 9.88 -1.53
N GLY A 189 -9.69 10.04 -2.41
CA GLY A 189 -9.46 10.38 -3.81
C GLY A 189 -8.81 11.74 -4.01
N ALA A 190 -9.28 12.74 -3.26
CA ALA A 190 -8.68 14.09 -3.31
C ALA A 190 -7.20 14.04 -2.89
N ALA A 191 -6.88 13.26 -1.88
CA ALA A 191 -5.50 13.10 -1.40
C ALA A 191 -4.60 12.40 -2.41
N VAL A 192 -5.08 11.30 -3.00
CA VAL A 192 -4.32 10.62 -4.07
C VAL A 192 -4.06 11.60 -5.23
N ASP A 193 -5.09 12.33 -5.67
CA ASP A 193 -4.91 13.34 -6.72
C ASP A 193 -3.80 14.34 -6.37
N GLU A 194 -3.85 14.90 -5.15
CA GLU A 194 -2.85 15.89 -4.73
C GLU A 194 -1.45 15.29 -4.65
N TYR A 195 -1.32 14.19 -3.93
CA TYR A 195 0.01 13.58 -3.78
C TYR A 195 0.63 13.18 -5.12
N PHE A 196 -0.15 12.56 -6.01
CA PHE A 196 0.38 12.11 -7.29
C PHE A 196 0.54 13.25 -8.32
N ARG A 197 0.06 14.46 -7.99
CA ARG A 197 0.39 15.65 -8.77
C ARG A 197 1.82 16.18 -8.54
N GLN A 198 2.51 15.71 -7.50
CA GLN A 198 3.85 16.14 -7.17
C GLN A 198 4.93 15.35 -7.93
N PRO A 199 5.70 16.02 -8.79
CA PRO A 199 6.87 15.35 -9.35
C PRO A 199 7.90 15.03 -8.25
N VAL A 200 8.55 13.88 -8.37
CA VAL A 200 9.47 13.42 -7.36
C VAL A 200 10.88 13.72 -7.84
N VAL A 201 11.59 14.54 -7.07
CA VAL A 201 12.95 14.98 -7.44
C VAL A 201 13.94 14.22 -6.57
N ASP A 202 14.65 13.28 -7.19
CA ASP A 202 15.75 12.57 -6.55
C ASP A 202 16.51 11.83 -7.64
N THR A 203 17.47 10.99 -7.26
CA THR A 203 18.17 10.16 -8.22
C THR A 203 17.79 8.71 -8.00
N PHE A 204 18.10 7.85 -8.96
CA PHE A 204 17.75 6.44 -8.90
C PHE A 204 18.75 5.64 -9.74
N ASP A 205 18.74 4.33 -9.53
CA ASP A 205 19.56 3.40 -10.30
C ASP A 205 18.90 3.24 -11.67
N ILE A 206 19.69 3.37 -12.72
CA ILE A 206 19.24 3.13 -14.11
C ILE A 206 18.52 1.80 -14.40
N ARG A 207 18.78 0.79 -13.56
CA ARG A 207 18.09 -0.50 -13.61
C ARG A 207 16.58 -0.43 -13.51
N ILE A 208 16.04 0.67 -12.96
CA ILE A 208 14.59 0.85 -12.87
C ILE A 208 13.92 1.20 -14.21
N LEU A 209 14.70 1.58 -15.23
CA LEU A 209 14.14 2.04 -16.50
C LEU A 209 13.75 0.85 -17.37
N MET A 210 12.55 0.91 -17.94
CA MET A 210 11.93 -0.22 -18.64
CA MET A 210 11.94 -0.23 -18.64
C MET A 210 12.01 -0.12 -20.16
N ALA A 211 12.50 1.01 -20.67
CA ALA A 211 12.70 1.17 -22.11
C ALA A 211 13.66 2.32 -22.37
N LYS A 212 14.15 2.36 -23.60
CA LYS A 212 15.00 3.42 -24.14
C LYS A 212 14.25 4.74 -24.08
N SER A 213 14.97 5.81 -23.75
CA SER A 213 14.36 7.12 -23.60
C SER A 213 13.89 7.69 -24.94
N VAL A 214 12.84 8.49 -24.89
CA VAL A 214 12.37 9.30 -26.00
C VAL A 214 12.98 10.68 -25.73
N LYS A 215 13.35 11.40 -26.79
CA LYS A 215 14.06 12.67 -26.69
C LYS A 215 13.24 13.77 -27.34
N TYR A 216 13.05 14.89 -26.63
CA TYR A 216 12.51 16.13 -27.21
C TYR A 216 13.60 17.19 -27.18
N THR A 217 13.84 17.84 -28.32
CA THR A 217 14.94 18.81 -28.50
C THR A 217 14.40 20.20 -28.74
N VAL A 218 14.94 21.18 -28.00
CA VAL A 218 14.71 22.58 -28.30
C VAL A 218 16.04 23.16 -28.77
N ASN A 219 16.01 23.81 -29.93
CA ASN A 219 17.18 24.46 -30.50
C ASN A 219 17.06 25.95 -30.16
N PHE A 220 17.92 26.42 -29.27
CA PHE A 220 17.82 27.78 -28.74
C PHE A 220 18.22 28.84 -29.76
N LEU A 221 19.03 28.48 -30.76
CA LEU A 221 19.30 29.36 -31.88
C LEU A 221 18.04 29.68 -32.70
N GLU A 222 17.09 28.74 -32.79
CA GLU A 222 15.91 28.90 -33.64
C GLU A 222 14.62 29.16 -32.86
N ALA A 223 14.53 28.67 -31.61
CA ALA A 223 13.27 28.74 -30.89
C ALA A 223 12.88 30.18 -30.54
N LYS A 224 11.59 30.45 -30.65
CA LYS A 224 11.00 31.70 -30.22
C LYS A 224 10.44 31.51 -28.81
N GLU A 225 10.47 32.58 -28.04
CA GLU A 225 9.97 32.62 -26.67
C GLU A 225 8.59 31.96 -26.50
N GLY A 226 7.67 32.29 -27.41
CA GLY A 226 6.32 31.73 -27.40
C GLY A 226 6.21 30.22 -27.62
N ASP A 227 7.23 29.62 -28.24
CA ASP A 227 7.26 28.16 -28.47
C ASP A 227 7.23 27.34 -27.17
N LEU A 228 7.73 27.92 -26.09
CA LEU A 228 7.76 27.22 -24.81
C LEU A 228 6.48 27.33 -24.00
N HIS A 229 5.46 27.99 -24.51
CA HIS A 229 4.19 28.12 -23.79
C HIS A 229 3.37 26.80 -23.81
N ARG A 230 3.51 26.06 -24.93
CA ARG A 230 2.91 24.74 -25.11
CA ARG A 230 2.91 24.74 -25.11
C ARG A 230 3.97 23.79 -25.67
N ILE A 231 4.30 22.75 -24.91
CA ILE A 231 5.35 21.81 -25.29
C ILE A 231 4.67 20.45 -25.38
N GLU A 232 4.58 19.90 -26.59
CA GLU A 232 3.91 18.61 -26.81
C GLU A 232 4.98 17.59 -27.12
N ILE A 233 5.09 16.57 -26.28
CA ILE A 233 6.07 15.50 -26.45
C ILE A 233 5.32 14.15 -26.60
N PRO A 234 5.11 13.70 -27.86
CA PRO A 234 4.57 12.36 -28.06
C PRO A 234 5.62 11.30 -27.72
N PHE A 235 5.18 10.11 -27.34
CA PHE A 235 6.10 9.01 -27.10
C PHE A 235 5.49 7.67 -27.48
N LYS A 236 6.38 6.73 -27.79
CA LYS A 236 6.06 5.36 -28.13
C LYS A 236 7.27 4.55 -27.65
N PHE A 237 7.15 3.94 -26.47
CA PHE A 237 8.24 3.18 -25.89
C PHE A 237 8.09 1.72 -26.27
N HIS A 238 9.20 1.08 -26.59
N HIS A 238 9.19 1.08 -26.66
CA HIS A 238 9.24 -0.36 -26.85
CA HIS A 238 9.24 -0.36 -26.87
C HIS A 238 9.75 -0.99 -25.57
C HIS A 238 9.74 -0.96 -25.56
N MET A 239 8.83 -1.63 -24.84
CA MET A 239 9.11 -2.12 -23.50
C MET A 239 10.14 -3.25 -23.58
N LEU A 240 11.22 -3.10 -22.82
CA LEU A 240 12.33 -4.07 -22.81
C LEU A 240 12.25 -5.06 -21.64
N HIS A 241 11.39 -4.77 -20.67
CA HIS A 241 11.16 -5.66 -19.52
C HIS A 241 9.68 -5.72 -19.20
N SER A 242 9.27 -6.86 -18.66
CA SER A 242 7.92 -7.03 -18.17
C SER A 242 7.84 -6.46 -16.76
N GLY A 243 6.75 -5.78 -16.43
CA GLY A 243 6.55 -5.31 -15.07
C GLY A 243 5.56 -4.17 -15.02
N LEU A 244 5.38 -3.63 -13.83
CA LEU A 244 4.50 -2.51 -13.59
C LEU A 244 5.24 -1.23 -13.94
N VAL A 245 4.62 -0.41 -14.76
CA VAL A 245 5.12 0.90 -15.09
C VAL A 245 4.51 1.87 -14.07
N HIS A 246 5.36 2.35 -13.16
CA HIS A 246 4.91 3.26 -12.11
C HIS A 246 4.91 4.72 -12.55
N GLY A 247 5.57 5.04 -13.65
CA GLY A 247 5.50 6.38 -14.21
C GLY A 247 6.58 6.66 -15.24
N LEU A 248 6.77 7.95 -15.53
CA LEU A 248 7.83 8.39 -16.44
C LEU A 248 8.89 9.17 -15.68
N ALA A 249 10.15 8.85 -15.99
CA ALA A 249 11.31 9.53 -15.46
C ALA A 249 11.83 10.54 -16.49
N PHE A 250 12.27 11.70 -16.01
CA PHE A 250 12.76 12.76 -16.86
C PHE A 250 14.15 13.22 -16.46
N TRP A 251 14.96 13.55 -17.45
CA TRP A 251 16.23 14.25 -17.25
C TRP A 251 16.48 15.11 -18.47
N PHE A 252 17.56 15.87 -18.48
CA PHE A 252 17.86 16.71 -19.63
C PHE A 252 19.35 16.90 -19.79
N ASP A 253 19.75 17.13 -21.03
CA ASP A 253 21.11 17.46 -21.41
C ASP A 253 21.08 18.79 -22.14
N VAL A 254 22.16 19.55 -22.03
CA VAL A 254 22.35 20.70 -22.92
C VAL A 254 23.72 20.58 -23.60
N ALA A 255 23.80 21.06 -24.84
CA ALA A 255 25.02 21.08 -25.65
C ALA A 255 25.45 22.51 -25.95
N PHE A 256 26.73 22.76 -25.74
CA PHE A 256 27.39 24.01 -26.13
C PHE A 256 28.08 23.70 -27.44
N ILE A 257 27.47 24.12 -28.54
CA ILE A 257 27.97 23.79 -29.89
C ILE A 257 28.89 24.94 -30.33
N GLY A 258 30.15 24.81 -29.96
CA GLY A 258 31.13 25.82 -30.28
C GLY A 258 31.72 25.65 -31.67
N SER A 259 32.47 26.65 -32.09
CA SER A 259 33.19 26.63 -33.37
C SER A 259 34.31 25.61 -33.38
N ILE A 260 34.87 25.33 -32.21
CA ILE A 260 35.95 24.35 -32.08
C ILE A 260 35.42 22.97 -31.72
N MET A 261 34.41 22.91 -30.84
CA MET A 261 34.07 21.65 -30.15
C MET A 261 32.70 21.73 -29.49
N THR A 262 31.98 20.62 -29.47
CA THR A 262 30.72 20.53 -28.75
C THR A 262 30.97 19.89 -27.39
N VAL A 263 30.50 20.57 -26.34
CA VAL A 263 30.60 20.09 -24.97
C VAL A 263 29.19 19.87 -24.46
N TRP A 264 28.95 18.72 -23.80
CA TRP A 264 27.64 18.40 -23.23
C TRP A 264 27.62 18.55 -21.70
N LEU A 265 26.53 19.08 -21.17
CA LEU A 265 26.25 19.01 -19.75
C LEU A 265 25.04 18.10 -19.64
N SER A 266 25.19 16.96 -18.98
CA SER A 266 24.13 15.96 -18.86
C SER A 266 23.67 15.81 -17.41
N THR A 267 22.35 15.71 -17.21
CA THR A 267 21.79 15.42 -15.89
C THR A 267 21.19 14.00 -15.87
N ALA A 268 21.66 13.13 -16.77
CA ALA A 268 21.13 11.78 -16.90
C ALA A 268 21.50 10.93 -15.70
N PRO A 269 20.70 9.90 -15.42
CA PRO A 269 21.01 9.07 -14.24
C PRO A 269 22.24 8.15 -14.44
N THR A 270 22.71 8.01 -15.67
CA THR A 270 23.99 7.35 -15.99
C THR A 270 25.22 8.25 -15.80
N GLU A 271 25.00 9.52 -15.47
CA GLU A 271 26.08 10.50 -15.36
C GLU A 271 26.22 10.94 -13.93
N PRO A 272 27.37 11.56 -13.57
CA PRO A 272 27.55 11.99 -12.19
C PRO A 272 26.42 12.93 -11.77
N LEU A 273 26.04 12.85 -10.50
CA LEU A 273 24.93 13.62 -9.95
C LEU A 273 25.18 15.14 -10.05
N THR A 274 24.14 15.88 -10.42
CA THR A 274 24.14 17.34 -10.40
C THR A 274 23.01 17.81 -9.45
N HIS A 275 23.00 19.10 -9.14
CA HIS A 275 21.99 19.63 -8.22
C HIS A 275 20.55 19.52 -8.78
N TRP A 276 20.40 19.22 -10.07
CA TRP A 276 19.08 18.97 -10.65
C TRP A 276 18.53 17.58 -10.36
N TYR A 277 19.40 16.65 -9.94
CA TYR A 277 18.99 15.26 -9.74
C TYR A 277 18.29 14.76 -11.03
N GLN A 278 17.22 13.97 -10.90
CA GLN A 278 16.29 13.67 -12.00
C GLN A 278 14.85 13.89 -11.45
N VAL A 279 13.84 13.81 -12.32
CA VAL A 279 12.45 14.05 -11.92
C VAL A 279 11.55 12.92 -12.39
N ARG A 280 10.67 12.44 -11.51
CA ARG A 280 9.77 11.37 -11.86
C ARG A 280 8.31 11.77 -11.65
N CYS A 281 7.47 11.49 -12.66
CA CYS A 281 6.03 11.73 -12.58
C CYS A 281 5.38 10.36 -12.42
N LEU A 282 4.82 10.12 -11.24
CA LEU A 282 4.13 8.87 -10.91
C LEU A 282 2.73 8.82 -11.48
N PHE A 283 2.33 7.60 -11.89
CA PHE A 283 0.94 7.34 -12.24
C PHE A 283 0.22 6.99 -10.95
N GLN A 284 -0.99 7.51 -10.79
CA GLN A 284 -1.87 7.10 -9.66
C GLN A 284 -2.04 5.59 -9.56
N SER A 285 -2.13 4.92 -10.70
CA SER A 285 -2.19 3.45 -10.72
C SER A 285 -1.25 2.96 -11.81
N PRO A 286 -0.33 2.03 -11.47
CA PRO A 286 0.64 1.59 -12.47
C PRO A 286 0.04 0.76 -13.60
N LEU A 287 0.72 0.77 -14.73
CA LEU A 287 0.27 0.02 -15.91
C LEU A 287 1.08 -1.24 -16.01
N PHE A 288 0.40 -2.37 -16.22
CA PHE A 288 1.12 -3.61 -16.39
C PHE A 288 1.55 -3.74 -17.84
N ALA A 289 2.84 -4.01 -18.04
CA ALA A 289 3.38 -4.20 -19.39
C ALA A 289 4.21 -5.45 -19.48
N LYS A 290 4.17 -6.08 -20.65
CA LYS A 290 5.06 -7.17 -21.02
C LYS A 290 6.17 -6.64 -21.93
N ALA A 291 7.34 -7.29 -21.85
CA ALA A 291 8.43 -7.04 -22.79
C ALA A 291 7.90 -7.20 -24.20
N GLY A 292 8.21 -6.26 -25.08
CA GLY A 292 7.71 -6.28 -26.44
C GLY A 292 6.48 -5.43 -26.63
N ASP A 293 5.75 -5.12 -25.56
CA ASP A 293 4.60 -4.20 -25.65
C ASP A 293 5.06 -2.80 -26.04
N THR A 294 4.11 -1.97 -26.41
CA THR A 294 4.37 -0.57 -26.70
C THR A 294 3.57 0.26 -25.72
N LEU A 295 4.23 1.24 -25.10
CA LEU A 295 3.59 2.19 -24.20
C LEU A 295 3.63 3.53 -24.94
N SER A 296 2.46 4.01 -25.34
CA SER A 296 2.38 5.19 -26.19
C SER A 296 1.52 6.25 -25.54
N GLY A 297 1.75 7.49 -25.91
CA GLY A 297 0.92 8.58 -25.39
C GLY A 297 1.59 9.91 -25.62
N THR A 298 1.26 10.86 -24.74
CA THR A 298 1.73 12.24 -24.87
C THR A 298 1.99 12.87 -23.52
N CYS A 299 3.13 13.56 -23.42
N CYS A 299 3.12 13.58 -23.42
CA CYS A 299 3.40 14.50 -22.34
CA CYS A 299 3.39 14.47 -22.32
C CYS A 299 3.16 15.89 -22.91
C CYS A 299 3.21 15.91 -22.86
N LEU A 300 2.30 16.65 -22.23
CA LEU A 300 1.96 18.01 -22.66
C LEU A 300 2.26 18.96 -21.52
N LEU A 301 3.15 19.91 -21.77
CA LEU A 301 3.47 20.93 -20.77
C LEU A 301 2.87 22.26 -21.18
N ILE A 302 2.01 22.79 -20.32
CA ILE A 302 1.35 24.06 -20.56
C ILE A 302 1.85 25.10 -19.57
N ALA A 303 2.50 26.15 -20.08
CA ALA A 303 3.03 27.20 -19.20
C ALA A 303 1.89 27.91 -18.50
N ASN A 304 2.12 28.31 -17.26
CA ASN A 304 1.09 28.95 -16.45
C ASN A 304 1.68 30.23 -15.87
N LYS A 305 0.85 30.96 -15.13
CA LYS A 305 1.20 32.28 -14.59
C LYS A 305 1.96 32.25 -13.25
N ARG A 306 2.47 31.07 -12.85
CA ARG A 306 3.29 30.93 -11.65
C ARG A 306 4.71 30.53 -12.01
N GLN A 307 5.17 30.97 -13.20
CA GLN A 307 6.50 30.66 -13.72
C GLN A 307 6.81 29.17 -13.80
N SER A 308 5.79 28.37 -14.08
CA SER A 308 5.98 26.94 -14.15
C SER A 308 5.06 26.34 -15.21
N TYR A 309 4.79 25.04 -15.07
CA TYR A 309 4.00 24.31 -16.06
C TYR A 309 3.05 23.36 -15.39
N ASP A 310 1.86 23.25 -16.00
N ASP A 310 1.86 23.21 -15.98
CA ASP A 310 0.91 22.17 -15.76
CA ASP A 310 0.95 22.13 -15.63
C ASP A 310 1.33 21.03 -16.68
C ASP A 310 1.20 21.02 -16.65
N ILE A 311 1.52 19.83 -16.15
CA ILE A 311 1.96 18.70 -16.96
C ILE A 311 0.80 17.75 -17.07
N SER A 312 0.52 17.33 -18.30
CA SER A 312 -0.47 16.30 -18.60
C SER A 312 0.33 15.12 -19.15
N ILE A 313 0.15 13.92 -18.60
CA ILE A 313 0.76 12.71 -19.14
C ILE A 313 -0.36 11.70 -19.35
N VAL A 314 -0.64 11.35 -20.61
CA VAL A 314 -1.59 10.29 -20.93
C VAL A 314 -0.78 9.16 -21.57
N ALA A 315 -0.87 7.97 -20.99
CA ALA A 315 -0.10 6.81 -21.46
C ALA A 315 -1.00 5.59 -21.57
N GLN A 316 -0.78 4.75 -22.56
CA GLN A 316 -1.53 3.48 -22.65
C GLN A 316 -0.67 2.35 -23.18
N VAL A 317 -0.92 1.15 -22.65
CA VAL A 317 -0.28 -0.07 -23.13
C VAL A 317 -1.17 -0.52 -24.29
N ASP A 318 -0.63 -0.41 -25.51
CA ASP A 318 -1.44 -0.61 -26.71
C ASP A 318 -2.04 -2.03 -26.76
N GLN A 319 -1.30 -3.00 -26.26
CA GLN A 319 -1.68 -4.42 -26.33
C GLN A 319 -2.87 -4.78 -25.43
N THR A 320 -3.19 -3.94 -24.43
CA THR A 320 -4.34 -4.19 -23.55
C THR A 320 -5.38 -3.06 -23.44
N GLY A 321 -5.09 -1.88 -23.99
CA GLY A 321 -5.94 -0.72 -23.79
C GLY A 321 -5.87 -0.11 -22.40
N SER A 322 -4.93 -0.55 -21.57
CA SER A 322 -4.81 -0.05 -20.20
C SER A 322 -4.19 1.35 -20.25
N LYS A 323 -4.93 2.33 -19.71
CA LYS A 323 -4.62 3.74 -19.85
C LYS A 323 -4.46 4.42 -18.48
N SER A 324 -3.54 5.39 -18.40
CA SER A 324 -3.32 6.22 -17.23
C SER A 324 -3.28 7.67 -17.70
N SER A 325 -4.10 8.53 -17.07
CA SER A 325 -4.12 9.96 -17.33
C SER A 325 -3.76 10.65 -16.03
N ASN A 326 -2.86 11.62 -16.13
CA ASN A 326 -2.23 12.22 -14.97
C ASN A 326 -2.02 13.71 -15.22
N LEU A 327 -2.20 14.48 -14.18
CA LEU A 327 -1.87 15.90 -14.16
C LEU A 327 -0.83 16.08 -13.09
N LEU A 328 0.20 16.88 -13.37
CA LEU A 328 1.20 17.18 -12.36
C LEU A 328 1.44 18.68 -12.30
N ASP A 329 1.83 19.13 -11.13
CA ASP A 329 2.11 20.54 -10.90
C ASP A 329 3.64 20.65 -10.76
N LEU A 330 4.31 21.16 -11.79
CA LEU A 330 5.78 21.22 -11.78
C LEU A 330 6.31 22.21 -10.73
N LYS A 331 5.44 23.11 -10.26
CA LYS A 331 5.80 24.00 -9.14
C LYS A 331 5.67 23.39 -7.74
N ASN A 332 5.16 22.17 -7.61
CA ASN A 332 5.05 21.53 -6.29
C ASN A 332 5.80 20.19 -6.19
N PRO A 333 7.12 20.20 -6.44
CA PRO A 333 7.88 18.94 -6.38
C PRO A 333 8.07 18.40 -4.97
N PHE A 334 8.22 17.09 -4.85
CA PHE A 334 8.58 16.42 -3.60
C PHE A 334 10.05 16.03 -3.69
N PHE A 335 10.89 16.61 -2.81
CA PHE A 335 12.29 16.27 -2.76
C PHE A 335 12.47 15.12 -1.79
N ARG A 336 12.90 13.98 -2.31
CA ARG A 336 12.93 12.73 -1.56
C ARG A 336 14.34 12.46 -1.05
N TYR A 337 14.45 12.11 0.23
CA TYR A 337 15.75 11.86 0.88
C TYR A 337 16.14 10.39 0.80
C SER B 6 1.20 36.34 0.96
N ALA B 7 -0.01 36.86 0.76
CA ALA B 7 -1.23 36.27 1.33
C ALA B 7 -1.77 35.10 0.51
N VAL B 8 -1.63 35.18 -0.82
CA VAL B 8 -2.09 34.12 -1.72
C VAL B 8 -1.31 32.82 -1.46
N GLN B 9 0.03 32.92 -1.44
CA GLN B 9 0.91 31.77 -1.17
C GLN B 9 0.63 31.15 0.20
N TYR B 10 0.40 32.02 1.19
CA TYR B 10 0.11 31.58 2.53
C TYR B 10 -1.10 30.64 2.53
N PHE B 11 -2.21 31.08 1.93
CA PHE B 11 -3.42 30.26 1.95
C PHE B 11 -3.35 29.09 0.99
N GLN B 12 -2.67 29.25 -0.14
CA GLN B 12 -2.41 28.10 -1.01
C GLN B 12 -1.69 26.96 -0.28
N PHE B 13 -0.71 27.30 0.56
CA PHE B 13 0.03 26.31 1.34
C PHE B 13 -0.91 25.47 2.21
N TYR B 14 -1.80 26.14 2.92
CA TYR B 14 -2.74 25.45 3.82
C TYR B 14 -3.88 24.76 3.06
N GLY B 15 -4.03 25.09 1.78
CA GLY B 15 -4.94 24.37 0.90
C GLY B 15 -4.48 22.97 0.51
N TYR B 16 -3.23 22.62 0.82
CA TYR B 16 -2.74 21.25 0.57
C TYR B 16 -3.12 20.29 1.69
N LEU B 17 -3.77 19.20 1.34
CA LEU B 17 -4.05 18.12 2.30
C LEU B 17 -2.78 17.60 2.99
N SER B 18 -1.66 17.52 2.27
CA SER B 18 -0.42 17.11 2.91
C SER B 18 0.00 18.04 4.03
N GLN B 19 -0.22 19.35 3.87
CA GLN B 19 0.16 20.26 4.96
C GLN B 19 -0.79 20.19 6.17
N GLN B 20 -2.07 20.02 5.90
CA GLN B 20 -3.04 19.77 6.99
C GLN B 20 -2.67 18.44 7.71
N GLN B 21 -2.33 17.43 6.92
CA GLN B 21 -1.90 16.13 7.45
C GLN B 21 -0.69 16.22 8.37
N ASN B 22 0.31 16.99 7.95
CA ASN B 22 1.49 17.27 8.77
C ASN B 22 1.11 17.73 10.20
N MET B 23 0.15 18.64 10.30
CA MET B 23 -0.30 19.14 11.60
C MET B 23 -1.14 18.10 12.31
N MET B 24 -2.03 17.43 11.58
CA MET B 24 -2.90 16.41 12.18
C MET B 24 -2.07 15.29 12.80
N GLN B 25 -1.03 14.83 12.10
CA GLN B 25 -0.10 13.78 12.55
C GLN B 25 0.79 14.13 13.72
N ASP B 26 0.91 15.43 14.06
CA ASP B 26 1.62 15.82 15.27
C ASP B 26 0.73 15.39 16.42
N TYR B 27 1.06 14.24 17.00
CA TYR B 27 0.18 13.62 17.98
C TYR B 27 0.08 14.43 19.26
N VAL B 28 1.19 15.02 19.69
CA VAL B 28 1.18 15.85 20.89
C VAL B 28 0.19 17.01 20.71
N ARG B 29 0.26 17.66 19.54
CA ARG B 29 -0.58 18.80 19.21
C ARG B 29 -2.05 18.41 19.13
N THR B 30 -2.35 17.46 18.25
CA THR B 30 -3.72 17.12 17.94
C THR B 30 -4.39 16.43 19.11
N GLY B 31 -3.66 15.52 19.76
CA GLY B 31 -4.14 14.82 20.93
C GLY B 31 -4.35 15.70 22.14
N THR B 32 -3.47 16.69 22.34
CA THR B 32 -3.66 17.62 23.44
C THR B 32 -4.88 18.53 23.23
N TYR B 33 -5.11 18.99 22.00
CA TYR B 33 -6.31 19.75 21.69
C TYR B 33 -7.57 18.91 21.96
N GLN B 34 -7.58 17.66 21.50
CA GLN B 34 -8.71 16.78 21.75
C GLN B 34 -8.96 16.62 23.26
N ARG B 35 -7.90 16.35 24.03
N ARG B 35 -7.90 16.36 24.04
CA ARG B 35 -8.01 16.23 25.50
CA ARG B 35 -8.02 16.22 25.50
C ARG B 35 -8.53 17.50 26.15
C ARG B 35 -8.49 17.50 26.18
N ALA B 36 -7.91 18.63 25.78
CA ALA B 36 -8.34 19.93 26.33
C ALA B 36 -9.84 20.18 26.15
N ILE B 37 -10.37 19.82 24.99
CA ILE B 37 -11.77 20.08 24.66
C ILE B 37 -12.69 19.07 25.39
N LEU B 38 -12.42 17.77 25.23
CA LEU B 38 -13.24 16.68 25.82
C LEU B 38 -13.23 16.68 27.34
N GLN B 39 -12.07 16.90 27.96
CA GLN B 39 -12.00 17.01 29.44
C GLN B 39 -12.67 18.24 30.02
N ASN B 40 -12.84 19.27 29.18
CA ASN B 40 -13.60 20.46 29.55
C ASN B 40 -14.94 20.49 28.83
N HIS B 41 -15.66 19.37 28.89
CA HIS B 41 -16.93 19.17 28.16
C HIS B 41 -18.01 20.18 28.54
N THR B 42 -18.01 20.70 29.76
CA THR B 42 -18.99 21.73 30.15
C THR B 42 -18.75 23.09 29.48
N ASP B 43 -17.54 23.31 28.95
CA ASP B 43 -17.28 24.51 28.16
C ASP B 43 -17.79 24.40 26.74
N PHE B 44 -18.20 23.18 26.35
CA PHE B 44 -18.72 22.89 25.03
C PHE B 44 -20.18 22.41 24.96
N LYS B 45 -20.62 21.61 25.93
CA LYS B 45 -21.96 20.99 25.88
C LYS B 45 -23.02 22.06 25.60
N ASP B 46 -23.74 21.89 24.49
CA ASP B 46 -24.82 22.80 24.07
C ASP B 46 -24.41 24.24 23.79
N LYS B 47 -23.12 24.47 23.54
CA LYS B 47 -22.59 25.80 23.28
C LYS B 47 -22.44 26.09 21.80
N ILE B 48 -22.20 27.37 21.53
CA ILE B 48 -21.95 27.85 20.17
C ILE B 48 -20.44 28.07 20.09
N VAL B 49 -19.79 27.55 19.03
CA VAL B 49 -18.34 27.56 18.92
C VAL B 49 -17.88 28.24 17.63
N LEU B 50 -16.79 29.00 17.68
CA LEU B 50 -16.09 29.47 16.48
C LEU B 50 -14.71 28.82 16.40
N ASP B 51 -14.42 28.17 15.28
CA ASP B 51 -13.13 27.55 15.00
C ASP B 51 -12.47 28.47 13.97
N VAL B 52 -11.46 29.21 14.40
CA VAL B 52 -10.76 30.16 13.55
C VAL B 52 -9.69 29.45 12.77
N GLY B 53 -9.93 29.29 11.47
CA GLY B 53 -8.98 28.62 10.59
C GLY B 53 -9.06 27.12 10.77
N CYS B 54 -10.22 26.56 10.40
CA CYS B 54 -10.54 25.18 10.75
C CYS B 54 -9.69 24.16 10.02
N GLY B 55 -9.15 24.51 8.86
CA GLY B 55 -8.34 23.56 8.09
C GLY B 55 -9.20 22.37 7.71
N SER B 56 -8.72 21.16 8.03
CA SER B 56 -9.50 19.94 7.82
C SER B 56 -10.86 19.93 8.51
N GLY B 57 -11.00 20.69 9.61
CA GLY B 57 -12.20 20.69 10.45
C GLY B 57 -11.96 19.97 11.76
N ILE B 58 -10.76 19.39 11.92
CA ILE B 58 -10.44 18.52 13.06
C ILE B 58 -10.83 19.07 14.45
N LEU B 59 -10.51 20.34 14.76
CA LEU B 59 -10.84 20.88 16.07
C LEU B 59 -12.35 21.04 16.23
N SER B 60 -13.05 21.33 15.13
CA SER B 60 -14.51 21.43 15.16
C SER B 60 -15.17 20.07 15.42
N PHE B 61 -14.59 19.02 14.87
CA PHE B 61 -15.04 17.66 15.20
C PHE B 61 -14.85 17.36 16.67
N PHE B 62 -13.74 17.82 17.26
CA PHE B 62 -13.55 17.63 18.70
C PHE B 62 -14.60 18.39 19.49
N ALA B 63 -14.91 19.62 19.09
CA ALA B 63 -15.98 20.38 19.76
C ALA B 63 -17.35 19.65 19.66
N ALA B 64 -17.62 19.04 18.52
CA ALA B 64 -18.82 18.21 18.31
C ALA B 64 -18.80 16.98 19.22
N GLN B 65 -17.64 16.32 19.32
CA GLN B 65 -17.45 15.21 20.27
C GLN B 65 -17.76 15.59 21.73
N ALA B 66 -17.38 16.81 22.12
CA ALA B 66 -17.65 17.32 23.46
C ALA B 66 -19.09 17.87 23.67
N GLY B 67 -19.93 17.80 22.64
CA GLY B 67 -21.36 18.10 22.78
C GLY B 67 -21.82 19.48 22.34
N ALA B 68 -21.02 20.19 21.54
CA ALA B 68 -21.40 21.53 21.08
C ALA B 68 -22.64 21.49 20.20
N ARG B 69 -23.47 22.52 20.37
CA ARG B 69 -24.74 22.63 19.63
C ARG B 69 -24.50 23.09 18.18
N LYS B 70 -23.60 24.05 18.01
CA LYS B 70 -23.35 24.70 16.72
C LYS B 70 -21.90 25.18 16.64
N ILE B 71 -21.20 24.79 15.59
CA ILE B 71 -19.81 25.16 15.42
C ILE B 71 -19.65 25.84 14.06
N TYR B 72 -19.21 27.11 14.09
CA TYR B 72 -18.88 27.85 12.87
C TYR B 72 -17.38 27.69 12.59
N ALA B 73 -17.07 27.04 11.48
CA ALA B 73 -15.71 26.65 11.13
C ALA B 73 -15.28 27.47 9.94
N VAL B 74 -14.43 28.46 10.19
CA VAL B 74 -14.07 29.47 9.21
C VAL B 74 -12.70 29.11 8.66
N GLU B 75 -12.57 29.11 7.33
CA GLU B 75 -11.31 28.73 6.70
C GLU B 75 -11.15 29.51 5.39
N ALA B 76 -10.01 30.19 5.27
CA ALA B 76 -9.76 31.08 4.14
C ALA B 76 -9.20 30.38 2.93
N SER B 77 -8.51 29.26 3.13
CA SER B 77 -7.97 28.51 1.99
C SER B 77 -9.04 27.64 1.36
N THR B 78 -8.68 27.02 0.23
CA THR B 78 -9.57 26.07 -0.45
C THR B 78 -9.74 24.77 0.34
N MET B 79 -8.99 24.58 1.43
CA MET B 79 -9.30 23.53 2.40
C MET B 79 -10.73 23.59 2.96
N ALA B 80 -11.37 24.75 2.90
CA ALA B 80 -12.80 24.88 3.27
C ALA B 80 -13.70 23.89 2.53
N GLN B 81 -13.43 23.67 1.25
CA GLN B 81 -14.21 22.75 0.43
C GLN B 81 -14.03 21.31 0.93
N HIS B 82 -12.80 20.94 1.30
CA HIS B 82 -12.54 19.61 1.86
C HIS B 82 -13.14 19.42 3.25
N ALA B 83 -13.09 20.46 4.10
CA ALA B 83 -13.76 20.42 5.42
C ALA B 83 -15.27 20.17 5.28
N GLU B 84 -15.88 20.84 4.30
CA GLU B 84 -17.30 20.70 4.01
C GLU B 84 -17.63 19.24 3.67
N VAL B 85 -16.83 18.61 2.82
CA VAL B 85 -16.98 17.18 2.46
C VAL B 85 -16.97 16.30 3.71
N LEU B 86 -16.03 16.55 4.62
CA LEU B 86 -15.93 15.79 5.87
C LEU B 86 -17.12 15.98 6.82
N VAL B 87 -17.68 17.19 6.86
CA VAL B 87 -18.81 17.45 7.74
C VAL B 87 -20.02 16.65 7.22
N LYS B 88 -20.25 16.68 5.91
CA LYS B 88 -21.33 15.90 5.30
C LYS B 88 -21.15 14.40 5.47
N SER B 89 -19.95 13.91 5.16
CA SER B 89 -19.67 12.47 5.29
C SER B 89 -19.64 11.96 6.72
N ASN B 90 -19.44 12.84 7.71
CA ASN B 90 -19.56 12.47 9.12
C ASN B 90 -20.94 12.78 9.69
N ASN B 91 -21.91 13.09 8.81
CA ASN B 91 -23.29 13.35 9.21
C ASN B 91 -23.43 14.42 10.28
N LEU B 92 -22.68 15.52 10.10
CA LEU B 92 -22.70 16.61 11.07
C LEU B 92 -23.13 17.96 10.47
N THR B 93 -23.83 17.92 9.34
CA THR B 93 -24.32 19.13 8.68
C THR B 93 -25.13 20.04 9.60
N ASP B 94 -25.89 19.47 10.54
CA ASP B 94 -26.73 20.28 11.44
C ASP B 94 -25.97 20.95 12.59
N ARG B 95 -24.72 20.57 12.81
CA ARG B 95 -23.97 21.08 13.97
C ARG B 95 -22.65 21.81 13.62
N ILE B 96 -22.05 21.50 12.48
CA ILE B 96 -20.84 22.20 12.01
C ILE B 96 -21.15 22.88 10.70
N VAL B 97 -20.94 24.20 10.65
CA VAL B 97 -21.16 24.96 9.44
C VAL B 97 -19.82 25.50 9.00
N VAL B 98 -19.38 25.12 7.81
CA VAL B 98 -18.12 25.58 7.28
C VAL B 98 -18.40 26.91 6.58
N ILE B 99 -17.70 27.97 6.98
CA ILE B 99 -17.79 29.29 6.33
C ILE B 99 -16.45 29.59 5.59
N PRO B 100 -16.48 29.59 4.25
CA PRO B 100 -15.23 29.93 3.52
C PRO B 100 -14.90 31.42 3.59
N GLY B 101 -13.63 31.73 3.80
CA GLY B 101 -13.14 33.11 3.82
C GLY B 101 -12.30 33.40 5.03
N LYS B 102 -11.81 34.63 5.08
CA LYS B 102 -11.01 35.12 6.20
CA LYS B 102 -11.01 35.13 6.19
C LYS B 102 -11.93 35.48 7.35
N VAL B 103 -11.52 35.17 8.59
CA VAL B 103 -12.32 35.50 9.77
C VAL B 103 -12.54 37.02 9.88
N GLU B 104 -11.64 37.79 9.29
CA GLU B 104 -11.76 39.24 9.27
C GLU B 104 -12.88 39.74 8.33
N GLU B 105 -13.23 38.94 7.33
CA GLU B 105 -14.14 39.37 6.25
C GLU B 105 -15.50 38.69 6.26
N VAL B 106 -15.60 37.48 6.78
CA VAL B 106 -16.87 36.72 6.75
C VAL B 106 -17.91 37.31 7.73
N SER B 107 -19.15 36.85 7.64
CA SER B 107 -20.14 37.15 8.70
C SER B 107 -20.56 35.85 9.38
N LEU B 108 -20.76 35.93 10.70
CA LEU B 108 -21.32 34.83 11.48
C LEU B 108 -22.80 35.18 11.73
N PRO B 109 -23.67 34.18 11.77
CA PRO B 109 -25.09 34.46 12.00
C PRO B 109 -25.47 34.79 13.45
N GLU B 110 -24.54 34.58 14.40
CA GLU B 110 -24.75 34.83 15.83
C GLU B 110 -23.40 34.89 16.52
N GLN B 111 -23.42 35.38 17.77
CA GLN B 111 -22.23 35.40 18.62
C GLN B 111 -21.99 34.01 19.27
N VAL B 112 -20.75 33.78 19.72
CA VAL B 112 -20.35 32.46 20.25
C VAL B 112 -19.96 32.50 21.71
N ASP B 113 -20.05 31.33 22.32
CA ASP B 113 -19.64 31.13 23.72
C ASP B 113 -18.13 30.93 23.86
N ILE B 114 -17.52 30.38 22.82
CA ILE B 114 -16.11 30.01 22.91
C ILE B 114 -15.47 29.95 21.52
N ILE B 115 -14.23 30.40 21.45
CA ILE B 115 -13.44 30.38 20.22
C ILE B 115 -12.34 29.36 20.43
N ILE B 116 -12.18 28.46 19.47
CA ILE B 116 -11.06 27.53 19.43
C ILE B 116 -10.23 27.81 18.18
N SER B 117 -8.92 27.58 18.30
CA SER B 117 -8.02 27.78 17.19
C SER B 117 -6.67 27.16 17.48
N GLU B 118 -5.96 26.81 16.41
CA GLU B 118 -4.52 26.55 16.47
C GLU B 118 -3.82 27.52 15.52
N PRO B 119 -3.43 28.70 16.05
CA PRO B 119 -2.79 29.73 15.25
C PRO B 119 -1.33 29.98 15.59
N MET B 120 -0.66 29.02 16.22
CA MET B 120 0.65 29.24 16.76
C MET B 120 1.70 28.95 15.68
N GLY B 121 2.60 29.92 15.50
CA GLY B 121 3.77 29.69 14.64
C GLY B 121 5.01 29.42 15.44
N TYR B 122 6.14 29.33 14.71
CA TYR B 122 7.45 29.28 15.36
C TYR B 122 7.62 30.50 16.25
N MET B 123 8.20 30.30 17.43
CA MET B 123 8.38 31.36 18.41
C MET B 123 7.00 31.93 18.81
N LEU B 124 5.97 31.09 18.76
CA LEU B 124 4.56 31.44 18.98
C LEU B 124 3.95 32.35 17.93
N PHE B 125 4.61 33.45 17.61
CA PHE B 125 4.00 34.53 16.82
C PHE B 125 4.19 34.45 15.32
N ASN B 126 5.14 33.64 14.84
CA ASN B 126 5.37 33.62 13.38
C ASN B 126 4.09 33.35 12.59
N GLU B 127 3.95 33.99 11.44
CA GLU B 127 2.79 33.92 10.53
C GLU B 127 1.67 34.92 10.88
N ARG B 128 1.72 35.47 12.08
CA ARG B 128 0.80 36.51 12.55
C ARG B 128 -0.67 36.08 12.63
N MET B 129 -0.94 34.77 12.69
CA MET B 129 -2.32 34.30 12.75
C MET B 129 -2.97 34.59 14.12
N LEU B 130 -2.18 34.77 15.18
CA LEU B 130 -2.76 35.12 16.47
C LEU B 130 -3.54 36.43 16.39
N GLU B 131 -3.16 37.32 15.48
CA GLU B 131 -3.92 38.53 15.25
C GLU B 131 -5.31 38.22 14.73
N SER B 132 -5.43 37.22 13.86
CA SER B 132 -6.74 36.79 13.38
C SER B 132 -7.57 36.15 14.49
N TYR B 133 -6.91 35.38 15.35
CA TYR B 133 -7.54 34.78 16.51
C TYR B 133 -8.09 35.87 17.43
N LEU B 134 -7.28 36.89 17.72
CA LEU B 134 -7.75 38.00 18.56
C LEU B 134 -8.82 38.84 17.89
N HIS B 135 -8.72 39.00 16.56
CA HIS B 135 -9.71 39.71 15.79
C HIS B 135 -11.09 39.09 15.92
N ALA B 136 -11.11 37.76 15.92
CA ALA B 136 -12.33 36.97 16.04
C ALA B 136 -13.14 37.22 17.33
N LYS B 137 -12.52 37.81 18.34
CA LYS B 137 -13.22 38.20 19.56
C LYS B 137 -14.37 39.19 19.34
N LYS B 138 -14.45 39.81 18.16
CA LYS B 138 -15.67 40.55 17.82
C LYS B 138 -16.93 39.66 17.81
N TYR B 139 -16.76 38.34 17.65
CA TYR B 139 -17.89 37.38 17.68
C TYR B 139 -18.16 36.72 19.05
N LEU B 140 -17.34 37.04 20.05
CA LEU B 140 -17.36 36.34 21.33
C LEU B 140 -18.33 37.01 22.28
N LYS B 141 -19.28 36.25 22.81
CA LYS B 141 -20.23 36.81 23.78
C LYS B 141 -19.49 37.33 25.00
N PRO B 142 -20.04 38.35 25.68
CA PRO B 142 -19.38 38.79 26.91
C PRO B 142 -19.11 37.63 27.87
N SER B 143 -17.94 37.64 28.49
CA SER B 143 -17.46 36.52 29.31
C SER B 143 -17.35 35.16 28.58
N GLY B 144 -17.26 35.16 27.26
CA GLY B 144 -16.94 33.94 26.54
C GLY B 144 -15.49 33.52 26.77
N ASN B 145 -15.13 32.34 26.29
CA ASN B 145 -13.79 31.79 26.55
C ASN B 145 -13.03 31.61 25.23
N MET B 146 -11.73 31.37 25.38
CA MET B 146 -10.85 31.12 24.25
CA MET B 146 -10.77 31.22 24.27
C MET B 146 -9.94 29.98 24.59
N PHE B 147 -9.80 29.07 23.62
CA PHE B 147 -9.05 27.82 23.74
C PHE B 147 -8.10 27.75 22.51
N PRO B 148 -6.84 28.09 22.66
CA PRO B 148 -6.14 28.34 23.93
C PRO B 148 -6.44 29.71 24.55
N THR B 149 -6.24 29.79 25.86
CA THR B 149 -6.57 30.96 26.64
C THR B 149 -5.37 31.90 26.80
N ILE B 150 -4.19 31.33 27.08
CA ILE B 150 -2.97 32.12 27.21
CA ILE B 150 -2.96 32.10 27.24
C ILE B 150 -1.83 31.45 26.47
N GLY B 151 -0.80 32.23 26.16
CA GLY B 151 0.41 31.74 25.51
C GLY B 151 1.62 32.31 26.22
N ASP B 152 2.62 31.46 26.45
CA ASP B 152 3.87 31.84 27.10
C ASP B 152 5.00 31.60 26.11
N VAL B 153 5.82 32.62 25.85
CA VAL B 153 7.07 32.44 25.13
C VAL B 153 8.20 32.46 26.14
N HIS B 154 9.02 31.41 26.10
CA HIS B 154 10.21 31.30 26.94
C HIS B 154 11.47 31.57 26.12
N LEU B 155 12.42 32.26 26.75
CA LEU B 155 13.73 32.59 26.19
C LEU B 155 14.79 32.10 27.19
N ALA B 156 15.90 31.54 26.72
CA ALA B 156 17.03 31.17 27.59
C ALA B 156 18.38 31.19 26.84
N PRO B 157 19.46 31.60 27.51
CA PRO B 157 20.76 31.60 26.83
C PRO B 157 21.27 30.17 26.61
N PHE B 158 21.96 29.94 25.48
CA PHE B 158 22.58 28.63 25.26
C PHE B 158 24.05 28.77 24.89
N THR B 159 24.75 27.66 25.05
CA THR B 159 26.09 27.49 24.49
C THR B 159 26.05 26.36 23.49
N ASP B 160 26.46 26.64 22.27
CA ASP B 160 26.64 25.62 21.25
C ASP B 160 27.79 26.04 20.32
N GLU B 161 29.01 25.63 20.71
CA GLU B 161 30.21 26.01 19.97
C GLU B 161 30.12 25.54 18.53
N GLN B 162 29.65 24.31 18.31
CA GLN B 162 29.58 23.75 16.96
C GLN B 162 28.57 24.48 16.06
N LEU B 163 27.39 24.81 16.59
CA LEU B 163 26.43 25.62 15.84
C LEU B 163 27.01 26.97 15.38
N TYR B 164 27.73 27.64 16.28
CA TYR B 164 28.36 28.91 15.99
C TYR B 164 29.42 28.73 14.91
N MET B 165 30.36 27.80 15.11
N MET B 165 30.36 27.81 15.09
CA MET B 165 31.44 27.52 14.15
CA MET B 165 31.45 27.64 14.13
C MET B 165 30.94 27.24 12.73
C MET B 165 30.99 27.19 12.72
N GLU B 166 29.89 26.43 12.63
CA GLU B 166 29.21 26.08 11.34
C GLU B 166 28.93 27.26 10.40
N GLN B 167 28.57 28.40 10.95
CA GLN B 167 28.22 29.57 10.14
C GLN B 167 29.43 30.03 9.32
N PHE B 168 30.61 29.94 9.93
CA PHE B 168 31.86 30.33 9.26
C PHE B 168 32.31 29.28 8.28
N THR B 169 32.16 28.01 8.64
CA THR B 169 32.46 26.91 7.74
C THR B 169 31.70 27.08 6.44
N LYS B 170 30.40 27.37 6.54
CA LYS B 170 29.58 27.60 5.35
C LYS B 170 30.00 28.84 4.58
N ALA B 171 30.17 29.95 5.30
CA ALA B 171 30.51 31.23 4.67
C ALA B 171 31.93 31.24 4.03
N ASN B 172 32.83 30.42 4.56
CA ASN B 172 34.22 30.35 4.06
C ASN B 172 34.35 29.69 2.70
N PHE B 173 33.28 29.12 2.15
CA PHE B 173 33.19 28.86 0.69
C PHE B 173 33.68 30.05 -0.13
N TRP B 174 33.27 31.25 0.27
CA TRP B 174 33.61 32.48 -0.43
C TRP B 174 35.08 32.89 -0.16
N TYR B 175 35.70 32.38 0.91
CA TYR B 175 37.05 32.81 1.26
C TYR B 175 38.08 31.94 0.54
N GLN B 176 38.12 32.10 -0.78
CA GLN B 176 39.12 31.41 -1.60
C GLN B 176 39.51 32.28 -2.80
N PRO B 177 40.80 32.26 -3.16
CA PRO B 177 41.30 33.21 -4.17
C PRO B 177 41.07 32.77 -5.61
N SER B 178 40.76 31.50 -5.85
CA SER B 178 40.65 30.99 -7.21
C SER B 178 39.60 29.90 -7.33
N PHE B 179 38.35 30.27 -7.09
CA PHE B 179 37.22 29.41 -7.38
C PHE B 179 37.01 29.41 -8.90
N HIS B 180 37.48 28.35 -9.56
CA HIS B 180 37.53 28.31 -11.02
C HIS B 180 38.15 29.60 -11.60
N GLY B 181 39.20 30.09 -10.95
CA GLY B 181 39.90 31.30 -11.36
C GLY B 181 39.37 32.61 -10.81
N VAL B 182 38.30 32.56 -10.01
CA VAL B 182 37.70 33.77 -9.45
C VAL B 182 38.01 33.89 -7.95
N ASP B 183 38.49 35.09 -7.56
CA ASP B 183 38.65 35.44 -6.17
C ASP B 183 37.30 35.82 -5.58
N LEU B 184 36.80 34.96 -4.70
CA LEU B 184 35.46 35.14 -4.13
C LEU B 184 35.47 35.87 -2.79
N SER B 185 36.67 36.18 -2.29
CA SER B 185 36.88 36.56 -0.88
CA SER B 185 36.88 36.57 -0.89
C SER B 185 36.12 37.81 -0.43
N ALA B 186 35.92 38.76 -1.35
CA ALA B 186 35.23 39.99 -1.01
C ALA B 186 33.79 39.81 -0.54
N LEU B 187 33.19 38.65 -0.80
CA LEU B 187 31.80 38.41 -0.38
C LEU B 187 31.67 37.63 0.92
N ARG B 188 32.80 37.26 1.54
CA ARG B 188 32.74 36.39 2.70
C ARG B 188 31.94 37.04 3.84
N GLY B 189 32.18 38.33 4.07
CA GLY B 189 31.49 39.08 5.12
C GLY B 189 29.98 39.11 4.92
N ALA B 190 29.56 39.33 3.68
CA ALA B 190 28.15 39.32 3.34
C ALA B 190 27.52 37.95 3.54
N ALA B 191 28.27 36.89 3.20
CA ALA B 191 27.77 35.54 3.40
C ALA B 191 27.61 35.26 4.90
N VAL B 192 28.58 35.66 5.72
CA VAL B 192 28.46 35.49 7.17
C VAL B 192 27.17 36.16 7.65
N ASP B 193 26.99 37.44 7.29
CA ASP B 193 25.82 38.22 7.70
C ASP B 193 24.51 37.53 7.35
N GLU B 194 24.46 36.98 6.13
CA GLU B 194 23.29 36.30 5.67
C GLU B 194 22.94 35.11 6.54
N TYR B 195 23.94 34.29 6.90
CA TYR B 195 23.69 33.11 7.73
C TYR B 195 23.25 33.46 9.14
N PHE B 196 23.85 34.50 9.71
CA PHE B 196 23.49 34.91 11.07
C PHE B 196 22.09 35.53 11.17
N ARG B 197 21.53 36.01 10.05
CA ARG B 197 20.15 36.51 10.04
C ARG B 197 19.06 35.42 10.10
N GLN B 198 19.42 34.14 9.99
CA GLN B 198 18.44 33.06 10.00
C GLN B 198 18.30 32.49 11.41
N PRO B 199 17.08 32.54 11.97
CA PRO B 199 16.83 31.71 13.13
C PRO B 199 16.98 30.23 12.78
N VAL B 200 17.49 29.45 13.72
CA VAL B 200 17.73 28.03 13.54
C VAL B 200 16.57 27.24 14.16
N VAL B 201 15.85 26.49 13.34
CA VAL B 201 14.75 25.63 13.80
C VAL B 201 15.27 24.20 13.89
N ASP B 202 15.44 23.70 15.11
CA ASP B 202 15.74 22.29 15.36
C ASP B 202 15.50 22.03 16.85
N THR B 203 15.92 20.88 17.34
CA THR B 203 15.88 20.63 18.76
C THR B 203 17.29 20.43 19.31
N PHE B 204 17.40 20.33 20.63
CA PHE B 204 18.68 20.27 21.29
C PHE B 204 18.55 19.69 22.68
N ASP B 205 19.69 19.33 23.26
CA ASP B 205 19.77 18.83 24.63
C ASP B 205 19.62 20.00 25.57
N ILE B 206 18.83 19.82 26.61
CA ILE B 206 18.64 20.86 27.62
C ILE B 206 19.93 21.27 28.32
N ARG B 207 20.94 20.39 28.31
CA ARG B 207 22.26 20.71 28.88
C ARG B 207 22.96 21.94 28.27
N ILE B 208 22.55 22.36 27.07
CA ILE B 208 23.16 23.56 26.45
C ILE B 208 22.68 24.88 27.07
N LEU B 209 21.57 24.84 27.81
CA LEU B 209 20.97 26.04 28.39
C LEU B 209 21.78 26.49 29.58
N MET B 210 22.08 27.78 29.66
N MET B 210 22.08 27.78 29.66
CA MET B 210 22.97 28.32 30.69
CA MET B 210 22.98 28.32 30.67
C MET B 210 22.28 29.09 31.83
C MET B 210 22.29 29.07 31.82
N ALA B 211 20.96 29.24 31.74
CA ALA B 211 20.18 29.91 32.80
C ALA B 211 18.72 29.51 32.74
N LYS B 212 17.99 29.75 33.82
CA LYS B 212 16.54 29.56 33.86
C LYS B 212 15.93 30.51 32.84
N SER B 213 14.89 30.06 32.14
CA SER B 213 14.24 30.88 31.12
C SER B 213 13.47 32.02 31.74
N VAL B 214 13.30 33.08 30.97
CA VAL B 214 12.33 34.14 31.27
C VAL B 214 11.15 33.92 30.34
N LYS B 215 9.97 34.39 30.75
CA LYS B 215 8.78 34.19 29.94
C LYS B 215 8.02 35.47 29.69
N TYR B 216 7.38 35.50 28.53
CA TYR B 216 6.51 36.59 28.14
C TYR B 216 5.14 35.97 27.85
N THR B 217 4.09 36.50 28.49
CA THR B 217 2.78 35.90 28.45
C THR B 217 1.83 36.83 27.74
N VAL B 218 1.00 36.23 26.88
CA VAL B 218 -0.11 36.92 26.24
C VAL B 218 -1.37 36.23 26.73
N ASN B 219 -2.29 37.00 27.31
CA ASN B 219 -3.57 36.50 27.74
C ASN B 219 -4.55 36.79 26.60
N PHE B 220 -4.97 35.76 25.88
CA PHE B 220 -5.76 35.93 24.68
C PHE B 220 -7.17 36.47 24.95
N LEU B 221 -7.67 36.31 26.18
CA LEU B 221 -8.95 36.93 26.58
C LEU B 221 -8.90 38.45 26.61
N GLU B 222 -7.72 39.00 26.94
CA GLU B 222 -7.54 40.45 27.12
C GLU B 222 -6.81 41.17 25.98
N ALA B 223 -5.90 40.47 25.31
CA ALA B 223 -5.03 41.11 24.32
C ALA B 223 -5.80 41.58 23.08
N LYS B 224 -5.38 42.72 22.57
CA LYS B 224 -5.89 43.28 21.33
C LYS B 224 -4.92 42.92 20.20
N GLU B 225 -5.44 42.84 18.97
CA GLU B 225 -4.61 42.65 17.77
C GLU B 225 -3.33 43.46 17.78
N GLY B 226 -3.47 44.79 17.94
CA GLY B 226 -2.34 45.69 17.90
C GLY B 226 -1.24 45.44 18.92
N ASP B 227 -1.57 44.74 20.02
CA ASP B 227 -0.58 44.35 21.03
C ASP B 227 0.46 43.37 20.50
N LEU B 228 0.18 42.69 19.39
CA LEU B 228 1.13 41.73 18.79
C LEU B 228 2.04 42.34 17.73
N HIS B 229 1.86 43.62 17.42
CA HIS B 229 2.67 44.31 16.42
C HIS B 229 4.11 44.55 16.86
N ARG B 230 4.30 44.74 18.16
CA ARG B 230 5.59 45.06 18.71
C ARG B 230 5.72 44.32 20.02
N ILE B 231 6.57 43.31 20.06
CA ILE B 231 6.67 42.47 21.24
C ILE B 231 8.02 42.72 21.89
N GLU B 232 8.00 43.37 23.05
CA GLU B 232 9.23 43.72 23.76
C GLU B 232 9.42 42.78 24.94
N ILE B 233 10.53 42.03 24.91
CA ILE B 233 10.81 41.03 25.91
C ILE B 233 12.14 41.38 26.58
N PRO B 234 12.09 42.09 27.73
CA PRO B 234 13.31 42.32 28.49
C PRO B 234 13.72 41.04 29.16
N PHE B 235 15.01 40.90 29.45
CA PHE B 235 15.52 39.72 30.12
C PHE B 235 16.68 40.07 31.01
N LYS B 236 16.76 39.35 32.13
CA LYS B 236 17.89 39.38 33.04
C LYS B 236 18.15 37.93 33.46
N PHE B 237 19.12 37.28 32.83
CA PHE B 237 19.47 35.90 33.15
C PHE B 237 20.59 35.85 34.20
N HIS B 238 20.37 35.11 35.28
CA HIS B 238 21.42 34.79 36.27
C HIS B 238 22.05 33.45 35.89
N MET B 239 23.32 33.50 35.51
CA MET B 239 23.96 32.40 34.80
C MET B 239 24.22 31.24 35.77
N LEU B 240 23.72 30.05 35.43
CA LEU B 240 23.95 28.84 36.19
C LEU B 240 25.29 28.19 35.89
N HIS B 241 25.84 28.41 34.69
CA HIS B 241 27.11 27.82 34.27
C HIS B 241 28.01 28.87 33.65
N SER B 242 29.31 28.71 33.85
CA SER B 242 30.32 29.53 33.18
C SER B 242 30.49 28.99 31.77
N GLY B 243 30.58 29.90 30.79
CA GLY B 243 30.78 29.52 29.39
C GLY B 243 30.57 30.66 28.40
N LEU B 244 30.69 30.32 27.12
CA LEU B 244 30.43 31.25 26.04
C LEU B 244 28.96 31.12 25.65
N VAL B 245 28.22 32.22 25.75
CA VAL B 245 26.81 32.27 25.34
C VAL B 245 26.76 32.59 23.85
N HIS B 246 26.27 31.66 23.07
CA HIS B 246 26.19 31.85 21.61
C HIS B 246 24.86 32.41 21.11
N GLY B 247 23.84 32.40 21.95
CA GLY B 247 22.58 33.06 21.57
C GLY B 247 21.46 32.75 22.55
N LEU B 248 20.23 32.96 22.08
CA LEU B 248 19.05 32.69 22.84
C LEU B 248 18.22 31.59 22.17
N ALA B 249 17.73 30.67 22.99
CA ALA B 249 16.76 29.64 22.59
C ALA B 249 15.35 30.09 22.96
N PHE B 250 14.40 29.73 22.11
CA PHE B 250 13.00 30.07 22.25
C PHE B 250 12.13 28.83 22.16
N TRP B 251 11.10 28.80 23.00
CA TRP B 251 9.99 27.86 22.82
C TRP B 251 8.71 28.49 23.37
N PHE B 252 7.61 27.76 23.31
CA PHE B 252 6.35 28.33 23.79
C PHE B 252 5.39 27.28 24.32
N ASP B 253 4.47 27.73 25.16
CA ASP B 253 3.44 26.89 25.74
C ASP B 253 2.11 27.65 25.56
N VAL B 254 1.02 26.90 25.39
CA VAL B 254 -0.31 27.47 25.47
C VAL B 254 -1.10 26.68 26.52
N ALA B 255 -2.03 27.36 27.17
CA ALA B 255 -2.87 26.75 28.21
C ALA B 255 -4.32 26.93 27.80
N PHE B 256 -5.08 25.83 27.92
CA PHE B 256 -6.52 25.82 27.72
C PHE B 256 -7.13 25.84 29.12
N ILE B 257 -7.55 27.03 29.55
CA ILE B 257 -8.07 27.22 30.90
C ILE B 257 -9.59 27.01 30.84
N GLY B 258 -10.01 25.79 31.15
CA GLY B 258 -11.43 25.43 31.12
C GLY B 258 -12.04 25.47 32.51
N SER B 259 -13.33 25.22 32.57
CA SER B 259 -14.08 25.17 33.84
C SER B 259 -13.69 23.99 34.73
N ILE B 260 -13.42 22.84 34.12
CA ILE B 260 -13.07 21.62 34.85
C ILE B 260 -11.57 21.55 35.14
N MET B 261 -10.73 21.90 34.16
CA MET B 261 -9.27 21.80 34.36
C MET B 261 -8.53 22.66 33.32
N THR B 262 -7.27 22.95 33.63
CA THR B 262 -6.36 23.63 32.73
C THR B 262 -5.46 22.57 32.10
N VAL B 263 -5.40 22.56 30.77
CA VAL B 263 -4.59 21.62 30.02
C VAL B 263 -3.52 22.42 29.29
N TRP B 264 -2.27 21.97 29.33
CA TRP B 264 -1.14 22.65 28.66
C TRP B 264 -0.66 21.91 27.42
N LEU B 265 -0.38 22.65 26.34
CA LEU B 265 0.39 22.16 25.19
C LEU B 265 1.74 22.88 25.20
N SER B 266 2.82 22.11 25.38
CA SER B 266 4.17 22.67 25.49
C SER B 266 5.07 22.23 24.34
N THR B 267 5.87 23.17 23.84
CA THR B 267 6.90 22.87 22.82
C THR B 267 8.30 22.99 23.42
N ALA B 268 8.40 22.85 24.74
CA ALA B 268 9.66 23.02 25.43
C ALA B 268 10.61 21.86 25.12
N PRO B 269 11.94 22.11 25.20
CA PRO B 269 12.94 21.04 24.94
C PRO B 269 12.98 19.92 26.01
N THR B 270 12.39 20.18 27.16
CA THR B 270 12.15 19.16 28.17
C THR B 270 10.97 18.22 27.81
N GLU B 271 10.16 18.59 26.83
CA GLU B 271 8.96 17.84 26.47
C GLU B 271 9.16 17.09 25.17
N PRO B 272 8.30 16.08 24.90
CA PRO B 272 8.36 15.37 23.63
C PRO B 272 8.25 16.34 22.45
N LEU B 273 8.91 15.99 21.37
CA LEU B 273 9.04 16.87 20.22
C LEU B 273 7.70 17.08 19.52
N THR B 274 7.43 18.31 19.12
CA THR B 274 6.29 18.66 18.29
C THR B 274 6.81 19.12 16.94
N HIS B 275 5.90 19.36 16.01
CA HIS B 275 6.29 19.84 14.69
C HIS B 275 6.87 21.28 14.69
N TRP B 276 6.72 22.00 15.79
CA TRP B 276 7.32 23.32 15.96
C TRP B 276 8.80 23.29 16.31
N TYR B 277 9.29 22.15 16.80
CA TYR B 277 10.65 22.04 17.34
C TYR B 277 10.91 23.14 18.39
N GLN B 278 12.11 23.75 18.39
CA GLN B 278 12.40 24.98 19.11
C GLN B 278 13.13 25.90 18.13
N VAL B 279 13.44 27.12 18.57
CA VAL B 279 14.10 28.11 17.69
C VAL B 279 15.29 28.72 18.43
N ARG B 280 16.43 28.85 17.74
CA ARG B 280 17.60 29.49 18.33
C ARG B 280 18.08 30.64 17.48
N CYS B 281 18.35 31.78 18.12
CA CYS B 281 18.89 32.94 17.43
C CYS B 281 20.30 33.12 17.93
N LEU B 282 21.27 33.07 17.04
CA LEU B 282 22.66 33.28 17.43
C LEU B 282 22.94 34.76 17.66
N PHE B 283 23.91 35.05 18.52
CA PHE B 283 24.51 36.38 18.57
C PHE B 283 25.61 36.46 17.53
N GLN B 284 25.81 37.67 17.00
CA GLN B 284 26.92 37.99 16.09
C GLN B 284 28.25 37.51 16.68
N SER B 285 28.47 37.89 17.93
CA SER B 285 29.67 37.59 18.63
C SER B 285 29.27 37.00 19.98
N PRO B 286 29.86 35.86 20.37
CA PRO B 286 29.46 35.25 21.64
C PRO B 286 29.86 36.08 22.84
N LEU B 287 29.23 35.82 23.97
CA LEU B 287 29.50 36.55 25.20
C LEU B 287 29.98 35.61 26.29
N PHE B 288 31.12 35.96 26.90
CA PHE B 288 31.62 35.19 28.02
C PHE B 288 30.87 35.60 29.27
N ALA B 289 30.37 34.60 30.00
CA ALA B 289 29.76 34.81 31.29
C ALA B 289 30.24 33.74 32.27
N LYS B 290 30.49 34.14 33.50
CA LYS B 290 30.80 33.19 34.57
C LYS B 290 29.52 32.88 35.36
N ALA B 291 29.49 31.71 35.99
CA ALA B 291 28.38 31.33 36.84
C ALA B 291 28.11 32.45 37.85
N GLY B 292 26.84 32.82 38.04
CA GLY B 292 26.47 33.97 38.90
C GLY B 292 26.44 35.35 38.24
N ASP B 293 27.08 35.53 37.09
CA ASP B 293 26.95 36.78 36.31
C ASP B 293 25.50 37.00 35.83
N THR B 294 25.23 38.22 35.38
N THR B 294 25.23 38.22 35.38
CA THR B 294 23.94 38.58 34.81
CA THR B 294 23.92 38.58 34.82
C THR B 294 24.04 38.94 33.34
C THR B 294 24.04 38.94 33.34
N LEU B 295 23.29 38.23 32.50
CA LEU B 295 23.17 38.52 31.08
C LEU B 295 21.82 39.21 30.88
N SER B 296 21.88 40.51 30.58
CA SER B 296 20.69 41.34 30.43
C SER B 296 20.58 41.91 29.03
N GLY B 297 19.37 42.31 28.67
CA GLY B 297 19.11 42.88 27.36
C GLY B 297 17.65 42.82 27.02
N THR B 298 17.35 43.00 25.74
CA THR B 298 15.97 42.93 25.26
CA THR B 298 15.98 43.01 25.24
C THR B 298 15.90 42.21 23.92
N CYS B 299 14.85 41.43 23.77
CA CYS B 299 14.46 40.83 22.51
C CYS B 299 13.23 41.59 22.06
N LEU B 300 13.31 42.22 20.90
CA LEU B 300 12.22 42.97 20.31
C LEU B 300 11.73 42.26 19.05
N LEU B 301 10.46 41.87 18.99
CA LEU B 301 9.91 41.28 17.79
C LEU B 301 9.05 42.32 17.16
N ILE B 302 9.40 42.72 15.94
CA ILE B 302 8.75 43.83 15.24
C ILE B 302 8.00 43.26 14.05
N ALA B 303 6.67 43.32 14.05
CA ALA B 303 5.90 42.76 12.95
C ALA B 303 6.22 43.46 11.61
N ASN B 304 6.19 42.66 10.54
CA ASN B 304 6.45 43.18 9.19
C ASN B 304 5.37 42.77 8.18
N LYS B 305 5.47 43.37 6.99
CA LYS B 305 4.48 43.17 5.93
C LYS B 305 4.58 41.81 5.21
N ARG B 306 5.51 40.94 5.63
CA ARG B 306 5.61 39.58 5.08
C ARG B 306 5.04 38.51 6.01
N GLN B 307 4.04 38.91 6.80
CA GLN B 307 3.36 38.05 7.77
C GLN B 307 4.29 37.49 8.82
N SER B 308 5.33 38.22 9.17
CA SER B 308 6.30 37.68 10.10
C SER B 308 6.88 38.80 10.98
N TYR B 309 8.05 38.55 11.56
CA TYR B 309 8.68 39.46 12.45
C TYR B 309 10.18 39.59 12.14
N ASP B 310 10.70 40.80 12.33
CA ASP B 310 12.14 41.02 12.46
C ASP B 310 12.46 40.93 13.93
N ILE B 311 13.53 40.19 14.24
CA ILE B 311 13.94 39.89 15.61
C ILE B 311 15.18 40.70 15.88
N SER B 312 15.13 41.54 16.94
CA SER B 312 16.24 42.37 17.34
C SER B 312 16.61 41.93 18.74
N ILE B 313 17.85 41.48 18.93
CA ILE B 313 18.33 41.07 20.24
C ILE B 313 19.55 41.92 20.55
N VAL B 314 19.53 42.56 21.70
CA VAL B 314 20.69 43.26 22.25
C VAL B 314 20.91 42.67 23.64
N ALA B 315 22.17 42.36 23.96
CA ALA B 315 22.52 41.66 25.19
C ALA B 315 23.90 42.04 25.70
N GLN B 316 24.04 42.02 27.02
CA GLN B 316 25.34 42.33 27.65
C GLN B 316 25.50 41.53 28.92
N VAL B 317 26.76 41.28 29.26
CA VAL B 317 27.12 40.69 30.54
C VAL B 317 27.43 41.85 31.46
N ASP B 318 26.59 42.06 32.46
CA ASP B 318 26.64 43.27 33.29
C ASP B 318 28.00 43.47 33.97
N GLN B 319 28.62 42.38 34.41
CA GLN B 319 29.89 42.44 35.15
C GLN B 319 31.07 42.91 34.28
N THR B 320 31.04 42.59 32.98
CA THR B 320 32.13 42.94 32.06
C THR B 320 31.82 44.10 31.14
N GLY B 321 30.55 44.38 30.90
CA GLY B 321 30.15 45.33 29.87
C GLY B 321 30.31 44.84 28.42
N SER B 322 30.78 43.60 28.19
CA SER B 322 30.87 43.12 26.81
C SER B 322 29.44 42.90 26.30
N LYS B 323 29.23 43.41 25.09
CA LYS B 323 27.92 43.58 24.47
C LYS B 323 27.88 42.78 23.19
N SER B 324 26.68 42.36 22.82
CA SER B 324 26.46 41.83 21.49
C SER B 324 25.02 42.02 21.06
N SER B 325 24.78 41.75 19.80
CA SER B 325 23.46 41.90 19.25
C SER B 325 23.26 40.98 18.04
N ASN B 326 22.03 40.96 17.52
CA ASN B 326 21.77 40.37 16.24
C ASN B 326 20.42 40.82 15.75
N LEU B 327 20.30 40.81 14.43
CA LEU B 327 19.06 41.08 13.73
C LEU B 327 18.73 39.84 12.95
N LEU B 328 17.53 39.31 13.13
CA LEU B 328 17.17 38.07 12.43
C LEU B 328 15.83 38.22 11.74
N ASP B 329 15.64 37.41 10.71
CA ASP B 329 14.45 37.41 9.89
C ASP B 329 13.66 36.12 10.17
N LEU B 330 12.57 36.22 10.93
CA LEU B 330 11.81 35.01 11.28
C LEU B 330 11.13 34.30 10.07
N LYS B 331 10.97 35.02 8.97
CA LYS B 331 10.43 34.51 7.72
C LYS B 331 11.45 33.65 6.95
N ASN B 332 12.73 33.68 7.34
CA ASN B 332 13.79 32.86 6.69
C ASN B 332 14.53 31.95 7.68
N PRO B 333 13.77 31.07 8.35
CA PRO B 333 14.44 30.16 9.28
C PRO B 333 15.33 29.14 8.56
N PHE B 334 16.34 28.64 9.25
CA PHE B 334 17.19 27.54 8.76
C PHE B 334 16.80 26.27 9.50
N PHE B 335 16.29 25.28 8.75
CA PHE B 335 15.92 23.97 9.33
C PHE B 335 17.15 23.05 9.38
N ARG B 336 17.67 22.83 10.58
CA ARG B 336 18.97 22.18 10.73
C ARG B 336 18.83 20.67 10.92
C SER C 6 -21.89 -30.13 5.37
N ALA C 7 -22.79 -30.96 5.90
CA ALA C 7 -22.41 -32.05 6.81
C ALA C 7 -21.87 -33.29 6.09
N VAL C 8 -22.33 -33.51 4.86
CA VAL C 8 -21.85 -34.64 4.05
C VAL C 8 -20.40 -34.39 3.63
N GLN C 9 -20.13 -33.24 3.03
CA GLN C 9 -18.75 -32.82 2.74
C GLN C 9 -17.88 -32.92 4.01
N TYR C 10 -18.43 -32.47 5.15
CA TYR C 10 -17.70 -32.46 6.44
C TYR C 10 -17.21 -33.86 6.79
N PHE C 11 -18.11 -34.84 6.80
CA PHE C 11 -17.72 -36.20 7.14
C PHE C 11 -16.92 -36.90 6.06
N GLN C 12 -17.18 -36.59 4.80
CA GLN C 12 -16.34 -37.10 3.71
C GLN C 12 -14.87 -36.74 3.85
N PHE C 13 -14.61 -35.48 4.16
CA PHE C 13 -13.24 -35.02 4.40
C PHE C 13 -12.49 -35.89 5.43
N TYR C 14 -13.13 -36.09 6.58
CA TYR C 14 -12.54 -36.88 7.66
C TYR C 14 -12.51 -38.38 7.37
N GLY C 15 -13.23 -38.80 6.33
CA GLY C 15 -13.13 -40.18 5.85
C GLY C 15 -11.87 -40.45 5.03
N TYR C 16 -11.08 -39.42 4.70
CA TYR C 16 -9.81 -39.65 4.01
C TYR C 16 -8.69 -40.00 4.97
N LEU C 17 -8.04 -41.14 4.74
CA LEU C 17 -6.88 -41.53 5.53
C LEU C 17 -5.81 -40.44 5.53
N SER C 18 -5.64 -39.75 4.39
CA SER C 18 -4.66 -38.66 4.32
C SER C 18 -4.96 -37.57 5.32
N GLN C 19 -6.24 -37.28 5.56
CA GLN C 19 -6.58 -36.24 6.54
C GLN C 19 -6.43 -36.68 7.99
N GLN C 20 -6.70 -37.96 8.25
CA GLN C 20 -6.44 -38.52 9.57
CA GLN C 20 -6.44 -38.52 9.57
C GLN C 20 -4.94 -38.54 9.82
N GLN C 21 -4.17 -38.90 8.79
CA GLN C 21 -2.72 -38.87 8.88
C GLN C 21 -2.19 -37.49 9.27
N ASN C 22 -2.73 -36.46 8.63
CA ASN C 22 -2.33 -35.08 8.89
C ASN C 22 -2.43 -34.71 10.38
N MET C 23 -3.50 -35.15 11.02
CA MET C 23 -3.67 -34.91 12.48
C MET C 23 -2.74 -35.81 13.32
N MET C 24 -2.66 -37.07 12.92
CA MET C 24 -1.84 -38.03 13.64
C MET C 24 -0.37 -37.58 13.71
N GLN C 25 0.14 -37.09 12.57
N GLN C 25 0.16 -37.11 12.58
CA GLN C 25 1.54 -36.67 12.45
CA GLN C 25 1.55 -36.68 12.46
C GLN C 25 1.85 -35.34 13.14
C GLN C 25 1.86 -35.33 13.14
N ASP C 26 0.84 -34.67 13.68
CA ASP C 26 1.05 -33.51 14.52
C ASP C 26 1.49 -34.11 15.87
N TYR C 27 2.81 -34.19 16.06
CA TYR C 27 3.38 -34.89 17.21
C TYR C 27 3.08 -34.19 18.53
N VAL C 28 3.03 -32.86 18.52
CA VAL C 28 2.66 -32.10 19.72
C VAL C 28 1.23 -32.48 20.13
N ARG C 29 0.31 -32.46 19.18
CA ARG C 29 -1.08 -32.84 19.42
C ARG C 29 -1.19 -34.31 19.89
N THR C 30 -0.73 -35.25 19.07
CA THR C 30 -0.94 -36.67 19.36
C THR C 30 -0.15 -37.11 20.61
N GLY C 31 1.08 -36.63 20.74
CA GLY C 31 1.92 -36.95 21.88
C GLY C 31 1.41 -36.37 23.19
N THR C 32 0.84 -35.17 23.12
CA THR C 32 0.29 -34.54 24.33
C THR C 32 -0.98 -35.28 24.78
N TYR C 33 -1.83 -35.65 23.82
CA TYR C 33 -3.00 -36.50 24.15
C TYR C 33 -2.55 -37.80 24.81
N GLN C 34 -1.54 -38.44 24.24
CA GLN C 34 -1.04 -39.69 24.82
C GLN C 34 -0.52 -39.47 26.25
N ARG C 35 0.26 -38.41 26.44
N ARG C 35 0.27 -38.42 26.46
CA ARG C 35 0.78 -38.04 27.77
CA ARG C 35 0.76 -38.10 27.80
C ARG C 35 -0.35 -37.80 28.77
C ARG C 35 -0.37 -37.82 28.79
N ALA C 36 -1.36 -37.03 28.37
CA ALA C 36 -2.51 -36.73 29.22
C ALA C 36 -3.22 -37.99 29.72
N ILE C 37 -3.38 -38.97 28.83
CA ILE C 37 -4.12 -40.19 29.13
C ILE C 37 -3.26 -41.16 29.94
N LEU C 38 -2.04 -41.44 29.47
CA LEU C 38 -1.19 -42.40 30.17
C LEU C 38 -0.72 -41.90 31.54
N GLN C 39 -0.42 -40.62 31.67
CA GLN C 39 0.02 -40.07 32.96
C GLN C 39 -1.11 -40.00 33.97
N ASN C 40 -2.34 -39.96 33.47
CA ASN C 40 -3.56 -40.05 34.30
C ASN C 40 -4.20 -41.43 34.15
N HIS C 41 -3.38 -42.48 34.17
CA HIS C 41 -3.83 -43.87 34.05
C HIS C 41 -4.94 -44.26 35.03
N THR C 42 -4.94 -43.64 36.20
CA THR C 42 -5.98 -43.89 37.21
C THR C 42 -7.39 -43.46 36.75
N ASP C 43 -7.46 -42.50 35.84
CA ASP C 43 -8.73 -42.07 35.29
C ASP C 43 -9.26 -42.97 34.19
N PHE C 44 -8.44 -43.93 33.76
CA PHE C 44 -8.83 -44.95 32.78
C PHE C 44 -8.86 -46.38 33.29
N LYS C 45 -8.09 -46.72 34.34
CA LYS C 45 -7.98 -48.09 34.81
C LYS C 45 -9.37 -48.68 35.13
N ASP C 46 -9.75 -49.74 34.41
CA ASP C 46 -11.04 -50.44 34.56
C ASP C 46 -12.26 -49.57 34.33
N LYS C 47 -12.10 -48.46 33.59
CA LYS C 47 -13.16 -47.52 33.31
C LYS C 47 -13.84 -47.79 31.97
N ILE C 48 -15.04 -47.24 31.87
CA ILE C 48 -15.82 -47.16 30.66
C ILE C 48 -15.56 -45.77 30.07
N VAL C 49 -15.18 -45.75 28.80
CA VAL C 49 -14.73 -44.56 28.11
C VAL C 49 -15.58 -44.35 26.87
N LEU C 50 -15.85 -43.08 26.57
CA LEU C 50 -16.38 -42.69 25.27
C LEU C 50 -15.38 -41.80 24.53
N ASP C 51 -15.01 -42.17 23.31
CA ASP C 51 -14.21 -41.33 22.38
C ASP C 51 -15.13 -40.71 21.34
N VAL C 52 -15.34 -39.40 21.42
CA VAL C 52 -16.25 -38.72 20.53
C VAL C 52 -15.46 -38.34 19.26
N GLY C 53 -15.76 -39.02 18.16
CA GLY C 53 -15.10 -38.75 16.89
C GLY C 53 -13.75 -39.41 16.83
N CYS C 54 -13.74 -40.74 16.86
CA CYS C 54 -12.51 -41.49 17.07
C CYS C 54 -11.54 -41.44 15.88
N GLY C 55 -12.02 -41.14 14.67
CA GLY C 55 -11.15 -41.11 13.50
C GLY C 55 -10.50 -42.46 13.33
N SER C 56 -9.16 -42.48 13.30
CA SER C 56 -8.37 -43.74 13.23
C SER C 56 -8.57 -44.67 14.42
N GLY C 57 -9.04 -44.11 15.55
CA GLY C 57 -9.15 -44.83 16.79
C GLY C 57 -8.04 -44.46 17.76
N ILE C 58 -7.10 -43.64 17.30
CA ILE C 58 -5.85 -43.38 18.02
C ILE C 58 -6.04 -43.08 19.53
N LEU C 59 -7.00 -42.22 19.89
CA LEU C 59 -7.17 -41.86 21.32
C LEU C 59 -7.76 -43.02 22.11
N SER C 60 -8.58 -43.84 21.45
CA SER C 60 -9.12 -45.04 22.05
C SER C 60 -8.03 -46.07 22.33
N PHE C 61 -7.04 -46.16 21.44
CA PHE C 61 -5.86 -47.00 21.73
C PHE C 61 -5.11 -46.51 22.96
N PHE C 62 -4.98 -45.19 23.12
CA PHE C 62 -4.33 -44.64 24.30
C PHE C 62 -5.12 -45.00 25.57
N ALA C 63 -6.45 -44.88 25.52
CA ALA C 63 -7.30 -45.29 26.63
C ALA C 63 -7.13 -46.79 26.97
N ALA C 64 -7.00 -47.62 25.94
CA ALA C 64 -6.73 -49.05 26.15
C ALA C 64 -5.37 -49.30 26.79
N GLN C 65 -4.35 -48.60 26.31
CA GLN C 65 -3.01 -48.62 26.91
C GLN C 65 -3.01 -48.26 28.40
N ALA C 66 -3.83 -47.25 28.74
CA ALA C 66 -4.02 -46.78 30.13
C ALA C 66 -4.94 -47.67 30.99
N GLY C 67 -5.41 -48.79 30.45
CA GLY C 67 -6.10 -49.83 31.22
C GLY C 67 -7.62 -49.79 31.18
N ALA C 68 -8.20 -49.06 30.23
CA ALA C 68 -9.68 -49.00 30.20
C ALA C 68 -10.27 -50.39 29.98
N ARG C 69 -11.41 -50.64 30.64
CA ARG C 69 -12.17 -51.86 30.51
C ARG C 69 -12.93 -51.91 29.18
N LYS C 70 -13.60 -50.82 28.84
CA LYS C 70 -14.40 -50.76 27.61
C LYS C 70 -14.47 -49.35 27.06
N ILE C 71 -14.18 -49.21 25.76
CA ILE C 71 -14.14 -47.91 25.12
C ILE C 71 -15.12 -47.87 23.94
N TYR C 72 -16.08 -46.96 23.97
CA TYR C 72 -17.02 -46.80 22.88
C TYR C 72 -16.41 -45.75 22.00
N ALA C 73 -16.02 -46.14 20.80
CA ALA C 73 -15.36 -45.24 19.87
C ALA C 73 -16.33 -44.79 18.77
N VAL C 74 -16.93 -43.62 18.95
CA VAL C 74 -17.99 -43.14 18.09
C VAL C 74 -17.41 -42.37 16.88
N GLU C 75 -17.84 -42.71 15.68
CA GLU C 75 -17.33 -42.03 14.48
C GLU C 75 -18.37 -42.01 13.36
N ALA C 76 -18.66 -40.81 12.83
CA ALA C 76 -19.75 -40.61 11.86
C ALA C 76 -19.29 -40.80 10.41
N SER C 77 -17.99 -40.67 10.14
CA SER C 77 -17.47 -40.83 8.77
C SER C 77 -17.20 -42.29 8.47
N THR C 78 -16.91 -42.57 7.21
CA THR C 78 -16.49 -43.91 6.81
C THR C 78 -15.17 -44.35 7.44
N MET C 79 -14.42 -43.42 8.05
CA MET C 79 -13.26 -43.78 8.86
C MET C 79 -13.58 -44.82 9.95
N ALA C 80 -14.84 -44.89 10.39
CA ALA C 80 -15.24 -45.90 11.35
C ALA C 80 -14.83 -47.32 10.94
N GLN C 81 -14.95 -47.63 9.64
N GLN C 81 -14.95 -47.64 9.65
CA GLN C 81 -14.60 -48.96 9.13
CA GLN C 81 -14.59 -48.97 9.14
C GLN C 81 -13.08 -49.23 9.22
C GLN C 81 -13.09 -49.22 9.24
N HIS C 82 -12.27 -48.20 9.01
CA HIS C 82 -10.80 -48.32 9.09
C HIS C 82 -10.37 -48.48 10.55
N ALA C 83 -11.03 -47.77 11.45
CA ALA C 83 -10.78 -47.94 12.89
C ALA C 83 -11.09 -49.38 13.31
N GLU C 84 -12.19 -49.94 12.82
CA GLU C 84 -12.52 -51.32 13.19
C GLU C 84 -11.45 -52.30 12.70
N VAL C 85 -10.92 -52.05 11.51
CA VAL C 85 -9.81 -52.86 10.96
C VAL C 85 -8.61 -52.83 11.93
N LEU C 86 -8.29 -51.63 12.44
CA LEU C 86 -7.20 -51.46 13.40
C LEU C 86 -7.45 -52.12 14.74
N VAL C 87 -8.68 -52.01 15.25
CA VAL C 87 -9.03 -52.69 16.49
C VAL C 87 -8.76 -54.19 16.37
N LYS C 88 -9.18 -54.80 15.27
CA LYS C 88 -8.96 -56.21 15.06
C LYS C 88 -7.49 -56.56 14.86
N SER C 89 -6.78 -55.76 14.07
CA SER C 89 -5.38 -56.06 13.77
C SER C 89 -4.48 -55.85 15.00
N ASN C 90 -4.92 -55.01 15.93
CA ASN C 90 -4.22 -54.84 17.20
C ASN C 90 -4.76 -55.72 18.35
N ASN C 91 -5.66 -56.66 18.03
CA ASN C 91 -6.18 -57.64 19.00
C ASN C 91 -6.81 -56.97 20.23
N LEU C 92 -7.61 -55.94 19.98
CA LEU C 92 -8.28 -55.18 21.05
C LEU C 92 -9.80 -55.22 20.93
N THR C 93 -10.31 -56.29 20.31
CA THR C 93 -11.75 -56.46 20.17
C THR C 93 -12.48 -56.57 21.53
N ASP C 94 -11.78 -57.04 22.55
CA ASP C 94 -12.38 -57.15 23.88
C ASP C 94 -12.51 -55.81 24.61
N ARG C 95 -11.87 -54.75 24.12
CA ARG C 95 -11.77 -53.47 24.83
C ARG C 95 -12.31 -52.26 24.07
N ILE C 96 -12.19 -52.22 22.74
CA ILE C 96 -12.57 -51.02 21.97
C ILE C 96 -13.72 -51.42 21.06
N VAL C 97 -14.82 -50.70 21.18
CA VAL C 97 -16.01 -50.95 20.41
C VAL C 97 -16.31 -49.75 19.52
N VAL C 98 -16.08 -49.92 18.23
CA VAL C 98 -16.39 -48.87 17.29
C VAL C 98 -17.91 -48.81 17.13
N ILE C 99 -18.45 -47.59 17.21
CA ILE C 99 -19.88 -47.33 17.10
C ILE C 99 -20.04 -46.34 15.93
N PRO C 100 -20.41 -46.85 14.75
CA PRO C 100 -20.59 -45.96 13.62
C PRO C 100 -21.82 -45.04 13.78
N GLY C 101 -21.62 -43.76 13.48
CA GLY C 101 -22.69 -42.74 13.46
C GLY C 101 -22.34 -41.47 14.22
N LYS C 102 -23.30 -40.53 14.26
CA LYS C 102 -23.16 -39.26 14.94
C LYS C 102 -23.41 -39.48 16.41
N VAL C 103 -22.58 -38.87 17.25
CA VAL C 103 -22.71 -39.05 18.70
C VAL C 103 -24.07 -38.56 19.23
N GLU C 104 -24.66 -37.62 18.50
CA GLU C 104 -26.01 -37.11 18.77
C GLU C 104 -27.13 -38.11 18.50
N GLU C 105 -26.86 -39.17 17.75
CA GLU C 105 -27.87 -40.08 17.26
C GLU C 105 -27.74 -41.52 17.75
N VAL C 106 -26.53 -41.98 17.98
CA VAL C 106 -26.31 -43.39 18.34
C VAL C 106 -26.82 -43.76 19.74
N SER C 107 -26.96 -45.06 19.99
CA SER C 107 -27.24 -45.59 21.32
C SER C 107 -25.99 -46.24 21.86
N LEU C 108 -25.65 -45.96 23.11
CA LEU C 108 -24.60 -46.70 23.80
C LEU C 108 -25.29 -47.57 24.82
N PRO C 109 -24.73 -48.75 25.13
CA PRO C 109 -25.42 -49.62 26.10
C PRO C 109 -25.36 -49.16 27.55
N GLU C 110 -24.50 -48.19 27.87
CA GLU C 110 -24.28 -47.81 29.27
C GLU C 110 -23.70 -46.42 29.36
N GLN C 111 -23.71 -45.87 30.56
CA GLN C 111 -23.08 -44.58 30.82
C GLN C 111 -21.60 -44.80 31.00
N VAL C 112 -20.83 -43.73 30.81
CA VAL C 112 -19.38 -43.80 30.85
C VAL C 112 -18.77 -42.97 31.98
N ASP C 113 -17.56 -43.37 32.35
CA ASP C 113 -16.78 -42.72 33.42
C ASP C 113 -16.02 -41.47 32.93
N ILE C 114 -15.70 -41.44 31.65
CA ILE C 114 -14.84 -40.40 31.11
C ILE C 114 -15.08 -40.32 29.61
N ILE C 115 -15.14 -39.10 29.11
CA ILE C 115 -15.24 -38.82 27.69
C ILE C 115 -13.91 -38.22 27.26
N ILE C 116 -13.36 -38.77 26.18
CA ILE C 116 -12.19 -38.20 25.53
C ILE C 116 -12.54 -37.74 24.13
N SER C 117 -11.90 -36.66 23.66
CA SER C 117 -12.10 -36.20 22.30
C SER C 117 -11.02 -35.23 21.86
N GLU C 118 -10.77 -35.18 20.57
CA GLU C 118 -10.11 -34.04 19.96
C GLU C 118 -11.06 -33.32 18.98
N PRO C 119 -11.81 -32.32 19.49
CA PRO C 119 -12.79 -31.60 18.66
C PRO C 119 -12.44 -30.14 18.36
N MET C 120 -11.19 -29.75 18.57
CA MET C 120 -10.84 -28.35 18.48
C MET C 120 -10.58 -27.96 17.03
N GLY C 121 -11.20 -26.85 16.60
CA GLY C 121 -10.95 -26.29 15.28
C GLY C 121 -10.07 -25.06 15.43
N TYR C 122 -9.86 -24.35 14.32
CA TYR C 122 -9.16 -23.06 14.38
C TYR C 122 -9.92 -22.13 15.31
N MET C 123 -9.17 -21.32 16.07
CA MET C 123 -9.74 -20.43 17.07
C MET C 123 -10.59 -21.19 18.07
N LEU C 124 -10.20 -22.44 18.34
CA LEU C 124 -10.91 -23.38 19.20
C LEU C 124 -12.26 -23.85 18.64
N PHE C 125 -13.13 -22.91 18.25
CA PHE C 125 -14.54 -23.21 18.01
C PHE C 125 -14.92 -23.63 16.61
N ASN C 126 -14.06 -23.38 15.62
CA ASN C 126 -14.45 -23.65 14.24
C ASN C 126 -14.82 -25.12 14.06
N GLU C 127 -15.80 -25.38 13.19
CA GLU C 127 -16.38 -26.70 12.90
C GLU C 127 -17.53 -27.06 13.83
N ARG C 128 -17.64 -26.37 14.96
CA ARG C 128 -18.69 -26.60 15.96
C ARG C 128 -18.68 -27.99 16.59
N MET C 129 -17.55 -28.71 16.51
CA MET C 129 -17.49 -30.05 17.07
C MET C 129 -17.48 -30.02 18.61
N LEU C 130 -17.09 -28.89 19.23
CA LEU C 130 -17.22 -28.82 20.69
C LEU C 130 -18.67 -29.04 21.13
N GLU C 131 -19.64 -28.67 20.31
CA GLU C 131 -21.05 -28.92 20.67
C GLU C 131 -21.40 -30.39 20.69
N SER C 132 -20.80 -31.16 19.80
CA SER C 132 -20.95 -32.61 19.83
C SER C 132 -20.29 -33.18 21.09
N TYR C 133 -19.11 -32.68 21.44
CA TYR C 133 -18.39 -33.12 22.65
C TYR C 133 -19.23 -32.88 23.91
N LEU C 134 -19.79 -31.67 24.03
CA LEU C 134 -20.66 -31.34 25.15
C LEU C 134 -21.97 -32.12 25.12
N HIS C 135 -22.55 -32.30 23.94
CA HIS C 135 -23.78 -33.12 23.79
C HIS C 135 -23.61 -34.52 24.38
N ALA C 136 -22.44 -35.09 24.12
CA ALA C 136 -22.07 -36.43 24.58
C ALA C 136 -22.11 -36.62 26.09
N LYS C 137 -22.10 -35.53 26.84
CA LYS C 137 -22.30 -35.56 28.32
C LYS C 137 -23.61 -36.19 28.81
N LYS C 138 -24.60 -36.31 27.94
CA LYS C 138 -25.75 -37.17 28.24
C LYS C 138 -25.39 -38.62 28.61
N TYR C 139 -24.24 -39.11 28.14
CA TYR C 139 -23.73 -40.42 28.50
C TYR C 139 -22.77 -40.43 29.69
N LEU C 140 -22.46 -39.27 30.25
CA LEU C 140 -21.40 -39.18 31.27
C LEU C 140 -22.02 -39.40 32.64
N LYS C 141 -21.47 -40.34 33.40
CA LYS C 141 -21.92 -40.51 34.78
C LYS C 141 -21.71 -39.20 35.58
N PRO C 142 -22.56 -38.98 36.60
CA PRO C 142 -22.30 -37.87 37.51
C PRO C 142 -20.84 -37.85 38.01
N SER C 143 -20.25 -36.67 38.04
CA SER C 143 -18.84 -36.46 38.40
C SER C 143 -17.84 -37.19 37.49
N GLY C 144 -18.27 -37.58 36.29
CA GLY C 144 -17.37 -38.11 35.28
C GLY C 144 -16.39 -37.06 34.77
N ASN C 145 -15.28 -37.47 34.18
N ASN C 145 -15.35 -37.57 34.10
CA ASN C 145 -14.33 -36.46 33.72
CA ASN C 145 -14.22 -36.78 33.61
C ASN C 145 -14.48 -36.29 32.24
C ASN C 145 -14.46 -36.34 32.17
N MET C 146 -13.88 -35.21 31.77
CA MET C 146 -13.81 -34.88 30.38
CA MET C 146 -13.85 -34.78 30.38
C MET C 146 -12.39 -34.49 30.04
N PHE C 147 -11.85 -35.13 29.00
CA PHE C 147 -10.48 -34.95 28.54
C PHE C 147 -10.50 -34.52 27.07
N PRO C 148 -10.33 -33.24 26.76
CA PRO C 148 -9.93 -32.16 27.66
C PRO C 148 -11.04 -31.63 28.55
N THR C 149 -10.62 -30.98 29.64
CA THR C 149 -11.50 -30.55 30.71
C THR C 149 -11.95 -29.10 30.55
N ILE C 150 -11.00 -28.23 30.19
CA ILE C 150 -11.28 -26.83 29.89
C ILE C 150 -10.57 -26.44 28.59
N GLY C 151 -11.08 -25.38 27.97
CA GLY C 151 -10.43 -24.76 26.82
C GLY C 151 -10.35 -23.27 27.05
N ASP C 152 -9.19 -22.69 26.75
CA ASP C 152 -8.96 -21.25 26.91
C ASP C 152 -8.69 -20.68 25.53
N VAL C 153 -9.44 -19.65 25.16
CA VAL C 153 -9.11 -18.87 23.97
C VAL C 153 -8.40 -17.59 24.42
N HIS C 154 -7.26 -17.32 23.78
CA HIS C 154 -6.48 -16.13 24.02
C HIS C 154 -6.57 -15.20 22.81
N LEU C 155 -6.68 -13.89 23.08
CA LEU C 155 -6.62 -12.87 22.05
C LEU C 155 -5.76 -11.70 22.52
N ALA C 156 -4.93 -11.20 21.60
CA ALA C 156 -4.05 -10.04 21.85
C ALA C 156 -3.93 -9.19 20.59
N PRO C 157 -3.80 -7.86 20.74
CA PRO C 157 -3.54 -7.00 19.57
C PRO C 157 -2.15 -7.19 19.00
N PHE C 158 -2.02 -7.07 17.67
CA PHE C 158 -0.73 -7.24 17.03
C PHE C 158 -0.47 -6.15 16.01
N THR C 159 0.81 -6.01 15.71
CA THR C 159 1.29 -5.12 14.66
C THR C 159 2.00 -5.98 13.62
N ASP C 160 1.54 -5.92 12.38
CA ASP C 160 2.23 -6.56 11.27
C ASP C 160 1.93 -5.83 9.97
N GLU C 161 2.76 -4.83 9.65
CA GLU C 161 2.55 -4.00 8.46
C GLU C 161 2.65 -4.82 7.17
N GLN C 162 3.59 -5.77 7.14
CA GLN C 162 3.77 -6.65 5.96
C GLN C 162 2.52 -7.46 5.66
N LEU C 163 1.94 -8.09 6.69
CA LEU C 163 0.67 -8.81 6.52
C LEU C 163 -0.43 -7.88 6.05
N TYR C 164 -0.59 -6.75 6.75
CA TYR C 164 -1.64 -5.80 6.38
C TYR C 164 -1.51 -5.36 4.91
N MET C 165 -0.27 -5.02 4.51
CA MET C 165 -0.02 -4.57 3.12
C MET C 165 -0.23 -5.66 2.07
N GLU C 166 0.07 -6.92 2.40
CA GLU C 166 -0.22 -8.05 1.50
C GLU C 166 -1.70 -8.16 1.17
N GLN C 167 -2.53 -8.10 2.20
CA GLN C 167 -3.98 -8.23 2.03
C GLN C 167 -4.55 -6.98 1.38
N PHE C 168 -4.03 -5.83 1.75
CA PHE C 168 -4.47 -4.56 1.15
C PHE C 168 -4.17 -4.53 -0.33
N THR C 169 -2.97 -4.97 -0.71
CA THR C 169 -2.52 -4.99 -2.11
C THR C 169 -3.40 -5.90 -2.98
N LYS C 170 -3.75 -7.08 -2.45
CA LYS C 170 -4.70 -7.96 -3.14
C LYS C 170 -6.03 -7.27 -3.37
N ALA C 171 -6.61 -6.71 -2.31
CA ALA C 171 -7.88 -5.97 -2.44
C ALA C 171 -7.75 -4.83 -3.45
N ASN C 172 -6.57 -4.19 -3.51
CA ASN C 172 -6.35 -3.04 -4.38
C ASN C 172 -6.23 -3.35 -5.86
N PHE C 173 -6.24 -4.62 -6.23
CA PHE C 173 -6.52 -5.02 -7.61
C PHE C 173 -7.81 -4.36 -8.10
N TRP C 174 -8.80 -4.25 -7.22
CA TRP C 174 -10.09 -3.64 -7.54
C TRP C 174 -10.13 -2.11 -7.38
N TYR C 175 -8.97 -1.49 -7.23
CA TYR C 175 -8.80 -0.03 -7.30
C TYR C 175 -8.35 0.43 -8.70
N GLN C 176 -7.84 -0.50 -9.52
CA GLN C 176 -7.40 -0.22 -10.90
C GLN C 176 -8.46 0.52 -11.73
N PRO C 177 -8.09 1.68 -12.30
CA PRO C 177 -9.02 2.39 -13.19
C PRO C 177 -9.02 1.92 -14.65
N SER C 178 -8.08 1.06 -15.05
CA SER C 178 -7.99 0.60 -16.42
C SER C 178 -7.39 -0.79 -16.60
N PHE C 179 -8.00 -1.78 -15.95
CA PHE C 179 -7.63 -3.18 -16.13
C PHE C 179 -8.05 -3.64 -17.53
N HIS C 180 -7.10 -3.83 -18.43
CA HIS C 180 -7.39 -4.11 -19.83
C HIS C 180 -8.46 -3.11 -20.37
N GLY C 181 -8.33 -1.84 -20.02
CA GLY C 181 -9.31 -0.81 -20.41
C GLY C 181 -10.53 -0.64 -19.53
N VAL C 182 -10.69 -1.47 -18.50
CA VAL C 182 -11.91 -1.47 -17.66
C VAL C 182 -11.65 -0.83 -16.30
N ASP C 183 -12.51 0.11 -15.92
CA ASP C 183 -12.46 0.71 -14.59
C ASP C 183 -13.10 -0.24 -13.56
N LEU C 184 -12.27 -0.78 -12.66
CA LEU C 184 -12.73 -1.71 -11.63
C LEU C 184 -13.04 -0.98 -10.32
N SER C 185 -12.67 0.31 -10.25
CA SER C 185 -12.55 1.01 -8.97
C SER C 185 -13.85 1.13 -8.17
N ALA C 186 -15.01 1.06 -8.83
CA ALA C 186 -16.28 1.05 -8.10
C ALA C 186 -16.40 -0.13 -7.10
N LEU C 187 -15.68 -1.23 -7.35
CA LEU C 187 -15.69 -2.37 -6.41
C LEU C 187 -14.58 -2.37 -5.34
N ARG C 188 -13.78 -1.28 -5.27
CA ARG C 188 -12.71 -1.09 -4.25
C ARG C 188 -13.16 -1.52 -2.86
N GLY C 189 -14.23 -0.89 -2.38
CA GLY C 189 -14.78 -1.14 -1.05
C GLY C 189 -15.25 -2.58 -0.84
N ALA C 190 -16.05 -3.07 -1.77
CA ALA C 190 -16.51 -4.47 -1.75
C ALA C 190 -15.34 -5.45 -1.62
N ALA C 191 -14.25 -5.19 -2.34
CA ALA C 191 -13.05 -6.04 -2.30
C ALA C 191 -12.34 -6.00 -0.96
N VAL C 192 -12.17 -4.79 -0.40
CA VAL C 192 -11.57 -4.66 0.93
C VAL C 192 -12.43 -5.41 1.96
N ASP C 193 -13.74 -5.18 1.94
CA ASP C 193 -14.67 -5.93 2.80
C ASP C 193 -14.43 -7.44 2.70
N GLU C 194 -14.40 -7.96 1.47
CA GLU C 194 -14.24 -9.39 1.25
C GLU C 194 -12.91 -9.93 1.78
N TYR C 195 -11.81 -9.32 1.36
CA TYR C 195 -10.50 -9.83 1.76
C TYR C 195 -10.28 -9.74 3.26
N PHE C 196 -10.71 -8.65 3.87
CA PHE C 196 -10.49 -8.46 5.31
C PHE C 196 -11.46 -9.27 6.17
N ARG C 197 -12.46 -9.86 5.53
CA ARG C 197 -13.28 -10.89 6.18
C ARG C 197 -12.56 -12.22 6.41
N GLN C 198 -11.43 -12.45 5.75
CA GLN C 198 -10.71 -13.72 5.88
C GLN C 198 -9.77 -13.68 7.06
N PRO C 199 -9.98 -14.55 8.07
CA PRO C 199 -8.96 -14.73 9.08
C PRO C 199 -7.71 -15.37 8.48
N VAL C 200 -6.54 -14.95 8.97
CA VAL C 200 -5.28 -15.40 8.44
C VAL C 200 -4.72 -16.48 9.37
N VAL C 201 -4.53 -17.68 8.83
CA VAL C 201 -4.01 -18.81 9.60
C VAL C 201 -2.55 -18.97 9.21
N ASP C 202 -1.65 -18.70 10.15
CA ASP C 202 -0.22 -18.97 10.02
C ASP C 202 0.42 -18.77 11.39
N THR C 203 1.74 -18.83 11.47
CA THR C 203 2.41 -18.55 12.73
C THR C 203 3.21 -17.25 12.65
N PHE C 204 3.59 -16.72 13.80
CA PHE C 204 4.27 -15.43 13.88
C PHE C 204 5.15 -15.35 15.11
N ASP C 205 6.09 -14.40 15.09
CA ASP C 205 6.96 -14.15 16.24
C ASP C 205 6.16 -13.43 17.30
N ILE C 206 6.31 -13.82 18.56
CA ILE C 206 5.59 -13.14 19.67
C ILE C 206 5.89 -11.64 19.84
N ARG C 207 7.03 -11.19 19.31
CA ARG C 207 7.39 -9.76 19.15
C ARG C 207 6.28 -8.87 18.60
N ILE C 208 5.47 -9.39 17.69
CA ILE C 208 4.39 -8.59 17.10
C ILE C 208 3.23 -8.27 18.04
N LEU C 209 3.14 -8.95 19.19
CA LEU C 209 2.06 -8.71 20.13
C LEU C 209 2.30 -7.41 20.93
N MET C 210 1.25 -6.59 21.04
N MET C 210 1.26 -6.59 21.03
CA MET C 210 1.33 -5.25 21.63
CA MET C 210 1.33 -5.24 21.62
C MET C 210 0.82 -5.17 23.05
C MET C 210 0.72 -5.13 23.02
N ALA C 211 0.20 -6.23 23.55
CA ALA C 211 -0.36 -6.25 24.90
C ALA C 211 -0.50 -7.69 25.35
N LYS C 212 -0.67 -7.85 26.66
CA LYS C 212 -0.94 -9.14 27.28
C LYS C 212 -2.30 -9.65 26.79
N SER C 213 -2.38 -10.95 26.49
CA SER C 213 -3.63 -11.53 26.00
C SER C 213 -4.76 -11.49 27.03
N VAL C 214 -6.00 -11.44 26.54
CA VAL C 214 -7.14 -11.69 27.41
CA VAL C 214 -7.21 -11.64 27.34
C VAL C 214 -7.60 -13.11 27.12
N LYS C 215 -8.10 -13.77 28.15
CA LYS C 215 -8.41 -15.22 28.11
C LYS C 215 -9.89 -15.41 28.33
N TYR C 216 -10.52 -16.20 27.45
CA TYR C 216 -11.90 -16.64 27.62
C TYR C 216 -11.85 -18.14 27.83
N THR C 217 -12.43 -18.61 28.94
CA THR C 217 -12.40 -20.03 29.31
C THR C 217 -13.76 -20.70 29.16
N VAL C 218 -13.79 -21.86 28.51
CA VAL C 218 -14.95 -22.75 28.54
C VAL C 218 -14.61 -23.93 29.45
N ASN C 219 -15.44 -24.18 30.46
CA ASN C 219 -15.29 -25.33 31.31
C ASN C 219 -16.15 -26.45 30.74
N PHE C 220 -15.53 -27.46 30.14
CA PHE C 220 -16.30 -28.54 29.47
C PHE C 220 -17.13 -29.39 30.46
N LEU C 221 -16.75 -29.40 31.74
CA LEU C 221 -17.55 -30.09 32.75
C LEU C 221 -18.91 -29.43 32.95
N GLU C 222 -19.00 -28.12 32.73
CA GLU C 222 -20.21 -27.36 33.07
C GLU C 222 -20.95 -26.84 31.86
N ALA C 223 -20.25 -26.53 30.78
CA ALA C 223 -20.85 -25.88 29.61
C ALA C 223 -21.89 -26.78 28.91
N LYS C 224 -22.97 -26.15 28.43
CA LYS C 224 -23.97 -26.80 27.61
C LYS C 224 -23.70 -26.43 26.15
N GLU C 225 -24.11 -27.29 25.22
CA GLU C 225 -24.08 -27.05 23.77
C GLU C 225 -24.45 -25.66 23.38
N GLY C 226 -25.60 -25.25 23.91
CA GLY C 226 -26.20 -23.96 23.63
C GLY C 226 -25.36 -22.78 24.00
N ASP C 227 -24.48 -22.93 25.00
CA ASP C 227 -23.57 -21.88 25.41
C ASP C 227 -22.59 -21.48 24.31
N LEU C 228 -22.33 -22.35 23.33
CA LEU C 228 -21.38 -22.02 22.26
C LEU C 228 -22.03 -21.38 21.03
N HIS C 229 -23.35 -21.18 21.06
CA HIS C 229 -24.04 -20.56 19.92
C HIS C 229 -23.71 -19.08 19.75
N ARG C 230 -23.49 -18.40 20.88
CA ARG C 230 -23.15 -17.00 20.89
C ARG C 230 -22.13 -16.77 22.00
N ILE C 231 -20.90 -16.46 21.62
CA ILE C 231 -19.79 -16.35 22.55
C ILE C 231 -19.35 -14.90 22.55
N GLU C 232 -19.52 -14.23 23.70
CA GLU C 232 -19.15 -12.81 23.86
C GLU C 232 -17.89 -12.66 24.72
N ILE C 233 -16.86 -12.04 24.15
CA ILE C 233 -15.57 -11.88 24.80
C ILE C 233 -15.25 -10.37 24.86
N PRO C 234 -15.53 -9.72 26.01
CA PRO C 234 -15.09 -8.32 26.12
C PRO C 234 -13.60 -8.28 26.36
N PHE C 235 -12.96 -7.18 25.96
CA PHE C 235 -11.52 -7.01 26.15
C PHE C 235 -11.17 -5.56 26.49
N LYS C 236 -10.14 -5.41 27.32
CA LYS C 236 -9.47 -4.14 27.61
C LYS C 236 -7.98 -4.45 27.67
N PHE C 237 -7.26 -4.04 26.63
CA PHE C 237 -5.82 -4.25 26.58
C PHE C 237 -5.11 -2.99 27.02
N HIS C 238 -4.15 -3.15 27.92
N HIS C 238 -4.18 -3.14 27.95
CA HIS C 238 -3.27 -2.07 28.31
CA HIS C 238 -3.25 -2.06 28.30
C HIS C 238 -2.05 -2.16 27.38
C HIS C 238 -2.09 -2.19 27.34
N MET C 239 -1.94 -1.20 26.45
CA MET C 239 -0.94 -1.27 25.38
C MET C 239 0.45 -1.14 25.97
N LEU C 240 1.32 -2.08 25.62
CA LEU C 240 2.71 -2.09 26.10
C LEU C 240 3.67 -1.44 25.11
N HIS C 241 3.23 -1.22 23.87
CA HIS C 241 4.08 -0.66 22.82
C HIS C 241 3.28 0.36 22.02
N SER C 242 3.93 1.44 21.60
CA SER C 242 3.34 2.39 20.66
C SER C 242 3.43 1.83 19.23
N GLY C 243 2.37 1.97 18.46
CA GLY C 243 2.41 1.60 17.05
C GLY C 243 1.03 1.39 16.47
N LEU C 244 0.98 0.87 15.25
CA LEU C 244 -0.27 0.57 14.60
C LEU C 244 -0.78 -0.80 15.05
N VAL C 245 -2.03 -0.87 15.47
CA VAL C 245 -2.67 -2.15 15.79
C VAL C 245 -3.34 -2.62 14.50
N HIS C 246 -2.80 -3.65 13.87
CA HIS C 246 -3.37 -4.16 12.61
C HIS C 246 -4.51 -5.15 12.80
N GLY C 247 -4.73 -5.61 14.05
CA GLY C 247 -5.80 -6.56 14.33
C GLY C 247 -5.60 -7.34 15.61
N LEU C 248 -6.39 -8.41 15.79
CA LEU C 248 -6.24 -9.28 16.96
C LEU C 248 -5.74 -10.65 16.55
N ALA C 249 -4.79 -11.16 17.32
CA ALA C 249 -4.28 -12.51 17.17
C ALA C 249 -5.00 -13.43 18.16
N PHE C 250 -5.28 -14.66 17.73
CA PHE C 250 -6.01 -15.66 18.52
C PHE C 250 -5.24 -16.98 18.58
N TRP C 251 -5.22 -17.59 19.76
CA TRP C 251 -4.79 -18.98 19.90
C TRP C 251 -5.59 -19.63 21.00
N PHE C 252 -5.34 -20.91 21.23
CA PHE C 252 -6.05 -21.62 22.28
C PHE C 252 -5.22 -22.72 22.94
N ASP C 253 -5.56 -22.98 24.20
CA ASP C 253 -4.97 -24.05 25.01
C ASP C 253 -6.11 -24.90 25.49
N VAL C 254 -5.85 -26.20 25.66
CA VAL C 254 -6.76 -27.05 26.41
C VAL C 254 -5.99 -27.74 27.53
N ALA C 255 -6.68 -28.01 28.62
CA ALA C 255 -6.12 -28.68 29.80
C ALA C 255 -6.88 -29.97 30.10
N PHE C 256 -6.11 -31.03 30.37
CA PHE C 256 -6.63 -32.32 30.77
C PHE C 256 -6.38 -32.38 32.29
N ILE C 257 -7.44 -32.18 33.06
CA ILE C 257 -7.31 -32.05 34.52
C ILE C 257 -7.62 -33.40 35.10
N GLY C 258 -6.58 -34.21 35.21
CA GLY C 258 -6.70 -35.59 35.68
C GLY C 258 -6.46 -35.74 37.16
N SER C 259 -6.63 -36.95 37.68
CA SER C 259 -6.46 -37.19 39.11
C SER C 259 -4.96 -37.28 39.54
N ILE C 260 -4.05 -37.48 38.59
CA ILE C 260 -2.61 -37.48 38.86
C ILE C 260 -2.00 -36.15 38.49
N MET C 261 -2.33 -35.63 37.32
CA MET C 261 -1.80 -34.34 36.93
C MET C 261 -2.62 -33.68 35.86
N THR C 262 -2.40 -32.38 35.74
CA THR C 262 -2.96 -31.57 34.68
C THR C 262 -1.92 -31.50 33.58
N VAL C 263 -2.36 -31.82 32.37
CA VAL C 263 -1.54 -31.74 31.17
C VAL C 263 -2.16 -30.70 30.24
N TRP C 264 -1.31 -29.83 29.70
CA TRP C 264 -1.76 -28.77 28.79
C TRP C 264 -1.36 -29.06 27.33
N LEU C 265 -2.29 -28.85 26.41
CA LEU C 265 -1.96 -28.79 24.99
C LEU C 265 -2.14 -27.34 24.58
N SER C 266 -1.07 -26.67 24.19
CA SER C 266 -1.14 -25.26 23.84
C SER C 266 -0.84 -25.06 22.35
N THR C 267 -1.57 -24.15 21.70
CA THR C 267 -1.30 -23.70 20.31
C THR C 267 -0.79 -22.27 20.29
N ALA C 268 -0.19 -21.83 21.41
CA ALA C 268 0.31 -20.45 21.56
C ALA C 268 1.55 -20.21 20.71
N PRO C 269 1.76 -18.94 20.26
CA PRO C 269 2.93 -18.65 19.44
C PRO C 269 4.27 -18.81 20.16
N THR C 270 4.24 -18.90 21.49
CA THR C 270 5.42 -19.20 22.31
C THR C 270 5.75 -20.68 22.40
N GLU C 271 4.86 -21.53 21.90
CA GLU C 271 4.96 -22.98 22.01
C GLU C 271 5.26 -23.60 20.66
N PRO C 272 5.78 -24.84 20.67
CA PRO C 272 6.07 -25.51 19.40
C PRO C 272 4.83 -25.52 18.50
N LEU C 273 5.06 -25.37 17.20
CA LEU C 273 3.98 -25.28 16.23
C LEU C 273 3.14 -26.57 16.24
N THR C 274 1.84 -26.40 16.12
CA THR C 274 0.91 -27.49 15.87
C THR C 274 0.22 -27.24 14.50
N HIS C 275 -0.57 -28.20 14.06
CA HIS C 275 -1.30 -28.07 12.80
C HIS C 275 -2.39 -26.97 12.82
N TRP C 276 -2.76 -26.49 13.99
CA TRP C 276 -3.66 -25.36 14.12
C TRP C 276 -3.01 -24.01 13.85
N TYR C 277 -1.67 -23.92 13.89
CA TYR C 277 -0.96 -22.65 13.79
C TYR C 277 -1.57 -21.64 14.79
N GLN C 278 -1.79 -20.39 14.36
CA GLN C 278 -2.55 -19.38 15.10
C GLN C 278 -3.45 -18.66 14.08
N VAL C 279 -4.34 -17.80 14.57
CA VAL C 279 -5.30 -17.11 13.69
C VAL C 279 -5.26 -15.63 13.95
N ARG C 280 -5.24 -14.83 12.89
CA ARG C 280 -5.25 -13.36 13.04
C ARG C 280 -6.43 -12.75 12.30
N CYS C 281 -7.16 -11.86 12.99
CA CYS C 281 -8.25 -11.12 12.35
C CYS C 281 -7.75 -9.69 12.14
N LEU C 282 -7.58 -9.32 10.87
CA LEU C 282 -7.11 -7.99 10.50
C LEU C 282 -8.23 -6.97 10.57
N PHE C 283 -7.86 -5.74 10.94
CA PHE C 283 -8.72 -4.58 10.79
C PHE C 283 -8.47 -4.00 9.39
N GLN C 284 -9.54 -3.55 8.72
CA GLN C 284 -9.43 -2.88 7.40
C GLN C 284 -8.53 -1.64 7.44
N SER C 285 -8.55 -0.95 8.57
CA SER C 285 -7.66 0.17 8.79
C SER C 285 -7.10 0.06 10.20
N PRO C 286 -5.76 0.06 10.36
CA PRO C 286 -5.22 -0.12 11.70
C PRO C 286 -5.49 1.05 12.64
N LEU C 287 -5.45 0.78 13.93
CA LEU C 287 -5.67 1.80 14.95
C LEU C 287 -4.32 2.24 15.51
N PHE C 288 -4.12 3.55 15.64
CA PHE C 288 -2.87 4.04 16.20
C PHE C 288 -2.98 4.08 17.70
N ALA C 289 -1.99 3.52 18.38
CA ALA C 289 -1.98 3.52 19.84
C ALA C 289 -0.60 3.83 20.40
N LYS C 290 -0.60 4.53 21.53
CA LYS C 290 0.60 4.77 22.32
C LYS C 290 0.69 3.78 23.46
N ALA C 291 1.92 3.43 23.83
CA ALA C 291 2.20 2.68 25.08
C ALA C 291 1.45 3.35 26.23
N GLY C 292 0.72 2.54 27.01
CA GLY C 292 -0.10 3.05 28.10
C GLY C 292 -1.56 3.28 27.77
N ASP C 293 -1.91 3.39 26.48
CA ASP C 293 -3.32 3.52 26.08
C ASP C 293 -4.07 2.21 26.41
N THR C 294 -5.39 2.28 26.37
CA THR C 294 -6.23 1.11 26.58
C THR C 294 -7.04 0.87 25.29
N LEU C 295 -6.95 -0.35 24.76
CA LEU C 295 -7.69 -0.74 23.57
C LEU C 295 -8.86 -1.59 24.06
N SER C 296 -10.07 -1.08 23.94
CA SER C 296 -11.23 -1.75 24.50
C SER C 296 -12.24 -2.12 23.44
N GLY C 297 -12.99 -3.18 23.70
CA GLY C 297 -14.12 -3.54 22.87
C GLY C 297 -14.63 -4.93 23.18
N THR C 298 -15.19 -5.57 22.16
CA THR C 298 -15.87 -6.85 22.27
C THR C 298 -15.61 -7.70 21.03
N CYS C 299 -15.28 -8.98 21.27
CA CYS C 299 -15.27 -9.98 20.21
CA CYS C 299 -15.26 -10.02 20.22
C CYS C 299 -16.51 -10.88 20.37
N LEU C 300 -17.35 -10.91 19.35
CA LEU C 300 -18.59 -11.67 19.37
C LEU C 300 -18.51 -12.78 18.33
N LEU C 301 -18.64 -14.03 18.78
CA LEU C 301 -18.60 -15.18 17.89
C LEU C 301 -20.01 -15.77 17.82
N ILE C 302 -20.62 -15.68 16.64
CA ILE C 302 -22.00 -16.15 16.46
C ILE C 302 -21.97 -17.37 15.56
N ALA C 303 -22.43 -18.50 16.10
CA ALA C 303 -22.39 -19.76 15.36
C ALA C 303 -23.39 -19.70 14.22
N ASN C 304 -23.09 -20.37 13.10
CA ASN C 304 -23.94 -20.30 11.91
C ASN C 304 -24.27 -21.69 11.35
N LYS C 305 -25.13 -21.71 10.34
CA LYS C 305 -25.58 -22.93 9.67
C LYS C 305 -24.55 -23.61 8.74
N ARG C 306 -23.34 -23.07 8.62
CA ARG C 306 -22.26 -23.69 7.86
C ARG C 306 -21.19 -24.32 8.78
N GLN C 307 -21.60 -24.74 9.97
CA GLN C 307 -20.72 -25.36 10.98
C GLN C 307 -19.57 -24.45 11.37
N SER C 308 -19.80 -23.14 11.37
CA SER C 308 -18.73 -22.21 11.66
C SER C 308 -19.25 -21.00 12.43
N TYR C 309 -18.50 -19.90 12.39
CA TYR C 309 -18.86 -18.70 13.11
C TYR C 309 -18.65 -17.46 12.27
N ASP C 310 -19.59 -16.52 12.41
N ASP C 310 -19.56 -16.50 12.45
CA ASP C 310 -19.41 -15.12 12.06
CA ASP C 310 -19.34 -15.13 12.00
C ASP C 310 -18.70 -14.48 13.24
C ASP C 310 -18.79 -14.37 13.19
N ILE C 311 -17.67 -13.68 12.97
CA ILE C 311 -16.88 -13.06 14.02
C ILE C 311 -17.04 -11.55 13.89
N SER C 312 -17.46 -10.92 14.98
CA SER C 312 -17.59 -9.48 15.01
C SER C 312 -16.55 -8.96 15.99
N ILE C 313 -15.68 -8.05 15.56
CA ILE C 313 -14.71 -7.42 16.46
C ILE C 313 -14.94 -5.92 16.37
N VAL C 314 -15.29 -5.31 17.49
CA VAL C 314 -15.39 -3.84 17.60
C VAL C 314 -14.32 -3.45 18.62
N ALA C 315 -13.44 -2.52 18.26
CA ALA C 315 -12.33 -2.12 19.10
C ALA C 315 -12.14 -0.62 19.03
N GLN C 316 -11.72 0.00 20.13
CA GLN C 316 -11.43 1.43 20.13
C GLN C 316 -10.26 1.78 21.04
N VAL C 317 -9.55 2.83 20.66
CA VAL C 317 -8.45 3.37 21.47
C VAL C 317 -9.14 4.40 22.34
N ASP C 318 -9.18 4.11 23.64
CA ASP C 318 -9.99 4.92 24.57
C ASP C 318 -9.54 6.39 24.60
N GLN C 319 -8.23 6.61 24.50
CA GLN C 319 -7.63 7.95 24.61
C GLN C 319 -7.89 8.89 23.41
N THR C 320 -8.34 8.35 22.29
CA THR C 320 -8.62 9.16 21.08
C THR C 320 -10.00 8.98 20.47
N GLY C 321 -10.76 7.95 20.87
CA GLY C 321 -12.04 7.64 20.22
C GLY C 321 -11.94 6.95 18.87
N SER C 322 -10.73 6.53 18.47
CA SER C 322 -10.51 5.84 17.21
C SER C 322 -11.09 4.42 17.30
N LYS C 323 -12.03 4.12 16.41
CA LYS C 323 -12.82 2.88 16.45
C LYS C 323 -12.62 2.07 15.15
N SER C 324 -12.58 0.74 15.28
CA SER C 324 -12.56 -0.19 14.14
C SER C 324 -13.65 -1.22 14.41
N SER C 325 -14.51 -1.47 13.40
CA SER C 325 -15.57 -2.48 13.47
C SER C 325 -15.34 -3.44 12.32
N ASN C 326 -15.34 -4.73 12.59
CA ASN C 326 -15.01 -5.72 11.57
C ASN C 326 -15.91 -6.93 11.70
N LEU C 327 -16.19 -7.56 10.56
CA LEU C 327 -16.92 -8.83 10.50
C LEU C 327 -16.05 -9.80 9.71
N LEU C 328 -15.85 -11.01 10.25
CA LEU C 328 -15.02 -12.01 9.61
C LEU C 328 -15.76 -13.33 9.56
N ASP C 329 -15.31 -14.16 8.62
CA ASP C 329 -15.95 -15.42 8.30
C ASP C 329 -14.94 -16.50 8.61
N LEU C 330 -15.12 -17.17 9.75
CA LEU C 330 -14.18 -18.22 10.16
C LEU C 330 -14.14 -19.40 9.17
N LYS C 331 -15.17 -19.54 8.32
CA LYS C 331 -15.13 -20.58 7.31
C LYS C 331 -14.36 -20.22 6.03
N ASN C 332 -13.82 -19.02 5.91
CA ASN C 332 -13.01 -18.67 4.74
C ASN C 332 -11.63 -18.16 5.14
N PRO C 333 -10.85 -18.98 5.88
CA PRO C 333 -9.51 -18.53 6.25
C PRO C 333 -8.60 -18.43 5.04
N PHE C 334 -7.59 -17.58 5.16
CA PHE C 334 -6.49 -17.52 4.23
C PHE C 334 -5.28 -18.21 4.86
N PHE C 335 -4.80 -19.28 4.23
CA PHE C 335 -3.60 -19.99 4.68
C PHE C 335 -2.39 -19.38 4.03
N ARG C 336 -1.56 -18.70 4.81
CA ARG C 336 -0.47 -17.87 4.31
C ARG C 336 0.88 -18.60 4.34
C SER D 6 -23.42 -27.61 -5.21
N ALA D 7 -24.40 -27.53 -6.11
CA ALA D 7 -24.56 -26.37 -7.04
C ALA D 7 -24.58 -25.01 -6.34
N VAL D 8 -25.13 -24.95 -5.14
CA VAL D 8 -25.11 -23.72 -4.33
C VAL D 8 -23.66 -23.34 -3.95
N GLN D 9 -22.86 -24.33 -3.55
CA GLN D 9 -21.43 -24.12 -3.22
C GLN D 9 -20.62 -23.69 -4.45
N TYR D 10 -20.99 -24.24 -5.60
CA TYR D 10 -20.34 -23.92 -6.87
C TYR D 10 -20.48 -22.43 -7.18
N PHE D 11 -21.71 -21.95 -7.17
CA PHE D 11 -21.93 -20.52 -7.45
C PHE D 11 -21.42 -19.60 -6.34
N GLN D 12 -21.45 -20.05 -5.10
CA GLN D 12 -20.88 -19.27 -3.98
C GLN D 12 -19.39 -19.00 -4.18
N PHE D 13 -18.64 -20.01 -4.63
CA PHE D 13 -17.24 -19.84 -4.92
C PHE D 13 -16.97 -18.71 -5.92
N TYR D 14 -17.72 -18.69 -7.00
CA TYR D 14 -17.53 -17.71 -8.08
C TYR D 14 -18.09 -16.33 -7.72
N GLY D 15 -18.93 -16.29 -6.67
CA GLY D 15 -19.31 -15.04 -6.02
C GLY D 15 -18.22 -14.30 -5.25
N TYR D 16 -17.04 -14.89 -5.07
CA TYR D 16 -15.93 -14.20 -4.46
C TYR D 16 -15.15 -13.38 -5.47
N LEU D 17 -15.01 -12.08 -5.18
CA LEU D 17 -14.17 -11.20 -6.00
C LEU D 17 -12.75 -11.75 -6.12
N SER D 18 -12.26 -12.35 -5.04
CA SER D 18 -10.91 -12.94 -5.05
C SER D 18 -10.77 -14.08 -6.08
N GLN D 19 -11.81 -14.87 -6.29
CA GLN D 19 -11.76 -15.94 -7.29
C GLN D 19 -11.93 -15.41 -8.72
N GLN D 20 -12.75 -14.38 -8.91
CA GLN D 20 -12.79 -13.71 -10.22
C GLN D 20 -11.43 -13.11 -10.54
N GLN D 21 -10.84 -12.46 -9.53
CA GLN D 21 -9.53 -11.87 -9.68
C GLN D 21 -8.45 -12.88 -10.08
N ASN D 22 -8.48 -14.06 -9.45
CA ASN D 22 -7.57 -15.15 -9.82
C ASN D 22 -7.58 -15.44 -11.34
N MET D 23 -8.77 -15.50 -11.93
CA MET D 23 -8.90 -15.73 -13.37
C MET D 23 -8.52 -14.48 -14.19
N MET D 24 -8.97 -13.31 -13.73
CA MET D 24 -8.62 -12.04 -14.39
C MET D 24 -7.10 -11.85 -14.50
N GLN D 25 -6.39 -12.15 -13.42
CA GLN D 25 -4.94 -11.94 -13.31
C GLN D 25 -4.13 -12.97 -14.08
N ASP D 26 -4.79 -14.00 -14.61
CA ASP D 26 -4.14 -14.93 -15.52
C ASP D 26 -4.00 -14.21 -16.85
N TYR D 27 -2.83 -13.62 -17.08
CA TYR D 27 -2.60 -12.74 -18.23
C TYR D 27 -2.73 -13.46 -19.57
N VAL D 28 -2.22 -14.68 -19.66
CA VAL D 28 -2.35 -15.45 -20.88
C VAL D 28 -3.83 -15.65 -21.21
N ARG D 29 -4.63 -16.04 -20.21
CA ARG D 29 -6.07 -16.28 -20.39
C ARG D 29 -6.81 -14.99 -20.80
N THR D 30 -6.66 -13.96 -19.97
CA THR D 30 -7.45 -12.74 -20.13
C THR D 30 -7.04 -11.95 -21.37
N GLY D 31 -5.73 -11.81 -21.54
CA GLY D 31 -5.15 -11.12 -22.69
C GLY D 31 -5.43 -11.81 -24.00
N THR D 32 -5.42 -13.15 -24.00
CA THR D 32 -5.77 -13.89 -25.21
C THR D 32 -7.25 -13.75 -25.55
N TYR D 33 -8.16 -13.81 -24.57
CA TYR D 33 -9.56 -13.52 -24.84
C TYR D 33 -9.74 -12.12 -25.45
N GLN D 34 -9.08 -11.14 -24.86
CA GLN D 34 -9.17 -9.76 -25.37
C GLN D 34 -8.68 -9.66 -26.81
N ARG D 35 -7.52 -10.26 -27.08
CA ARG D 35 -6.86 -10.23 -28.40
C ARG D 35 -7.74 -10.93 -29.44
N ALA D 36 -8.29 -12.08 -29.05
CA ALA D 36 -9.19 -12.83 -29.89
C ALA D 36 -10.38 -12.01 -30.35
N ILE D 37 -10.98 -11.29 -29.41
CA ILE D 37 -12.18 -10.48 -29.64
C ILE D 37 -11.86 -9.21 -30.47
N LEU D 38 -10.82 -8.48 -30.07
N LEU D 38 -10.83 -8.47 -30.07
CA LEU D 38 -10.44 -7.21 -30.72
CA LEU D 38 -10.45 -7.21 -30.72
C LEU D 38 -9.89 -7.39 -32.13
C LEU D 38 -9.88 -7.38 -32.13
N GLN D 39 -9.01 -8.38 -32.32
CA GLN D 39 -8.49 -8.71 -33.65
C GLN D 39 -9.54 -9.25 -34.63
N ASN D 40 -10.66 -9.76 -34.10
CA ASN D 40 -11.81 -10.17 -34.93
C ASN D 40 -12.98 -9.22 -34.76
N HIS D 41 -12.68 -7.93 -34.88
CA HIS D 41 -13.65 -6.86 -34.62
C HIS D 41 -14.90 -6.92 -35.48
N THR D 42 -14.79 -7.45 -36.70
CA THR D 42 -15.98 -7.62 -37.56
C THR D 42 -16.99 -8.65 -37.04
N ASP D 43 -16.56 -9.55 -36.14
CA ASP D 43 -17.49 -10.50 -35.52
C ASP D 43 -18.27 -9.88 -34.38
N PHE D 44 -17.85 -8.69 -33.93
CA PHE D 44 -18.53 -7.98 -32.84
C PHE D 44 -19.15 -6.64 -33.22
N LYS D 45 -18.56 -5.93 -34.18
CA LYS D 45 -18.99 -4.58 -34.51
C LYS D 45 -20.49 -4.58 -34.83
N ASP D 46 -21.24 -3.79 -34.07
CA ASP D 46 -22.70 -3.69 -34.15
C ASP D 46 -23.49 -5.00 -34.00
N LYS D 47 -22.88 -6.00 -33.35
CA LYS D 47 -23.51 -7.31 -33.17
C LYS D 47 -24.15 -7.48 -31.79
N ILE D 48 -24.92 -8.56 -31.68
CA ILE D 48 -25.60 -8.92 -30.46
C ILE D 48 -24.78 -10.06 -29.88
N VAL D 49 -24.47 -9.97 -28.58
CA VAL D 49 -23.54 -10.91 -27.94
C VAL D 49 -24.16 -11.47 -26.67
N LEU D 50 -23.88 -12.75 -26.39
CA LEU D 50 -24.22 -13.37 -25.12
C LEU D 50 -22.92 -13.82 -24.45
N ASP D 51 -22.73 -13.43 -23.19
CA ASP D 51 -21.57 -13.81 -22.39
C ASP D 51 -22.08 -14.81 -21.35
N VAL D 52 -21.72 -16.08 -21.52
CA VAL D 52 -22.26 -17.13 -20.65
C VAL D 52 -21.36 -17.22 -19.43
N GLY D 53 -21.89 -16.78 -18.29
CA GLY D 53 -21.17 -16.81 -17.04
C GLY D 53 -20.18 -15.68 -17.01
N CYS D 54 -20.72 -14.45 -17.02
CA CYS D 54 -19.89 -13.25 -17.22
C CYS D 54 -18.90 -12.94 -16.09
N GLY D 55 -19.14 -13.48 -14.89
CA GLY D 55 -18.31 -13.19 -13.72
C GLY D 55 -18.29 -11.69 -13.48
N SER D 56 -17.08 -11.11 -13.43
CA SER D 56 -16.89 -9.68 -13.32
C SER D 56 -17.48 -8.86 -14.49
N GLY D 57 -17.68 -9.48 -15.63
CA GLY D 57 -18.15 -8.83 -16.85
C GLY D 57 -17.03 -8.61 -17.84
N ILE D 58 -15.82 -9.03 -17.48
CA ILE D 58 -14.59 -8.70 -18.23
C ILE D 58 -14.67 -9.02 -19.72
N LEU D 59 -15.22 -10.19 -20.08
CA LEU D 59 -15.35 -10.57 -21.47
C LEU D 59 -16.39 -9.71 -22.22
N SER D 60 -17.45 -9.36 -21.53
CA SER D 60 -18.47 -8.42 -22.08
C SER D 60 -17.88 -7.00 -22.33
N PHE D 61 -17.03 -6.52 -21.44
CA PHE D 61 -16.29 -5.26 -21.69
C PHE D 61 -15.40 -5.36 -22.94
N PHE D 62 -14.74 -6.50 -23.14
CA PHE D 62 -13.97 -6.72 -24.36
C PHE D 62 -14.86 -6.69 -25.62
N ALA D 63 -16.02 -7.33 -25.55
CA ALA D 63 -16.95 -7.29 -26.68
C ALA D 63 -17.37 -5.85 -26.97
N ALA D 64 -17.59 -5.07 -25.90
CA ALA D 64 -17.93 -3.65 -26.04
C ALA D 64 -16.80 -2.85 -26.68
N GLN D 65 -15.56 -3.11 -26.26
CA GLN D 65 -14.37 -2.50 -26.86
C GLN D 65 -14.25 -2.82 -28.35
N ALA D 66 -14.71 -4.00 -28.77
CA ALA D 66 -14.73 -4.38 -30.18
C ALA D 66 -15.96 -3.87 -30.96
N GLY D 67 -16.84 -3.11 -30.32
CA GLY D 67 -17.94 -2.41 -31.01
C GLY D 67 -19.32 -3.06 -31.01
N ALA D 68 -19.56 -4.01 -30.11
CA ALA D 68 -20.88 -4.67 -30.04
C ALA D 68 -22.00 -3.70 -29.72
N ARG D 69 -23.17 -3.91 -30.35
CA ARG D 69 -24.37 -3.08 -30.09
C ARG D 69 -24.94 -3.40 -28.73
N LYS D 70 -25.16 -4.70 -28.52
CA LYS D 70 -25.80 -5.20 -27.33
C LYS D 70 -25.08 -6.45 -26.85
N ILE D 71 -24.85 -6.52 -25.54
CA ILE D 71 -24.20 -7.67 -24.89
C ILE D 71 -25.04 -8.08 -23.69
N TYR D 72 -25.59 -9.30 -23.74
CA TYR D 72 -26.31 -9.87 -22.63
C TYR D 72 -25.31 -10.67 -21.79
N ALA D 73 -25.14 -10.25 -20.54
CA ALA D 73 -24.14 -10.82 -19.64
C ALA D 73 -24.84 -11.62 -18.55
N VAL D 74 -24.84 -12.95 -18.71
CA VAL D 74 -25.57 -13.84 -17.82
C VAL D 74 -24.63 -14.39 -16.75
N GLU D 75 -25.05 -14.30 -15.48
CA GLU D 75 -24.22 -14.75 -14.35
C GLU D 75 -25.12 -15.27 -13.25
N ALA D 76 -24.86 -16.52 -12.84
CA ALA D 76 -25.71 -17.21 -11.87
C ALA D 76 -25.36 -16.88 -10.42
N SER D 77 -24.10 -16.53 -10.13
CA SER D 77 -23.69 -16.17 -8.77
C SER D 77 -24.01 -14.72 -8.45
N THR D 78 -23.84 -14.37 -7.18
CA THR D 78 -24.00 -12.98 -6.71
C THR D 78 -22.98 -12.02 -7.30
N MET D 79 -21.95 -12.53 -7.98
CA MET D 79 -21.09 -11.71 -8.81
C MET D 79 -21.83 -10.87 -9.85
N ALA D 80 -23.01 -11.33 -10.27
CA ALA D 80 -23.88 -10.55 -11.16
C ALA D 80 -24.15 -9.11 -10.67
N GLN D 81 -24.30 -8.93 -9.36
CA GLN D 81 -24.49 -7.62 -8.74
C GLN D 81 -23.23 -6.74 -8.86
N HIS D 82 -22.06 -7.37 -8.67
CA HIS D 82 -20.79 -6.66 -8.86
C HIS D 82 -20.56 -6.28 -10.31
N ALA D 83 -20.90 -7.18 -11.23
CA ALA D 83 -20.85 -6.91 -12.68
C ALA D 83 -21.73 -5.71 -13.07
N GLU D 84 -22.92 -5.66 -12.50
CA GLU D 84 -23.87 -4.54 -12.74
C GLU D 84 -23.24 -3.20 -12.36
N VAL D 85 -22.65 -3.17 -11.17
CA VAL D 85 -21.95 -2.00 -10.65
C VAL D 85 -20.87 -1.51 -11.61
N LEU D 86 -20.08 -2.44 -12.17
CA LEU D 86 -19.04 -2.09 -13.16
C LEU D 86 -19.58 -1.55 -14.48
N VAL D 87 -20.65 -2.15 -14.96
CA VAL D 87 -21.26 -1.70 -16.21
C VAL D 87 -21.70 -0.23 -16.08
N LYS D 88 -22.35 0.09 -14.98
CA LYS D 88 -22.77 1.47 -14.66
C LYS D 88 -21.58 2.42 -14.57
N SER D 89 -20.56 2.05 -13.77
CA SER D 89 -19.38 2.89 -13.57
C SER D 89 -18.56 3.11 -14.83
N ASN D 90 -18.59 2.16 -15.76
CA ASN D 90 -17.92 2.29 -17.05
C ASN D 90 -18.84 2.85 -18.15
N ASN D 91 -20.03 3.35 -17.78
CA ASN D 91 -20.95 4.06 -18.72
C ASN D 91 -21.42 3.22 -19.90
N LEU D 92 -21.70 1.95 -19.64
CA LEU D 92 -22.06 1.00 -20.69
C LEU D 92 -23.44 0.37 -20.46
N THR D 93 -24.28 1.01 -19.63
CA THR D 93 -25.65 0.52 -19.38
C THR D 93 -26.45 0.41 -20.68
N ASP D 94 -26.20 1.31 -21.63
CA ASP D 94 -26.85 1.25 -22.94
C ASP D 94 -26.49 -0.01 -23.77
N ARG D 95 -25.31 -0.59 -23.54
CA ARG D 95 -24.77 -1.66 -24.38
C ARG D 95 -24.52 -3.02 -23.70
N ILE D 96 -24.42 -3.05 -22.36
CA ILE D 96 -24.28 -4.31 -21.61
C ILE D 96 -25.43 -4.45 -20.63
N VAL D 97 -26.20 -5.53 -20.76
CA VAL D 97 -27.26 -5.83 -19.83
C VAL D 97 -26.89 -7.09 -19.04
N VAL D 98 -26.74 -6.94 -17.73
CA VAL D 98 -26.43 -8.04 -16.81
C VAL D 98 -27.73 -8.73 -16.41
N ILE D 99 -27.79 -10.04 -16.66
CA ILE D 99 -28.98 -10.83 -16.36
C ILE D 99 -28.60 -11.84 -15.29
N PRO D 100 -29.06 -11.63 -14.04
CA PRO D 100 -28.75 -12.60 -12.99
C PRO D 100 -29.54 -13.90 -13.16
N GLY D 101 -28.85 -15.03 -13.04
CA GLY D 101 -29.49 -16.35 -13.16
C GLY D 101 -28.67 -17.32 -13.98
N LYS D 102 -29.14 -18.56 -14.04
CA LYS D 102 -28.48 -19.60 -14.83
C LYS D 102 -28.90 -19.42 -16.27
N VAL D 103 -27.97 -19.63 -17.18
CA VAL D 103 -28.24 -19.50 -18.61
C VAL D 103 -29.33 -20.47 -19.11
N GLU D 104 -29.50 -21.59 -18.40
CA GLU D 104 -30.56 -22.57 -18.68
C GLU D 104 -31.97 -22.11 -18.30
N GLU D 105 -32.06 -21.12 -17.41
CA GLU D 105 -33.31 -20.70 -16.79
C GLU D 105 -33.74 -19.27 -17.12
N VAL D 106 -32.81 -18.37 -17.42
CA VAL D 106 -33.17 -16.95 -17.65
C VAL D 106 -33.87 -16.78 -18.99
N SER D 107 -34.48 -15.62 -19.20
CA SER D 107 -35.03 -15.27 -20.51
C SER D 107 -34.15 -14.21 -21.16
N LEU D 108 -33.74 -14.46 -22.40
CA LEU D 108 -33.05 -13.46 -23.20
C LEU D 108 -34.09 -12.83 -24.10
N PRO D 109 -34.16 -11.48 -24.15
CA PRO D 109 -35.11 -10.86 -25.08
C PRO D 109 -34.79 -11.18 -26.55
N GLU D 110 -33.51 -11.34 -26.87
CA GLU D 110 -33.05 -11.36 -28.23
C GLU D 110 -32.25 -12.62 -28.54
N GLN D 111 -32.30 -13.06 -29.80
CA GLN D 111 -31.32 -14.02 -30.33
C GLN D 111 -30.00 -13.29 -30.59
N VAL D 112 -28.89 -14.02 -30.57
CA VAL D 112 -27.56 -13.41 -30.65
C VAL D 112 -26.79 -13.87 -31.86
N ASP D 113 -25.85 -13.03 -32.28
CA ASP D 113 -24.93 -13.34 -33.39
C ASP D 113 -23.73 -14.17 -32.93
N ILE D 114 -23.37 -14.04 -31.66
CA ILE D 114 -22.14 -14.66 -31.16
C ILE D 114 -22.22 -14.86 -29.64
N ILE D 115 -21.75 -16.03 -29.20
CA ILE D 115 -21.70 -16.38 -27.78
C ILE D 115 -20.23 -16.40 -27.39
N ILE D 116 -19.92 -15.79 -26.26
CA ILE D 116 -18.58 -15.80 -25.70
C ILE D 116 -18.69 -16.42 -24.30
N SER D 117 -17.66 -17.17 -23.92
CA SER D 117 -17.60 -17.73 -22.57
C SER D 117 -16.19 -18.19 -22.26
N GLU D 118 -15.86 -18.22 -20.97
CA GLU D 118 -14.73 -19.01 -20.48
C GLU D 118 -15.28 -20.05 -19.49
N PRO D 119 -15.58 -21.25 -20.01
CA PRO D 119 -16.16 -22.33 -19.24
C PRO D 119 -15.22 -23.51 -19.01
N MET D 120 -13.93 -23.36 -19.28
CA MET D 120 -12.99 -24.48 -19.27
C MET D 120 -12.51 -24.81 -17.85
N GLY D 121 -12.64 -26.07 -17.47
CA GLY D 121 -12.08 -26.57 -16.21
C GLY D 121 -10.80 -27.32 -16.45
N TYR D 122 -10.25 -27.91 -15.39
CA TYR D 122 -9.13 -28.84 -15.53
C TYR D 122 -9.50 -29.96 -16.48
N MET D 123 -8.52 -30.38 -17.28
CA MET D 123 -8.73 -31.37 -18.31
C MET D 123 -9.87 -30.93 -19.27
N LEU D 124 -10.00 -29.62 -19.47
CA LEU D 124 -11.09 -28.99 -20.25
C LEU D 124 -12.49 -29.14 -19.64
N PHE D 125 -12.90 -30.35 -19.30
CA PHE D 125 -14.32 -30.62 -19.02
C PHE D 125 -14.74 -30.47 -17.56
N ASN D 126 -13.77 -30.46 -16.62
CA ASN D 126 -14.13 -30.38 -15.19
C ASN D 126 -15.04 -29.21 -14.89
N GLU D 127 -16.00 -29.44 -13.98
CA GLU D 127 -17.04 -28.50 -13.57
C GLU D 127 -18.29 -28.51 -14.43
N ARG D 128 -18.19 -29.11 -15.63
CA ARG D 128 -19.31 -29.33 -16.53
C ARG D 128 -19.96 -28.06 -17.08
N MET D 129 -19.21 -26.95 -17.05
CA MET D 129 -19.76 -25.69 -17.56
C MET D 129 -19.84 -25.66 -19.08
N LEU D 130 -19.04 -26.47 -19.78
CA LEU D 130 -19.20 -26.54 -21.23
C LEU D 130 -20.61 -26.96 -21.66
N GLU D 131 -21.32 -27.73 -20.83
CA GLU D 131 -22.70 -28.09 -21.17
C GLU D 131 -23.63 -26.87 -21.15
N SER D 132 -23.36 -25.91 -20.26
CA SER D 132 -24.13 -24.66 -20.20
C SER D 132 -23.83 -23.80 -21.42
N TYR D 133 -22.56 -23.78 -21.81
CA TYR D 133 -22.12 -23.07 -23.00
C TYR D 133 -22.82 -23.62 -24.24
N LEU D 134 -22.87 -24.95 -24.36
CA LEU D 134 -23.55 -25.60 -25.48
C LEU D 134 -25.07 -25.39 -25.46
N HIS D 135 -25.65 -25.42 -24.26
CA HIS D 135 -27.05 -25.16 -24.02
C HIS D 135 -27.46 -23.77 -24.49
N ALA D 136 -26.58 -22.78 -24.30
CA ALA D 136 -26.80 -21.40 -24.75
C ALA D 136 -27.03 -21.23 -26.26
N LYS D 137 -26.62 -22.22 -27.04
CA LYS D 137 -26.92 -22.24 -28.48
C LYS D 137 -28.39 -22.21 -28.90
N LYS D 138 -29.32 -22.40 -27.97
CA LYS D 138 -30.73 -22.16 -28.24
C LYS D 138 -31.00 -20.66 -28.51
N TYR D 139 -30.11 -19.79 -28.03
CA TYR D 139 -30.19 -18.35 -28.27
C TYR D 139 -29.37 -17.85 -29.47
N LEU D 140 -28.69 -18.76 -30.17
CA LEU D 140 -27.79 -18.39 -31.24
C LEU D 140 -28.50 -18.39 -32.58
N LYS D 141 -28.40 -17.29 -33.34
CA LYS D 141 -28.93 -17.25 -34.72
C LYS D 141 -28.26 -18.33 -35.57
N PRO D 142 -28.97 -18.87 -36.59
N PRO D 142 -28.93 -18.85 -36.62
CA PRO D 142 -28.33 -19.75 -37.57
CA PRO D 142 -28.47 -20.09 -37.28
C PRO D 142 -27.10 -19.09 -38.19
C PRO D 142 -27.07 -20.02 -37.92
N SER D 143 -26.04 -19.86 -38.35
N SER D 143 -26.65 -18.83 -38.34
CA SER D 143 -24.77 -19.29 -38.78
CA SER D 143 -25.29 -18.67 -38.87
C SER D 143 -24.18 -18.23 -37.81
C SER D 143 -24.29 -18.11 -37.83
N GLY D 144 -24.63 -18.22 -36.54
CA GLY D 144 -23.92 -17.50 -35.48
C GLY D 144 -22.60 -18.19 -35.12
N ASN D 145 -21.81 -17.57 -34.26
CA ASN D 145 -20.49 -18.07 -33.94
C ASN D 145 -20.32 -18.27 -32.43
N MET D 146 -19.27 -19.00 -32.06
N MET D 146 -19.30 -19.06 -32.06
CA MET D 146 -18.94 -19.20 -30.67
CA MET D 146 -18.93 -19.37 -30.67
C MET D 146 -17.45 -18.99 -30.45
C MET D 146 -17.45 -19.02 -30.45
N PHE D 147 -17.15 -18.30 -29.35
CA PHE D 147 -15.81 -17.83 -29.02
C PHE D 147 -15.57 -18.26 -27.55
N PRO D 148 -14.87 -19.37 -27.28
CA PRO D 148 -14.15 -20.20 -28.24
C PRO D 148 -15.03 -21.08 -29.13
N THR D 149 -14.47 -21.45 -30.28
CA THR D 149 -15.18 -22.20 -31.32
C THR D 149 -14.93 -23.71 -31.18
N ILE D 150 -13.68 -24.09 -30.91
CA ILE D 150 -13.33 -25.49 -30.69
C ILE D 150 -12.45 -25.63 -29.45
N GLY D 151 -12.46 -26.83 -28.85
CA GLY D 151 -11.61 -27.17 -27.71
C GLY D 151 -10.93 -28.50 -27.99
N ASP D 152 -9.62 -28.56 -27.76
CA ASP D 152 -8.82 -29.77 -27.94
C ASP D 152 -8.27 -30.21 -26.58
N VAL D 153 -8.59 -31.43 -26.15
N VAL D 153 -8.59 -31.42 -26.13
CA VAL D 153 -7.91 -32.04 -24.99
CA VAL D 153 -7.88 -31.99 -24.98
C VAL D 153 -6.74 -32.83 -25.53
C VAL D 153 -6.74 -32.82 -25.51
N HIS D 154 -5.55 -32.64 -24.93
CA HIS D 154 -4.35 -33.37 -25.30
C HIS D 154 -3.94 -34.33 -24.18
N LEU D 155 -3.53 -35.53 -24.57
CA LEU D 155 -3.07 -36.57 -23.66
C LEU D 155 -1.73 -37.02 -24.17
N ALA D 156 -0.81 -37.33 -23.26
CA ALA D 156 0.51 -37.84 -23.62
C ALA D 156 1.09 -38.68 -22.49
N PRO D 157 1.79 -39.76 -22.84
CA PRO D 157 2.42 -40.56 -21.78
C PRO D 157 3.62 -39.82 -21.16
N PHE D 158 3.82 -40.01 -19.86
CA PHE D 158 4.97 -39.42 -19.18
C PHE D 158 5.72 -40.44 -18.33
N THR D 159 6.99 -40.10 -18.06
CA THR D 159 7.78 -40.82 -17.08
C THR D 159 8.09 -39.87 -15.90
N ASP D 160 7.75 -40.27 -14.68
CA ASP D 160 8.16 -39.54 -13.48
C ASP D 160 8.26 -40.52 -12.34
N GLU D 161 9.46 -41.10 -12.23
CA GLU D 161 9.73 -42.11 -11.21
C GLU D 161 9.47 -41.57 -9.80
N GLN D 162 9.90 -40.35 -9.53
CA GLN D 162 9.73 -39.75 -8.20
C GLN D 162 8.28 -39.50 -7.83
N LEU D 163 7.46 -39.06 -8.80
CA LEU D 163 6.03 -38.94 -8.55
C LEU D 163 5.37 -40.26 -8.16
N TYR D 164 5.68 -41.32 -8.91
CA TYR D 164 5.18 -42.67 -8.64
C TYR D 164 5.61 -43.14 -7.23
N MET D 165 6.90 -43.03 -6.94
CA MET D 165 7.43 -43.55 -5.66
C MET D 165 6.87 -42.82 -4.43
N GLU D 166 6.58 -41.55 -4.59
CA GLU D 166 6.05 -40.67 -3.56
C GLU D 166 4.67 -41.12 -3.00
N GLN D 167 3.85 -41.79 -3.81
CA GLN D 167 2.57 -42.30 -3.32
C GLN D 167 2.82 -43.32 -2.19
N PHE D 168 3.86 -44.14 -2.35
CA PHE D 168 4.19 -45.19 -1.38
C PHE D 168 4.89 -44.61 -0.14
N THR D 169 5.75 -43.62 -0.35
CA THR D 169 6.34 -42.91 0.77
C THR D 169 5.27 -42.35 1.67
N LYS D 170 4.24 -41.73 1.07
CA LYS D 170 3.15 -41.18 1.88
C LYS D 170 2.35 -42.26 2.54
N ALA D 171 1.99 -43.27 1.77
CA ALA D 171 1.17 -44.37 2.31
C ALA D 171 1.92 -45.15 3.40
N ASN D 172 3.26 -45.19 3.32
CA ASN D 172 4.05 -45.96 4.28
C ASN D 172 4.10 -45.37 5.68
N PHE D 173 3.59 -44.16 5.88
CA PHE D 173 3.20 -43.72 7.22
C PHE D 173 2.47 -44.83 8.01
N TRP D 174 1.54 -45.51 7.34
CA TRP D 174 0.73 -46.53 7.97
C TRP D 174 1.49 -47.83 8.21
N TYR D 175 2.63 -48.01 7.55
CA TYR D 175 3.37 -49.27 7.65
C TYR D 175 4.41 -49.17 8.77
N GLN D 176 3.88 -49.20 9.98
CA GLN D 176 4.72 -49.22 11.16
C GLN D 176 3.99 -49.92 12.29
N PRO D 177 4.74 -50.65 13.13
CA PRO D 177 4.09 -51.51 14.11
C PRO D 177 3.77 -50.82 15.44
N SER D 178 4.35 -49.66 15.70
CA SER D 178 4.12 -48.96 16.96
C SER D 178 4.13 -47.44 16.79
N PHE D 179 3.11 -46.96 16.07
CA PHE D 179 2.79 -45.55 16.03
C PHE D 179 2.18 -45.20 17.39
N HIS D 180 2.96 -44.61 18.29
CA HIS D 180 2.52 -44.38 19.67
C HIS D 180 1.86 -45.67 20.26
N GLY D 181 2.48 -46.82 19.98
CA GLY D 181 2.01 -48.11 20.48
C GLY D 181 1.04 -48.85 19.59
N VAL D 182 0.61 -48.25 18.48
CA VAL D 182 -0.41 -48.86 17.62
C VAL D 182 0.20 -49.34 16.30
N ASP D 183 -0.14 -50.57 15.91
CA ASP D 183 0.24 -51.15 14.63
C ASP D 183 -0.74 -50.62 13.60
N LEU D 184 -0.24 -49.73 12.75
CA LEU D 184 -1.08 -49.10 11.73
C LEU D 184 -1.13 -49.89 10.41
N SER D 185 -0.34 -50.97 10.32
CA SER D 185 -0.01 -51.58 9.03
CA SER D 185 -0.01 -51.63 9.04
C SER D 185 -1.19 -52.06 8.18
N ALA D 186 -2.27 -52.53 8.83
CA ALA D 186 -3.44 -53.02 8.09
C ALA D 186 -4.13 -51.95 7.20
N LEU D 187 -3.86 -50.67 7.42
CA LEU D 187 -4.44 -49.61 6.57
C LEU D 187 -3.54 -49.15 5.42
N ARG D 188 -2.34 -49.70 5.27
CA ARG D 188 -1.40 -49.19 4.25
C ARG D 188 -1.99 -49.33 2.83
N GLY D 189 -2.58 -50.49 2.55
CA GLY D 189 -3.19 -50.74 1.22
C GLY D 189 -4.27 -49.76 0.86
N ALA D 190 -5.14 -49.44 1.83
CA ALA D 190 -6.20 -48.46 1.63
C ALA D 190 -5.66 -47.08 1.39
N ALA D 191 -4.58 -46.73 2.10
CA ALA D 191 -3.95 -45.44 1.91
C ALA D 191 -3.38 -45.31 0.50
N VAL D 192 -2.70 -46.37 0.02
CA VAL D 192 -2.22 -46.39 -1.38
C VAL D 192 -3.40 -46.17 -2.37
N ASP D 193 -4.49 -46.91 -2.20
CA ASP D 193 -5.66 -46.83 -3.10
C ASP D 193 -6.19 -45.41 -3.16
N GLU D 194 -6.24 -44.73 -2.00
CA GLU D 194 -6.73 -43.40 -1.92
C GLU D 194 -5.89 -42.39 -2.72
N TYR D 195 -4.57 -42.43 -2.52
CA TYR D 195 -3.68 -41.55 -3.27
C TYR D 195 -3.77 -41.74 -4.79
N PHE D 196 -3.87 -42.97 -5.25
CA PHE D 196 -3.90 -43.26 -6.69
C PHE D 196 -5.21 -42.81 -7.35
N ARG D 197 -6.25 -42.57 -6.55
CA ARG D 197 -7.51 -42.03 -7.08
C ARG D 197 -7.49 -40.52 -7.38
N GLN D 198 -6.42 -39.82 -7.00
CA GLN D 198 -6.33 -38.37 -7.20
C GLN D 198 -5.53 -37.99 -8.44
N PRO D 199 -6.16 -37.29 -9.38
CA PRO D 199 -5.34 -36.67 -10.45
C PRO D 199 -4.44 -35.61 -9.82
N VAL D 200 -3.24 -35.48 -10.36
CA VAL D 200 -2.25 -34.52 -9.89
C VAL D 200 -2.28 -33.23 -10.71
N VAL D 201 -2.58 -32.10 -10.06
CA VAL D 201 -2.57 -30.80 -10.72
C VAL D 201 -1.26 -30.11 -10.38
N ASP D 202 -0.40 -30.01 -11.37
CA ASP D 202 0.82 -29.22 -11.29
C ASP D 202 1.39 -29.02 -12.71
N THR D 203 2.60 -28.50 -12.78
CA THR D 203 3.30 -28.38 -14.05
C THR D 203 4.60 -29.19 -13.98
N PHE D 204 5.26 -29.35 -15.11
CA PHE D 204 6.38 -30.25 -15.19
C PHE D 204 7.21 -29.85 -16.38
N ASP D 205 8.43 -30.37 -16.40
CA ASP D 205 9.36 -30.19 -17.50
C ASP D 205 8.89 -31.06 -18.66
N ILE D 206 8.83 -30.47 -19.87
CA ILE D 206 8.37 -31.19 -21.06
C ILE D 206 9.18 -32.44 -21.37
N ARG D 207 10.41 -32.51 -20.87
CA ARG D 207 11.23 -33.72 -21.04
C ARG D 207 10.71 -35.01 -20.37
N ILE D 208 9.71 -34.90 -19.50
CA ILE D 208 9.04 -36.10 -18.97
C ILE D 208 8.12 -36.77 -20.00
N LEU D 209 7.74 -36.05 -21.06
CA LEU D 209 6.78 -36.58 -22.05
C LEU D 209 7.50 -37.55 -23.01
N MET D 210 6.89 -38.72 -23.24
CA MET D 210 7.51 -39.85 -23.94
CA MET D 210 7.54 -39.82 -23.96
C MET D 210 7.00 -40.03 -25.37
N ALA D 211 5.98 -39.27 -25.75
CA ALA D 211 5.43 -39.34 -27.10
C ALA D 211 4.69 -38.05 -27.44
N LYS D 212 4.46 -37.84 -28.73
CA LYS D 212 3.57 -36.76 -29.16
C LYS D 212 2.18 -36.99 -28.61
N SER D 213 1.51 -35.90 -28.23
CA SER D 213 0.16 -35.98 -27.70
C SER D 213 -0.83 -36.48 -28.74
N VAL D 214 -1.92 -37.05 -28.24
CA VAL D 214 -3.10 -37.37 -29.01
C VAL D 214 -4.14 -36.36 -28.58
N LYS D 215 -4.90 -35.84 -29.54
CA LYS D 215 -5.94 -34.88 -29.20
C LYS D 215 -7.36 -35.39 -29.45
N TYR D 216 -8.27 -34.93 -28.60
CA TYR D 216 -9.69 -35.16 -28.78
C TYR D 216 -10.32 -33.78 -28.90
N THR D 217 -11.04 -33.57 -29.99
CA THR D 217 -11.55 -32.25 -30.34
C THR D 217 -13.05 -32.19 -30.16
N VAL D 218 -13.53 -31.12 -29.54
CA VAL D 218 -14.94 -30.84 -29.45
C VAL D 218 -15.17 -29.58 -30.27
N ASN D 219 -16.04 -29.67 -31.27
CA ASN D 219 -16.44 -28.50 -32.05
C ASN D 219 -17.67 -27.89 -31.38
N PHE D 220 -17.50 -26.74 -30.75
CA PHE D 220 -18.60 -26.16 -29.97
C PHE D 220 -19.78 -25.66 -30.84
N LEU D 221 -19.52 -25.31 -32.09
CA LEU D 221 -20.62 -24.98 -33.04
C LEU D 221 -21.53 -26.16 -33.34
N GLU D 222 -20.99 -27.38 -33.32
CA GLU D 222 -21.74 -28.59 -33.67
C GLU D 222 -22.16 -29.47 -32.49
N ALA D 223 -21.41 -29.47 -31.38
CA ALA D 223 -21.65 -30.43 -30.29
C ALA D 223 -22.94 -30.17 -29.52
N LYS D 224 -23.58 -31.25 -29.08
CA LYS D 224 -24.74 -31.18 -28.21
C LYS D 224 -24.30 -31.41 -26.76
N GLU D 225 -25.04 -30.86 -25.81
CA GLU D 225 -24.85 -31.10 -24.36
C GLU D 225 -24.54 -32.54 -24.00
N GLY D 226 -25.34 -33.45 -24.55
CA GLY D 226 -25.20 -34.87 -24.25
C GLY D 226 -23.92 -35.51 -24.74
N ASP D 227 -23.24 -34.87 -25.70
CA ASP D 227 -21.95 -35.35 -26.18
C ASP D 227 -20.88 -35.29 -25.06
N LEU D 228 -21.10 -34.47 -24.02
CA LEU D 228 -20.13 -34.35 -22.91
C LEU D 228 -20.44 -35.22 -21.67
N HIS D 229 -21.52 -36.02 -21.72
CA HIS D 229 -21.85 -36.87 -20.59
C HIS D 229 -20.94 -38.07 -20.50
N ARG D 230 -20.42 -38.51 -21.65
CA ARG D 230 -19.55 -39.66 -21.72
C ARG D 230 -18.57 -39.36 -22.81
N ILE D 231 -17.31 -39.18 -22.43
CA ILE D 231 -16.32 -38.74 -23.39
C ILE D 231 -15.31 -39.86 -23.49
N GLU D 232 -15.34 -40.59 -24.62
CA GLU D 232 -14.42 -41.69 -24.83
C GLU D 232 -13.25 -41.19 -25.68
N ILE D 233 -12.06 -41.18 -25.11
CA ILE D 233 -10.87 -40.66 -25.79
C ILE D 233 -9.95 -41.84 -26.08
N PRO D 234 -10.00 -42.36 -27.32
CA PRO D 234 -9.03 -43.37 -27.69
C PRO D 234 -7.68 -42.72 -27.88
N PHE D 235 -6.63 -43.52 -27.68
CA PHE D 235 -5.29 -43.08 -27.97
C PHE D 235 -4.41 -44.21 -28.47
N LYS D 236 -3.50 -43.85 -29.37
CA LYS D 236 -2.36 -44.69 -29.68
C LYS D 236 -1.14 -43.78 -29.78
N PHE D 237 -0.22 -43.96 -28.84
CA PHE D 237 1.01 -43.20 -28.84
C PHE D 237 2.09 -43.94 -29.56
N HIS D 238 2.83 -43.19 -30.38
CA HIS D 238 4.03 -43.70 -31.04
C HIS D 238 5.21 -43.24 -30.19
N MET D 239 5.77 -44.17 -29.43
CA MET D 239 6.76 -43.84 -28.43
C MET D 239 8.02 -43.27 -29.08
N LEU D 240 8.45 -42.11 -28.58
CA LEU D 240 9.65 -41.42 -29.04
C LEU D 240 10.82 -41.65 -28.10
N HIS D 241 10.54 -42.12 -26.87
CA HIS D 241 11.60 -42.44 -25.87
C HIS D 241 11.32 -43.77 -25.21
N SER D 242 12.39 -44.47 -24.84
CA SER D 242 12.30 -45.74 -24.15
C SER D 242 12.34 -45.49 -22.62
N GLY D 243 11.53 -46.22 -21.87
CA GLY D 243 11.47 -45.97 -20.42
C GLY D 243 10.21 -46.50 -19.80
N LEU D 244 10.09 -46.27 -18.49
CA LEU D 244 8.89 -46.67 -17.75
C LEU D 244 7.90 -45.50 -17.84
N VAL D 245 6.71 -45.81 -18.35
CA VAL D 245 5.61 -44.86 -18.46
C VAL D 245 4.79 -44.95 -17.18
N HIS D 246 4.71 -43.86 -16.44
CA HIS D 246 4.00 -43.87 -15.15
C HIS D 246 2.55 -43.41 -15.22
N GLY D 247 2.19 -42.74 -16.31
CA GLY D 247 0.81 -42.33 -16.49
C GLY D 247 0.60 -41.46 -17.70
N LEU D 248 -0.53 -40.74 -17.68
CA LEU D 248 -0.89 -39.83 -18.77
C LEU D 248 -0.99 -38.41 -18.26
N ALA D 249 -0.40 -37.49 -19.02
CA ALA D 249 -0.48 -36.06 -18.80
C ALA D 249 -1.54 -35.49 -19.71
N PHE D 250 -2.25 -34.48 -19.22
CA PHE D 250 -3.36 -33.88 -19.91
C PHE D 250 -3.20 -32.36 -19.90
N TRP D 251 -3.54 -31.75 -21.02
CA TRP D 251 -3.76 -30.31 -21.10
C TRP D 251 -4.83 -30.01 -22.17
N PHE D 252 -5.10 -28.73 -22.42
CA PHE D 252 -6.09 -28.38 -23.45
C PHE D 252 -5.79 -27.06 -24.08
N ASP D 253 -6.28 -26.90 -25.30
CA ASP D 253 -6.27 -25.63 -26.03
C ASP D 253 -7.69 -25.32 -26.46
N VAL D 254 -7.99 -24.04 -26.63
CA VAL D 254 -9.20 -23.63 -27.33
C VAL D 254 -8.80 -22.69 -28.46
N ALA D 255 -9.65 -22.62 -29.48
CA ALA D 255 -9.40 -21.73 -30.63
C ALA D 255 -10.63 -20.88 -30.83
N PHE D 256 -10.37 -19.60 -31.13
CA PHE D 256 -11.41 -18.63 -31.46
C PHE D 256 -11.32 -18.43 -32.98
N ILE D 257 -12.25 -19.05 -33.71
CA ILE D 257 -12.21 -19.05 -35.19
C ILE D 257 -13.06 -17.88 -35.67
N GLY D 258 -12.39 -16.74 -35.86
CA GLY D 258 -13.04 -15.50 -36.28
C GLY D 258 -13.02 -15.31 -37.78
N SER D 259 -13.68 -14.24 -38.24
CA SER D 259 -13.70 -13.91 -39.67
C SER D 259 -12.34 -13.43 -40.14
N ILE D 260 -11.62 -12.67 -39.31
CA ILE D 260 -10.30 -12.13 -39.67
C ILE D 260 -9.18 -13.12 -39.40
N MET D 261 -9.16 -13.75 -38.22
CA MET D 261 -8.11 -14.69 -37.87
C MET D 261 -8.58 -15.68 -36.80
N THR D 262 -7.80 -16.72 -36.63
CA THR D 262 -8.03 -17.73 -35.61
C THR D 262 -6.95 -17.49 -34.55
N VAL D 263 -7.37 -17.37 -33.30
CA VAL D 263 -6.48 -17.13 -32.17
C VAL D 263 -6.61 -18.31 -31.20
N TRP D 264 -5.49 -18.79 -30.68
CA TRP D 264 -5.43 -19.97 -29.81
C TRP D 264 -5.09 -19.57 -28.37
N LEU D 265 -5.77 -20.17 -27.41
CA LEU D 265 -5.38 -20.12 -25.98
C LEU D 265 -4.94 -21.54 -25.62
N SER D 266 -3.67 -21.71 -25.29
CA SER D 266 -3.12 -23.02 -24.93
C SER D 266 -2.68 -23.09 -23.48
N THR D 267 -2.95 -24.24 -22.86
CA THR D 267 -2.46 -24.56 -21.53
C THR D 267 -1.42 -25.67 -21.57
N ALA D 268 -0.80 -25.88 -22.74
CA ALA D 268 0.26 -26.88 -22.88
C ALA D 268 1.50 -26.54 -22.02
N PRO D 269 2.23 -27.58 -21.60
CA PRO D 269 3.46 -27.40 -20.81
C PRO D 269 4.64 -26.81 -21.62
N THR D 270 4.51 -26.75 -22.94
CA THR D 270 5.44 -26.03 -23.80
C THR D 270 5.12 -24.53 -23.85
N GLU D 271 4.00 -24.12 -23.25
CA GLU D 271 3.60 -22.72 -23.23
C GLU D 271 3.73 -22.13 -21.83
N PRO D 272 3.78 -20.79 -21.73
CA PRO D 272 3.76 -20.15 -20.43
C PRO D 272 2.63 -20.65 -19.55
N LEU D 273 2.89 -20.73 -18.25
CA LEU D 273 1.94 -21.32 -17.33
C LEU D 273 0.65 -20.48 -17.23
N THR D 274 -0.49 -21.17 -17.15
CA THR D 274 -1.78 -20.54 -16.88
C THR D 274 -2.28 -21.02 -15.50
N HIS D 275 -3.40 -20.47 -15.07
CA HIS D 275 -3.97 -20.89 -13.77
C HIS D 275 -4.52 -22.31 -13.80
N TRP D 276 -4.69 -22.89 -14.99
CA TRP D 276 -5.04 -24.31 -15.11
C TRP D 276 -3.91 -25.30 -14.85
N TYR D 277 -2.65 -24.86 -14.93
CA TYR D 277 -1.50 -25.77 -14.92
C TYR D 277 -1.73 -26.89 -15.94
N GLN D 278 -1.44 -28.14 -15.55
CA GLN D 278 -1.74 -29.32 -16.33
C GLN D 278 -2.22 -30.40 -15.37
N VAL D 279 -2.66 -31.53 -15.90
CA VAL D 279 -3.15 -32.63 -15.05
C VAL D 279 -2.40 -33.91 -15.38
N ARG D 280 -2.03 -34.67 -14.35
CA ARG D 280 -1.43 -35.98 -14.54
C ARG D 280 -2.17 -37.07 -13.79
N CYS D 281 -2.42 -38.19 -14.47
CA CYS D 281 -3.07 -39.35 -13.88
C CYS D 281 -2.09 -40.50 -13.95
N LEU D 282 -1.74 -41.02 -12.78
CA LEU D 282 -0.90 -42.22 -12.74
C LEU D 282 -1.62 -43.48 -13.17
N PHE D 283 -0.87 -44.42 -13.75
CA PHE D 283 -1.31 -45.81 -13.84
C PHE D 283 -1.10 -46.46 -12.49
N GLN D 284 -1.87 -47.51 -12.20
CA GLN D 284 -1.66 -48.31 -10.99
C GLN D 284 -0.23 -48.90 -10.94
N SER D 285 0.28 -49.31 -12.09
CA SER D 285 1.67 -49.74 -12.20
C SER D 285 2.26 -49.33 -13.53
N PRO D 286 3.58 -49.03 -13.54
CA PRO D 286 4.20 -48.48 -14.75
C PRO D 286 4.32 -49.51 -15.87
N LEU D 287 4.45 -49.04 -17.10
CA LEU D 287 4.60 -49.89 -18.28
C LEU D 287 5.94 -49.60 -18.96
N PHE D 288 6.73 -50.62 -19.26
CA PHE D 288 7.96 -50.41 -20.01
C PHE D 288 7.63 -50.33 -21.49
N ALA D 289 8.14 -49.30 -22.14
CA ALA D 289 7.97 -49.14 -23.57
C ALA D 289 9.28 -48.69 -24.20
N LYS D 290 9.58 -49.25 -25.37
CA LYS D 290 10.71 -48.84 -26.18
C LYS D 290 10.26 -47.77 -27.15
N ALA D 291 11.16 -46.86 -27.52
CA ALA D 291 10.89 -45.92 -28.62
C ALA D 291 10.57 -46.78 -29.84
N GLY D 292 9.53 -46.40 -30.57
CA GLY D 292 9.03 -47.22 -31.70
C GLY D 292 7.86 -48.12 -31.34
N ASP D 293 7.70 -48.46 -30.06
CA ASP D 293 6.52 -49.22 -29.61
C ASP D 293 5.29 -48.32 -29.69
N THR D 294 4.11 -48.96 -29.63
CA THR D 294 2.85 -48.21 -29.58
C THR D 294 2.19 -48.50 -28.24
N LEU D 295 1.64 -47.45 -27.62
CA LEU D 295 0.95 -47.56 -26.35
C LEU D 295 -0.50 -47.15 -26.62
N SER D 296 -1.41 -48.11 -26.52
N SER D 296 -1.40 -48.12 -26.53
CA SER D 296 -2.79 -47.89 -26.93
CA SER D 296 -2.79 -47.96 -26.95
C SER D 296 -3.71 -48.09 -25.76
C SER D 296 -3.75 -48.16 -25.78
N GLY D 297 -4.90 -47.51 -25.86
CA GLY D 297 -5.93 -47.65 -24.86
C GLY D 297 -6.98 -46.59 -24.99
N THR D 298 -7.71 -46.37 -23.90
N THR D 298 -7.63 -46.32 -23.87
CA THR D 298 -8.72 -45.33 -23.87
CA THR D 298 -8.76 -45.41 -23.82
C THR D 298 -8.74 -44.65 -22.52
C THR D 298 -8.77 -44.66 -22.49
N CYS D 299 -9.09 -43.37 -22.55
CA CYS D 299 -9.39 -42.60 -21.37
C CYS D 299 -10.88 -42.32 -21.49
N LEU D 300 -11.68 -42.91 -20.62
CA LEU D 300 -13.13 -42.69 -20.58
C LEU D 300 -13.51 -41.72 -19.45
N LEU D 301 -14.07 -40.57 -19.80
CA LEU D 301 -14.57 -39.61 -18.81
C LEU D 301 -16.08 -39.78 -18.69
N ILE D 302 -16.52 -40.20 -17.51
CA ILE D 302 -17.93 -40.42 -17.25
C ILE D 302 -18.42 -39.29 -16.35
N ALA D 303 -19.33 -38.45 -16.86
CA ALA D 303 -19.85 -37.35 -16.08
C ALA D 303 -20.63 -37.89 -14.88
N ASN D 304 -20.56 -37.16 -13.76
CA ASN D 304 -21.23 -37.59 -12.55
C ASN D 304 -22.06 -36.46 -11.95
N LYS D 305 -22.84 -36.79 -10.92
CA LYS D 305 -23.74 -35.87 -10.23
C LYS D 305 -23.04 -34.81 -9.37
N ARG D 306 -21.71 -34.84 -9.28
CA ARG D 306 -20.98 -33.85 -8.50
C ARG D 306 -20.32 -32.80 -9.39
N GLN D 307 -20.93 -32.54 -10.54
CA GLN D 307 -20.43 -31.58 -11.52
C GLN D 307 -19.05 -31.91 -12.02
N SER D 308 -18.67 -33.19 -12.06
CA SER D 308 -17.35 -33.56 -12.48
C SER D 308 -17.37 -34.88 -13.25
N TYR D 309 -16.23 -35.58 -13.26
CA TYR D 309 -16.06 -36.79 -14.03
C TYR D 309 -15.29 -37.80 -13.23
N ASP D 310 -15.60 -39.06 -13.47
CA ASP D 310 -14.74 -40.15 -13.06
C ASP D 310 -13.94 -40.53 -14.29
N ILE D 311 -12.64 -40.70 -14.11
CA ILE D 311 -11.69 -40.93 -15.18
C ILE D 311 -11.28 -42.39 -15.11
N SER D 312 -11.51 -43.12 -16.20
CA SER D 312 -11.13 -44.53 -16.29
C SER D 312 -10.09 -44.64 -17.40
N ILE D 313 -8.88 -45.04 -17.06
CA ILE D 313 -7.80 -45.16 -18.04
C ILE D 313 -7.40 -46.62 -18.15
N VAL D 314 -7.29 -47.09 -19.39
CA VAL D 314 -6.71 -48.39 -19.70
C VAL D 314 -5.62 -48.18 -20.75
N ALA D 315 -4.47 -48.82 -20.56
CA ALA D 315 -3.37 -48.67 -21.52
C ALA D 315 -2.59 -49.96 -21.63
N GLN D 316 -2.10 -50.26 -22.84
CA GLN D 316 -1.17 -51.37 -23.00
C GLN D 316 -0.12 -51.08 -24.06
N VAL D 317 1.05 -51.65 -23.85
CA VAL D 317 2.13 -51.59 -24.83
C VAL D 317 1.81 -52.70 -25.82
N ASP D 318 1.50 -52.32 -27.06
CA ASP D 318 0.96 -53.28 -28.03
C ASP D 318 1.92 -54.43 -28.31
N GLN D 319 3.22 -54.12 -28.38
CA GLN D 319 4.25 -55.10 -28.78
C GLN D 319 4.61 -56.07 -27.67
N THR D 320 4.29 -55.76 -26.42
CA THR D 320 4.60 -56.65 -25.29
C THR D 320 3.39 -57.24 -24.59
N GLY D 321 2.22 -56.62 -24.76
CA GLY D 321 1.03 -56.99 -23.99
C GLY D 321 0.95 -56.45 -22.57
N SER D 322 1.99 -55.76 -22.08
CA SER D 322 1.97 -55.23 -20.70
C SER D 322 0.88 -54.16 -20.60
N LYS D 323 0.04 -54.29 -19.58
CA LYS D 323 -1.09 -53.39 -19.46
C LYS D 323 -1.27 -52.88 -18.04
N SER D 324 -1.86 -51.70 -17.92
CA SER D 324 -2.31 -51.20 -16.64
C SER D 324 -3.53 -50.31 -16.82
N SER D 325 -3.99 -49.78 -15.70
CA SER D 325 -5.18 -49.01 -15.65
C SER D 325 -5.18 -48.12 -14.42
N ASN D 326 -6.13 -47.21 -14.38
CA ASN D 326 -6.46 -46.54 -13.13
C ASN D 326 -7.87 -45.95 -13.24
N LEU D 327 -8.44 -45.67 -12.08
CA LEU D 327 -9.72 -45.00 -11.94
C LEU D 327 -9.50 -43.81 -11.01
N LEU D 328 -9.85 -42.60 -11.46
CA LEU D 328 -9.58 -41.41 -10.68
C LEU D 328 -10.82 -40.54 -10.58
N ASP D 329 -10.83 -39.69 -9.55
CA ASP D 329 -11.92 -38.78 -9.24
C ASP D 329 -11.44 -37.34 -9.55
N LEU D 330 -11.99 -36.76 -10.61
CA LEU D 330 -11.56 -35.41 -11.05
C LEU D 330 -11.94 -34.31 -10.08
N LYS D 331 -12.93 -34.58 -9.21
CA LYS D 331 -13.40 -33.63 -8.19
C LYS D 331 -12.48 -33.64 -6.96
N ASN D 332 -11.52 -34.57 -6.89
CA ASN D 332 -10.58 -34.64 -5.77
C ASN D 332 -9.10 -34.58 -6.20
N PRO D 333 -8.72 -33.51 -6.92
CA PRO D 333 -7.35 -33.40 -7.40
C PRO D 333 -6.37 -33.15 -6.25
N PHE D 334 -5.13 -33.56 -6.46
CA PHE D 334 -4.05 -33.26 -5.56
C PHE D 334 -3.20 -32.14 -6.17
N PHE D 335 -3.12 -31.00 -5.48
CA PHE D 335 -2.35 -29.85 -5.96
C PHE D 335 -0.93 -30.00 -5.44
N ARG D 336 -0.01 -30.39 -6.31
CA ARG D 336 1.36 -30.74 -5.93
C ARG D 336 2.28 -29.53 -6.06
N TYR D 337 3.10 -29.29 -5.03
CA TYR D 337 3.88 -28.06 -4.88
C TYR D 337 5.33 -28.35 -4.54
#